data_3U4F
#
_entry.id   3U4F
#
_cell.length_a   125.871
_cell.length_b   125.871
_cell.length_c   98.017
_cell.angle_alpha   90.00
_cell.angle_beta   90.00
_cell.angle_gamma   120.00
#
_symmetry.space_group_name_H-M   'P 32'
#
loop_
_entity.id
_entity.type
_entity.pdbx_description
1 polymer 'Mandelate racemase/muconate lactonizing enzyme family protein'
2 non-polymer 'MAGNESIUM ION'
3 non-polymer GUANIDINE
4 water water
#
_entity_poly.entity_id   1
_entity_poly.type   'polypeptide(L)'
_entity_poly.pdbx_seq_one_letter_code
;(MSE)HHHHHHSSGVDLGTENLYFQS(MSE)KLTAIETFTNEFVGFVRVTSEDGARGWGQVSTYHSDITCEVLHRQVAPW
(MSE)LGQDCSDLDDLLDLVTEREHKFPGSYLRRA(MSE)AGVDTAIWDLRGKQAGKPVAELLGGSAGTIRAYASS
(MSE)KRDITPHDEAER(MSE)KRLRDAHGFDAFKVRAGAEVGRGRDEWPGRTEEIVPT(MSE)RRE(MSE)GDSAALLI
DANSCYAPAQAIELGKLLQDHGFSHFEEPCPYWELEQTKEVSEALDIDVTGGEQDCDLTTWRR(MSE)ID(MSE)RAVDV
VQPDILYLGGICRTLRVAR(MSE)AEAAALPVTPHCANLSLVTLFT(MSE)HLLRAIPNAGKYLEFSIEGEDYYPWQDGL
FVEDPYRIEDGHARVTEAPGWGVEICPEWLARSAYKVSRA
;
_entity_poly.pdbx_strand_id   A,B,C,D
#
# COMPACT_ATOMS: atom_id res chain seq x y z
N LEU A 18 -14.27 -13.33 11.92
CA LEU A 18 -13.85 -12.02 12.53
C LEU A 18 -14.97 -11.46 13.41
N TYR A 19 -14.84 -11.65 14.72
CA TYR A 19 -15.83 -11.12 15.67
C TYR A 19 -15.31 -9.91 16.42
N PHE A 20 -16.15 -8.89 16.57
CA PHE A 20 -15.78 -7.69 17.30
C PHE A 20 -16.67 -7.46 18.52
N GLN A 21 -16.07 -6.84 19.54
CA GLN A 21 -16.81 -6.36 20.71
C GLN A 21 -17.83 -5.28 20.30
N SER A 22 -18.96 -5.27 21.01
CA SER A 22 -20.04 -4.29 20.75
C SER A 22 -19.54 -2.85 20.89
N LYS A 24 -20.99 1.41 20.18
CA LYS A 24 -22.03 2.35 19.78
C LYS A 24 -21.40 3.66 19.34
N LEU A 25 -21.72 4.09 18.13
CA LEU A 25 -21.26 5.39 17.68
C LEU A 25 -22.06 6.49 18.35
N THR A 26 -21.35 7.48 18.90
CA THR A 26 -22.01 8.63 19.50
C THR A 26 -21.88 9.92 18.68
N ALA A 27 -20.96 9.96 17.72
CA ALA A 27 -20.83 11.11 16.83
C ALA A 27 -20.26 10.67 15.49
N ILE A 28 -20.72 11.32 14.43
CA ILE A 28 -20.14 11.16 13.10
C ILE A 28 -19.93 12.58 12.59
N GLU A 29 -18.69 12.89 12.22
CA GLU A 29 -18.31 14.20 11.73
C GLU A 29 -17.77 14.11 10.32
N THR A 30 -18.08 15.10 9.50
CA THR A 30 -17.52 15.13 8.13
C THR A 30 -16.74 16.41 7.96
N PHE A 31 -15.67 16.30 7.17
CA PHE A 31 -14.84 17.42 6.77
C PHE A 31 -14.61 17.35 5.27
N THR A 32 -15.18 18.29 4.52
CA THR A 32 -15.33 18.06 3.12
C THR A 32 -15.07 19.30 2.29
N ASN A 33 -14.67 19.07 1.05
CA ASN A 33 -14.90 20.07 0.00
C ASN A 33 -15.68 19.37 -1.14
N GLU A 34 -15.70 19.97 -2.32
CA GLU A 34 -16.49 19.39 -3.40
C GLU A 34 -15.85 18.15 -4.02
N PHE A 35 -14.56 17.92 -3.72
CA PHE A 35 -13.80 16.86 -4.35
C PHE A 35 -13.60 15.61 -3.49
N VAL A 36 -13.39 15.83 -2.20
CA VAL A 36 -13.16 14.72 -1.26
C VAL A 36 -13.63 15.14 0.14
N GLY A 37 -14.09 14.16 0.91
CA GLY A 37 -14.52 14.41 2.26
C GLY A 37 -14.11 13.28 3.17
N PHE A 38 -13.69 13.61 4.38
CA PHE A 38 -13.30 12.62 5.36
C PHE A 38 -14.30 12.55 6.51
N VAL A 39 -14.35 11.38 7.15
CA VAL A 39 -15.32 11.09 8.17
C VAL A 39 -14.58 10.70 9.42
N ARG A 40 -14.97 11.32 10.53
CA ARG A 40 -14.45 10.89 11.82
C ARG A 40 -15.57 10.34 12.64
N VAL A 41 -15.42 9.13 13.14
CA VAL A 41 -16.45 8.52 14.00
C VAL A 41 -15.94 8.41 15.43
N THR A 42 -16.87 8.54 16.38
CA THR A 42 -16.53 8.47 17.82
C THR A 42 -17.42 7.46 18.49
N SER A 43 -16.82 6.50 19.20
CA SER A 43 -17.59 5.52 19.92
C SER A 43 -17.89 6.04 21.33
N GLU A 44 -18.80 5.36 22.02
CA GLU A 44 -19.25 5.83 23.34
C GLU A 44 -18.15 5.79 24.38
N ASP A 45 -17.18 4.88 24.21
CA ASP A 45 -15.97 4.82 25.03
C ASP A 45 -14.93 5.91 24.75
N GLY A 46 -15.13 6.70 23.69
CA GLY A 46 -14.22 7.80 23.37
C GLY A 46 -13.27 7.54 22.20
N ALA A 47 -13.16 6.30 21.76
CA ALA A 47 -12.26 5.95 20.62
C ALA A 47 -12.75 6.60 19.32
N ARG A 48 -11.82 7.03 18.45
CA ARG A 48 -12.17 7.63 17.16
C ARG A 48 -11.46 6.97 16.01
N GLY A 49 -12.05 7.08 14.82
CA GLY A 49 -11.47 6.50 13.60
C GLY A 49 -11.78 7.46 12.47
N TRP A 50 -10.93 7.46 11.45
CA TRP A 50 -11.03 8.30 10.27
C TRP A 50 -11.24 7.44 9.01
N GLY A 51 -12.17 7.86 8.16
CA GLY A 51 -12.46 7.21 6.88
C GLY A 51 -12.68 8.28 5.81
N GLN A 52 -13.15 7.87 4.65
CA GLN A 52 -13.36 8.80 3.54
C GLN A 52 -14.58 8.37 2.78
N VAL A 53 -15.44 9.33 2.44
CA VAL A 53 -16.48 9.05 1.45
C VAL A 53 -15.86 8.99 0.04
N SER A 54 -16.60 8.46 -0.92
CA SER A 54 -16.09 8.53 -2.28
C SER A 54 -15.78 9.96 -2.70
N THR A 55 -14.73 10.11 -3.50
CA THR A 55 -14.42 11.37 -4.18
C THR A 55 -15.49 11.69 -5.20
N TYR A 56 -15.56 12.98 -5.52
CA TYR A 56 -16.36 13.63 -6.58
C TYR A 56 -17.74 13.97 -6.04
N HIS A 57 -18.02 15.27 -5.97
CA HIS A 57 -19.25 15.78 -5.35
C HIS A 57 -19.38 15.29 -3.89
N SER A 58 -18.24 15.26 -3.19
CA SER A 58 -18.21 14.70 -1.84
C SER A 58 -19.04 15.53 -0.86
N ASP A 59 -19.24 16.80 -1.18
CA ASP A 59 -20.07 17.68 -0.33
C ASP A 59 -21.53 17.21 -0.37
N ILE A 60 -22.02 16.78 -1.54
CA ILE A 60 -23.38 16.24 -1.63
C ILE A 60 -23.41 14.93 -0.87
N THR A 61 -22.40 14.09 -1.11
CA THR A 61 -22.30 12.82 -0.39
C THR A 61 -22.33 12.99 1.12
N CYS A 62 -21.59 13.98 1.62
CA CYS A 62 -21.61 14.20 3.07
C CYS A 62 -23.00 14.67 3.57
N GLU A 63 -23.73 15.45 2.77
CA GLU A 63 -25.10 15.80 3.19
C GLU A 63 -25.99 14.53 3.28
N VAL A 64 -25.86 13.63 2.30
CA VAL A 64 -26.60 12.37 2.30
C VAL A 64 -26.20 11.54 3.52
N LEU A 65 -24.91 11.57 3.86
CA LEU A 65 -24.44 10.84 5.03
C LEU A 65 -25.20 11.32 6.28
N HIS A 66 -25.22 12.63 6.49
CA HIS A 66 -25.88 13.17 7.71
C HIS A 66 -27.40 12.97 7.64
N ARG A 67 -27.96 13.13 6.44
CA ARG A 67 -29.42 13.03 6.26
C ARG A 67 -29.96 11.60 6.36
N GLN A 68 -29.20 10.65 5.81
CA GLN A 68 -29.75 9.33 5.51
C GLN A 68 -28.95 8.13 6.01
N VAL A 69 -27.74 8.36 6.50
CA VAL A 69 -26.95 7.26 7.04
C VAL A 69 -26.76 7.39 8.56
N ALA A 70 -26.27 8.54 8.98
CA ALA A 70 -26.08 8.82 10.43
C ALA A 70 -27.32 8.51 11.28
N PRO A 71 -28.54 8.93 10.85
CA PRO A 71 -29.67 8.68 11.77
C PRO A 71 -29.91 7.19 12.11
N TRP A 72 -29.50 6.28 11.23
CA TRP A 72 -29.71 4.85 11.40
C TRP A 72 -28.55 4.17 12.09
N LEU A 74 -26.22 5.97 14.35
CA LEU A 74 -25.91 6.58 15.66
C LEU A 74 -26.67 5.89 16.80
N GLY A 75 -26.00 5.65 17.92
CA GLY A 75 -26.63 5.03 19.09
C GLY A 75 -27.01 3.57 18.89
N GLN A 76 -26.52 2.95 17.81
CA GLN A 76 -26.75 1.54 17.53
C GLN A 76 -25.49 0.70 17.70
N ASP A 77 -25.68 -0.57 18.07
CA ASP A 77 -24.62 -1.56 18.10
C ASP A 77 -24.12 -1.88 16.69
N CYS A 78 -22.85 -1.59 16.40
CA CYS A 78 -22.29 -1.87 15.06
C CYS A 78 -21.29 -3.04 14.99
N SER A 79 -21.22 -3.84 16.06
CA SER A 79 -20.46 -5.11 16.04
C SER A 79 -20.76 -5.92 14.78
N ASP A 80 -22.04 -6.26 14.53
CA ASP A 80 -22.46 -6.85 13.24
C ASP A 80 -22.64 -5.71 12.24
N LEU A 81 -21.51 -5.17 11.79
CA LEU A 81 -21.51 -4.02 10.90
C LEU A 81 -22.28 -4.30 9.60
N ASP A 82 -22.15 -5.52 9.08
CA ASP A 82 -22.83 -5.91 7.86
C ASP A 82 -24.35 -5.78 8.01
N ASP A 83 -24.88 -6.20 9.16
CA ASP A 83 -26.32 -6.11 9.38
C ASP A 83 -26.80 -4.68 9.53
N LEU A 84 -26.01 -3.84 10.18
CA LEU A 84 -26.37 -2.44 10.35
C LEU A 84 -26.35 -1.69 9.01
N LEU A 85 -25.33 -1.95 8.18
CA LEU A 85 -25.31 -1.42 6.81
C LEU A 85 -26.54 -1.86 5.99
N ASP A 86 -26.91 -3.14 6.08
CA ASP A 86 -28.09 -3.64 5.39
C ASP A 86 -29.31 -2.85 5.83
N LEU A 87 -29.39 -2.59 7.12
CA LEU A 87 -30.51 -1.82 7.67
C LEU A 87 -30.61 -0.43 7.11
N VAL A 88 -29.47 0.26 6.99
CA VAL A 88 -29.43 1.56 6.31
C VAL A 88 -30.05 1.45 4.92
N THR A 89 -29.61 0.48 4.10
CA THR A 89 -30.16 0.33 2.75
C THR A 89 -31.65 0.01 2.75
N GLU A 90 -32.12 -0.65 3.80
CA GLU A 90 -33.54 -1.00 3.90
C GLU A 90 -34.40 0.17 4.38
N ARG A 91 -33.90 0.95 5.34
CA ARG A 91 -34.61 2.13 5.81
C ARG A 91 -34.62 3.19 4.72
N GLU A 92 -33.59 3.15 3.88
CA GLU A 92 -33.49 4.10 2.80
C GLU A 92 -33.75 3.42 1.46
N HIS A 93 -34.71 2.48 1.44
CA HIS A 93 -34.99 1.67 0.25
C HIS A 93 -35.52 2.49 -0.92
N LYS A 94 -35.99 3.71 -0.66
CA LYS A 94 -36.43 4.57 -1.78
C LYS A 94 -35.27 5.26 -2.48
N PHE A 95 -34.05 5.02 -1.98
CA PHE A 95 -32.85 5.64 -2.54
C PHE A 95 -31.83 4.59 -2.98
N PRO A 96 -32.24 3.69 -3.88
CA PRO A 96 -31.23 2.81 -4.42
C PRO A 96 -30.18 3.65 -5.18
N GLY A 97 -28.96 3.15 -5.28
CA GLY A 97 -27.98 3.83 -6.11
C GLY A 97 -26.81 4.43 -5.36
N SER A 98 -26.07 5.26 -6.07
CA SER A 98 -24.71 5.63 -5.73
C SER A 98 -24.56 6.48 -4.47
N TYR A 99 -25.35 7.55 -4.34
CA TYR A 99 -25.04 8.49 -3.23
C TYR A 99 -25.12 7.86 -1.85
N LEU A 100 -26.16 7.08 -1.62
CA LEU A 100 -26.32 6.46 -0.32
C LEU A 100 -25.10 5.59 0.01
N ARG A 101 -24.64 4.83 -0.98
CA ARG A 101 -23.51 3.95 -0.80
C ARG A 101 -22.18 4.68 -0.65
N ARG A 102 -21.99 5.75 -1.40
CA ARG A 102 -20.78 6.57 -1.25
C ARG A 102 -20.69 7.12 0.18
N ALA A 103 -21.86 7.44 0.76
CA ALA A 103 -21.94 8.02 2.11
C ALA A 103 -21.65 6.92 3.15
N ALA A 105 -19.98 4.34 2.85
CA ALA A 105 -18.57 3.97 2.73
C ALA A 105 -17.68 4.78 3.67
N GLY A 106 -18.00 6.06 3.85
CA GLY A 106 -17.21 6.91 4.76
C GLY A 106 -17.35 6.47 6.21
N VAL A 107 -18.54 6.04 6.58
CA VAL A 107 -18.73 5.55 7.96
C VAL A 107 -18.06 4.20 8.17
N ASP A 108 -18.25 3.29 7.21
CA ASP A 108 -17.62 1.98 7.29
C ASP A 108 -16.09 2.11 7.39
N THR A 109 -15.47 2.91 6.54
CA THR A 109 -14.00 2.98 6.57
C THR A 109 -13.48 3.63 7.84
N ALA A 110 -14.25 4.58 8.37
CA ALA A 110 -13.91 5.20 9.66
C ALA A 110 -13.99 4.17 10.81
N ILE A 111 -15.00 3.31 10.81
CA ILE A 111 -15.12 2.26 11.84
C ILE A 111 -13.92 1.29 11.76
N TRP A 112 -13.52 0.93 10.55
CA TRP A 112 -12.34 0.05 10.40
C TRP A 112 -11.07 0.67 10.95
N ASP A 113 -10.85 1.96 10.69
CA ASP A 113 -9.71 2.69 11.27
C ASP A 113 -9.79 2.70 12.80
N LEU A 114 -10.97 2.96 13.33
CA LEU A 114 -11.19 2.89 14.79
C LEU A 114 -10.79 1.51 15.38
N ARG A 115 -11.29 0.46 14.74
CA ARG A 115 -11.01 -0.92 15.15
C ARG A 115 -9.52 -1.23 15.08
N GLY A 116 -8.86 -0.82 13.99
CA GLY A 116 -7.40 -0.96 13.87
C GLY A 116 -6.64 -0.24 14.95
N LYS A 117 -7.03 1.00 15.23
CA LYS A 117 -6.37 1.78 16.29
C LYS A 117 -6.61 1.18 17.67
N GLN A 118 -7.81 0.64 17.93
CA GLN A 118 -8.09 -0.04 19.23
C GLN A 118 -7.24 -1.28 19.42
N ALA A 119 -7.06 -2.03 18.33
CA ALA A 119 -6.30 -3.26 18.38
C ALA A 119 -4.78 -3.06 18.19
N GLY A 120 -4.37 -1.87 17.75
CA GLY A 120 -2.96 -1.59 17.43
C GLY A 120 -2.52 -2.33 16.18
N LYS A 121 -3.41 -2.48 15.20
CA LYS A 121 -3.12 -3.33 14.04
C LYS A 121 -3.59 -2.66 12.76
N PRO A 122 -2.86 -2.86 11.64
CA PRO A 122 -3.40 -2.31 10.39
C PRO A 122 -4.71 -2.98 10.02
N VAL A 123 -5.56 -2.26 9.30
CA VAL A 123 -6.81 -2.87 8.87
C VAL A 123 -6.55 -4.21 8.13
N ALA A 124 -5.53 -4.27 7.30
CA ALA A 124 -5.20 -5.51 6.56
C ALA A 124 -5.13 -6.75 7.47
N GLU A 125 -4.55 -6.56 8.64
CA GLU A 125 -4.40 -7.61 9.65
C GLU A 125 -5.73 -8.00 10.27
N LEU A 126 -6.56 -7.01 10.59
CA LEU A 126 -7.91 -7.29 11.11
C LEU A 126 -8.71 -8.11 10.12
N LEU A 127 -8.47 -7.89 8.83
CA LEU A 127 -9.18 -8.63 7.77
C LEU A 127 -8.64 -10.05 7.53
N GLY A 128 -7.66 -10.47 8.33
CA GLY A 128 -7.05 -11.78 8.15
C GLY A 128 -5.78 -11.80 7.34
N GLY A 129 -5.34 -10.66 6.82
CA GLY A 129 -4.07 -10.60 6.07
C GLY A 129 -2.93 -10.09 6.94
N SER A 130 -2.04 -9.33 6.34
CA SER A 130 -0.87 -8.78 7.05
C SER A 130 -0.33 -7.60 6.29
N ALA A 131 0.45 -6.78 6.98
CA ALA A 131 1.23 -5.76 6.31
C ALA A 131 2.20 -6.38 5.28
N GLY A 132 2.47 -5.64 4.21
CA GLY A 132 3.39 -6.11 3.16
C GLY A 132 3.15 -5.41 1.85
N THR A 133 3.74 -5.92 0.77
CA THR A 133 3.74 -5.22 -0.49
C THR A 133 2.62 -5.74 -1.41
N ILE A 134 2.30 -4.92 -2.41
CA ILE A 134 1.29 -5.22 -3.44
C ILE A 134 1.84 -4.72 -4.76
N ARG A 135 1.83 -5.58 -5.76
CA ARG A 135 2.20 -5.20 -7.11
C ARG A 135 1.26 -4.13 -7.58
N ALA A 136 1.79 -3.08 -8.21
CA ALA A 136 0.91 -2.02 -8.72
C ALA A 136 0.95 -1.97 -10.25
N TYR A 137 -0.15 -1.59 -10.88
CA TYR A 137 -0.08 -1.21 -12.27
C TYR A 137 -0.25 0.30 -12.44
N ALA A 138 0.55 0.88 -13.34
CA ALA A 138 0.49 2.29 -13.71
C ALA A 138 -0.77 2.54 -14.55
N SER A 139 -1.69 3.31 -14.01
CA SER A 139 -2.97 3.47 -14.67
C SER A 139 -3.07 4.90 -15.24
N SER A 140 -3.09 4.98 -16.56
CA SER A 140 -3.44 6.20 -17.27
C SER A 140 -4.97 6.41 -17.26
N LYS A 142 -6.16 8.98 -19.17
CA LYS A 142 -6.38 9.91 -20.29
C LYS A 142 -6.72 9.26 -21.63
N ARG A 143 -7.64 9.86 -22.37
CA ARG A 143 -7.82 9.54 -23.79
C ARG A 143 -7.34 10.65 -24.72
N ASP A 144 -7.10 11.85 -24.19
CA ASP A 144 -6.61 12.94 -25.03
C ASP A 144 -5.13 12.81 -25.44
N ILE A 145 -4.42 11.93 -24.76
CA ILE A 145 -3.00 11.70 -25.01
C ILE A 145 -2.78 10.82 -26.26
N THR A 146 -1.76 11.13 -27.06
CA THR A 146 -1.45 10.31 -28.23
C THR A 146 -0.86 8.99 -27.78
N PRO A 147 -1.03 7.91 -28.57
CA PRO A 147 -0.33 6.69 -28.20
C PRO A 147 1.18 6.89 -28.03
N HIS A 148 1.81 7.72 -28.87
CA HIS A 148 3.26 7.95 -28.74
C HIS A 148 3.61 8.49 -27.36
N ASP A 149 2.90 9.53 -26.94
CA ASP A 149 3.14 10.23 -25.69
C ASP A 149 2.81 9.36 -24.50
N GLU A 150 1.78 8.52 -24.65
CA GLU A 150 1.41 7.52 -23.64
C GLU A 150 2.55 6.52 -23.42
N ALA A 151 3.08 5.94 -24.51
CA ALA A 151 4.23 5.03 -24.40
C ALA A 151 5.41 5.72 -23.72
N GLU A 152 5.69 6.98 -24.10
CA GLU A 152 6.90 7.63 -23.62
C GLU A 152 6.85 7.89 -22.12
N ARG A 153 5.71 8.37 -21.61
CA ARG A 153 5.57 8.55 -20.17
C ARG A 153 5.57 7.23 -19.38
N LYS A 155 7.29 4.57 -20.17
CA LYS A 155 8.74 4.25 -20.05
C LYS A 155 9.41 5.07 -18.95
N ARG A 156 9.14 6.38 -18.88
CA ARG A 156 9.70 7.18 -17.78
C ARG A 156 9.31 6.64 -16.41
N LEU A 157 8.03 6.32 -16.26
CA LEU A 157 7.51 5.82 -14.99
C LEU A 157 8.13 4.48 -14.64
N ARG A 158 8.29 3.63 -15.64
CA ARG A 158 8.92 2.33 -15.42
C ARG A 158 10.34 2.47 -14.87
N ASP A 159 11.12 3.31 -15.51
CA ASP A 159 12.52 3.55 -15.11
C ASP A 159 12.62 4.19 -13.74
N ALA A 160 11.68 5.09 -13.43
CA ALA A 160 11.64 5.78 -12.14
C ALA A 160 11.14 4.92 -11.00
N HIS A 161 10.09 4.14 -11.24
CA HIS A 161 9.40 3.44 -10.13
C HIS A 161 9.35 1.91 -10.20
N GLY A 162 9.73 1.34 -11.33
CA GLY A 162 9.82 -0.11 -11.46
C GLY A 162 8.52 -0.80 -11.82
N PHE A 163 7.50 -0.04 -12.26
CA PHE A 163 6.25 -0.65 -12.71
C PHE A 163 6.55 -1.69 -13.79
N ASP A 164 5.83 -2.81 -13.78
CA ASP A 164 5.93 -3.80 -14.87
C ASP A 164 4.56 -4.16 -15.45
N ALA A 165 3.57 -3.33 -15.12
CA ALA A 165 2.19 -3.45 -15.62
C ALA A 165 1.64 -2.05 -15.86
N PHE A 166 0.86 -1.89 -16.93
CA PHE A 166 0.48 -0.57 -17.43
C PHE A 166 -0.91 -0.64 -18.06
N LYS A 167 -1.80 0.29 -17.69
CA LYS A 167 -3.13 0.30 -18.29
C LYS A 167 -3.36 1.59 -19.07
N VAL A 168 -3.87 1.47 -20.31
CA VAL A 168 -4.21 2.62 -21.14
C VAL A 168 -5.69 2.53 -21.54
N ARG A 169 -6.19 3.51 -22.28
CA ARG A 169 -7.60 3.59 -22.59
C ARG A 169 -7.87 3.22 -24.05
N ALA A 170 -9.00 2.56 -24.29
CA ALA A 170 -9.52 2.29 -25.65
C ALA A 170 -10.82 3.06 -25.87
N GLY A 171 -11.15 3.33 -27.13
CA GLY A 171 -12.46 3.92 -27.45
C GLY A 171 -12.62 5.31 -26.91
N ALA A 172 -13.86 5.76 -26.83
CA ALA A 172 -14.19 7.00 -26.14
C ALA A 172 -15.02 6.60 -24.92
N GLU A 173 -14.94 7.37 -23.85
CA GLU A 173 -15.66 7.06 -22.60
C GLU A 173 -17.17 7.06 -22.85
N VAL A 174 -17.83 5.95 -22.55
CA VAL A 174 -19.24 5.70 -22.87
C VAL A 174 -19.54 6.22 -24.30
N GLY A 175 -18.65 5.86 -25.22
CA GLY A 175 -18.57 6.51 -26.52
C GLY A 175 -19.54 5.99 -27.58
N ARG A 176 -20.49 5.13 -27.20
CA ARG A 176 -21.48 4.59 -28.16
C ARG A 176 -20.81 4.03 -29.42
N GLY A 177 -19.70 3.32 -29.20
CA GLY A 177 -19.04 2.59 -30.27
C GLY A 177 -18.05 3.41 -31.06
N ARG A 178 -17.93 4.70 -30.75
CA ARG A 178 -17.00 5.54 -31.50
C ARG A 178 -15.68 5.63 -30.75
N ASP A 179 -14.61 5.85 -31.50
CA ASP A 179 -13.29 6.06 -30.91
C ASP A 179 -13.09 7.50 -30.51
N GLU A 180 -12.09 7.76 -29.67
CA GLU A 180 -11.77 9.13 -29.23
C GLU A 180 -11.50 10.01 -30.45
N TRP A 181 -10.73 9.44 -31.39
CA TRP A 181 -10.57 9.97 -32.74
C TRP A 181 -10.30 8.76 -33.66
N PRO A 182 -10.60 8.87 -34.97
CA PRO A 182 -10.46 7.69 -35.82
C PRO A 182 -9.07 7.09 -35.76
N GLY A 183 -9.01 5.77 -35.53
CA GLY A 183 -7.74 5.05 -35.50
C GLY A 183 -6.92 5.04 -34.22
N ARG A 184 -7.31 5.82 -33.21
CA ARG A 184 -6.52 5.86 -31.96
C ARG A 184 -6.35 4.49 -31.33
N THR A 185 -7.45 3.75 -31.19
CA THR A 185 -7.40 2.44 -30.51
C THR A 185 -6.57 1.41 -31.28
N GLU A 186 -6.71 1.41 -32.61
CA GLU A 186 -5.92 0.50 -33.44
C GLU A 186 -4.42 0.79 -33.37
N GLU A 187 -4.08 2.05 -33.11
CA GLU A 187 -2.69 2.45 -33.00
C GLU A 187 -2.13 2.13 -31.61
N ILE A 188 -2.91 2.37 -30.56
CA ILE A 188 -2.36 2.29 -29.20
C ILE A 188 -2.00 0.85 -28.80
N VAL A 189 -2.79 -0.11 -29.24
CA VAL A 189 -2.57 -1.52 -28.89
C VAL A 189 -1.19 -1.99 -29.38
N PRO A 190 -0.92 -1.97 -30.72
CA PRO A 190 0.40 -2.40 -31.17
C PRO A 190 1.54 -1.49 -30.65
N THR A 191 1.25 -0.21 -30.46
CA THR A 191 2.26 0.75 -29.98
C THR A 191 2.77 0.46 -28.57
N ARG A 193 2.69 -2.55 -27.03
CA ARG A 193 3.46 -3.77 -27.01
C ARG A 193 4.85 -3.58 -27.63
N ARG A 194 4.90 -2.82 -28.73
CA ARG A 194 6.17 -2.56 -29.40
C ARG A 194 7.09 -1.82 -28.44
N GLU A 195 6.62 -0.67 -27.95
CA GLU A 195 7.44 0.23 -27.15
C GLU A 195 7.78 -0.27 -25.75
N GLY A 197 8.00 -3.50 -24.87
CA GLY A 197 8.72 -4.77 -24.95
C GLY A 197 7.86 -5.95 -24.57
N ASP A 198 8.41 -7.15 -24.64
CA ASP A 198 7.60 -8.35 -24.54
C ASP A 198 7.23 -8.82 -23.15
N SER A 199 7.87 -8.30 -22.10
CA SER A 199 7.59 -8.85 -20.77
C SER A 199 6.59 -8.02 -19.92
N ALA A 200 6.38 -6.75 -20.27
CA ALA A 200 5.41 -5.88 -19.57
C ALA A 200 3.99 -6.48 -19.64
N ALA A 201 3.26 -6.43 -18.52
CA ALA A 201 1.83 -6.72 -18.55
C ALA A 201 1.09 -5.48 -19.07
N LEU A 202 0.25 -5.68 -20.08
CA LEU A 202 -0.48 -4.57 -20.66
C LEU A 202 -1.99 -4.78 -20.50
N LEU A 203 -2.64 -3.73 -19.97
CA LEU A 203 -4.07 -3.75 -19.67
C LEU A 203 -4.73 -2.63 -20.46
N ILE A 204 -6.02 -2.74 -20.73
CA ILE A 204 -6.71 -1.64 -21.40
C ILE A 204 -8.10 -1.55 -20.82
N ASP A 205 -8.69 -0.36 -20.94
CA ASP A 205 -10.00 -0.13 -20.35
C ASP A 205 -10.79 0.68 -21.40
N ALA A 206 -11.95 0.16 -21.79
CA ALA A 206 -12.80 0.78 -22.83
C ALA A 206 -13.91 1.63 -22.25
N ASN A 207 -13.99 1.67 -20.93
CA ASN A 207 -15.04 2.45 -20.23
C ASN A 207 -16.39 2.48 -20.94
N SER A 208 -16.94 1.29 -21.18
CA SER A 208 -18.34 1.14 -21.64
C SER A 208 -18.61 1.56 -23.07
N CYS A 209 -17.58 1.59 -23.89
CA CYS A 209 -17.71 2.14 -25.25
C CYS A 209 -18.45 1.25 -26.24
N TYR A 210 -18.14 -0.06 -26.24
CA TYR A 210 -18.42 -0.89 -27.42
C TYR A 210 -19.67 -1.76 -27.40
N ALA A 211 -20.27 -1.98 -28.57
CA ALA A 211 -21.18 -3.13 -28.70
C ALA A 211 -20.33 -4.42 -28.68
N PRO A 212 -20.95 -5.58 -28.35
CA PRO A 212 -20.16 -6.81 -28.19
C PRO A 212 -19.30 -7.19 -29.43
N ALA A 213 -19.86 -7.11 -30.64
CA ALA A 213 -19.06 -7.47 -31.81
C ALA A 213 -17.85 -6.53 -32.00
N GLN A 214 -18.02 -5.24 -31.70
CA GLN A 214 -16.88 -4.32 -31.77
C GLN A 214 -15.84 -4.68 -30.72
N ALA A 215 -16.30 -5.07 -29.55
CA ALA A 215 -15.41 -5.40 -28.45
C ALA A 215 -14.70 -6.71 -28.75
N ILE A 216 -15.37 -7.64 -29.43
CA ILE A 216 -14.74 -8.92 -29.76
C ILE A 216 -13.63 -8.71 -30.78
N GLU A 217 -13.89 -7.85 -31.76
CA GLU A 217 -12.85 -7.44 -32.75
C GLU A 217 -11.63 -6.83 -32.06
N LEU A 218 -11.87 -5.88 -31.15
CA LEU A 218 -10.76 -5.33 -30.35
C LEU A 218 -10.09 -6.39 -29.51
N GLY A 219 -10.89 -7.25 -28.87
CA GLY A 219 -10.34 -8.35 -28.06
C GLY A 219 -9.37 -9.23 -28.82
N LYS A 220 -9.64 -9.48 -30.10
CA LYS A 220 -8.70 -10.24 -30.96
C LYS A 220 -7.39 -9.51 -31.18
N LEU A 221 -7.46 -8.21 -31.44
CA LEU A 221 -6.26 -7.39 -31.59
C LEU A 221 -5.44 -7.39 -30.27
N LEU A 222 -6.13 -7.28 -29.14
CA LEU A 222 -5.45 -7.27 -27.83
C LEU A 222 -4.72 -8.61 -27.62
N GLN A 223 -5.42 -9.69 -27.95
CA GLN A 223 -4.83 -11.04 -27.88
C GLN A 223 -3.61 -11.17 -28.79
N ASP A 224 -3.71 -10.69 -30.03
CA ASP A 224 -2.55 -10.68 -30.99
C ASP A 224 -1.33 -9.93 -30.43
N HIS A 225 -1.58 -8.90 -29.62
CA HIS A 225 -0.48 -8.14 -29.04
C HIS A 225 -0.20 -8.42 -27.57
N GLY A 226 -0.73 -9.53 -27.07
CA GLY A 226 -0.35 -9.99 -25.75
C GLY A 226 -0.85 -9.15 -24.58
N PHE A 227 -1.93 -8.37 -24.79
CA PHE A 227 -2.61 -7.77 -23.63
C PHE A 227 -3.24 -8.86 -22.75
N SER A 228 -3.37 -8.58 -21.45
CA SER A 228 -3.84 -9.59 -20.51
C SER A 228 -5.08 -9.22 -19.69
N HIS A 229 -5.70 -8.06 -20.03
CA HIS A 229 -6.78 -7.52 -19.20
C HIS A 229 -7.56 -6.53 -20.09
N PHE A 230 -8.84 -6.80 -20.27
CA PHE A 230 -9.71 -5.99 -21.14
C PHE A 230 -10.91 -5.58 -20.30
N GLU A 231 -10.88 -4.33 -19.85
CA GLU A 231 -11.83 -3.84 -18.86
C GLU A 231 -13.00 -3.10 -19.49
N GLU A 232 -14.20 -3.41 -18.99
CA GLU A 232 -15.45 -2.71 -19.29
C GLU A 232 -15.64 -2.54 -20.79
N PRO A 233 -15.61 -3.65 -21.56
CA PRO A 233 -15.67 -3.52 -23.04
C PRO A 233 -16.96 -2.88 -23.51
N CYS A 234 -18.05 -3.22 -22.82
CA CYS A 234 -19.41 -2.82 -23.17
C CYS A 234 -20.06 -1.99 -22.06
N PRO A 235 -21.12 -1.25 -22.39
CA PRO A 235 -21.86 -0.56 -21.32
C PRO A 235 -22.05 -1.42 -20.06
N TYR A 236 -21.57 -0.92 -18.93
CA TYR A 236 -21.45 -1.76 -17.74
C TYR A 236 -22.83 -2.24 -17.26
N TRP A 237 -23.87 -1.50 -17.59
CA TRP A 237 -25.23 -1.83 -17.19
C TRP A 237 -25.88 -2.90 -18.07
N GLU A 238 -25.17 -3.34 -19.11
CA GLU A 238 -25.67 -4.42 -20.00
C GLU A 238 -24.88 -5.71 -19.76
N LEU A 239 -25.27 -6.46 -18.74
CA LEU A 239 -24.44 -7.60 -18.31
C LEU A 239 -24.38 -8.67 -19.41
N GLU A 240 -25.46 -8.85 -20.16
CA GLU A 240 -25.44 -9.89 -21.20
C GLU A 240 -24.50 -9.56 -22.34
N GLN A 241 -24.29 -8.27 -22.62
CA GLN A 241 -23.29 -7.86 -23.63
C GLN A 241 -21.89 -8.22 -23.17
N THR A 242 -21.57 -7.86 -21.93
CA THR A 242 -20.25 -8.16 -21.38
C THR A 242 -19.98 -9.68 -21.35
N LYS A 243 -20.98 -10.46 -20.96
CA LYS A 243 -20.86 -11.93 -20.98
C LYS A 243 -20.54 -12.46 -22.39
N GLU A 244 -21.26 -11.97 -23.39
CA GLU A 244 -20.95 -12.37 -24.77
C GLU A 244 -19.48 -12.15 -25.13
N VAL A 245 -18.94 -11.02 -24.70
CA VAL A 245 -17.53 -10.72 -24.98
C VAL A 245 -16.58 -11.67 -24.25
N SER A 246 -16.78 -11.83 -22.93
CA SER A 246 -16.06 -12.84 -22.12
C SER A 246 -16.11 -14.20 -22.74
N GLU A 247 -17.29 -14.62 -23.18
CA GLU A 247 -17.42 -15.97 -23.78
C GLU A 247 -16.66 -16.14 -25.09
N ALA A 248 -16.57 -15.08 -25.89
CA ALA A 248 -15.87 -15.14 -27.18
C ALA A 248 -14.34 -14.99 -27.07
N LEU A 249 -13.84 -14.43 -25.97
CA LEU A 249 -12.40 -14.12 -25.86
C LEU A 249 -11.66 -14.98 -24.84
N ASP A 250 -10.38 -15.23 -25.11
CA ASP A 250 -9.48 -15.83 -24.15
C ASP A 250 -8.91 -14.80 -23.18
N ILE A 251 -8.68 -13.57 -23.63
CA ILE A 251 -8.17 -12.50 -22.72
C ILE A 251 -9.19 -12.31 -21.58
N ASP A 252 -8.69 -12.07 -20.36
CA ASP A 252 -9.57 -11.75 -19.22
C ASP A 252 -10.35 -10.48 -19.53
N VAL A 253 -11.65 -10.56 -19.37
CA VAL A 253 -12.57 -9.42 -19.44
C VAL A 253 -12.98 -9.12 -17.99
N THR A 254 -12.96 -7.83 -17.64
CA THR A 254 -13.01 -7.41 -16.23
C THR A 254 -14.02 -6.28 -16.11
N GLY A 255 -14.64 -6.15 -14.94
CA GLY A 255 -15.49 -4.97 -14.72
C GLY A 255 -16.13 -4.96 -13.36
N GLY A 256 -16.91 -3.91 -13.12
CA GLY A 256 -17.76 -3.78 -11.94
C GLY A 256 -17.57 -2.49 -11.17
N GLU A 257 -16.70 -1.59 -11.62
CA GLU A 257 -16.37 -0.42 -10.82
C GLU A 257 -17.56 0.48 -10.51
N GLN A 258 -18.56 0.53 -11.41
CA GLN A 258 -19.79 1.35 -11.13
C GLN A 258 -20.90 0.59 -10.46
N ASP A 259 -20.68 -0.68 -10.15
CA ASP A 259 -21.72 -1.49 -9.55
C ASP A 259 -21.76 -1.35 -8.04
N CYS A 260 -22.85 -0.78 -7.54
CA CYS A 260 -22.97 -0.51 -6.11
C CYS A 260 -24.09 -1.37 -5.48
N ASP A 261 -24.75 -2.18 -6.31
CA ASP A 261 -25.94 -2.94 -5.90
C ASP A 261 -25.54 -4.40 -5.69
N LEU A 262 -25.67 -4.91 -4.46
CA LEU A 262 -25.25 -6.28 -4.16
C LEU A 262 -26.04 -7.34 -4.94
N THR A 263 -27.28 -7.03 -5.28
CA THR A 263 -28.07 -7.97 -6.13
C THR A 263 -27.54 -8.06 -7.56
N THR A 264 -27.14 -6.93 -8.10
CA THR A 264 -26.51 -6.94 -9.41
C THR A 264 -25.18 -7.69 -9.36
N TRP A 265 -24.41 -7.47 -8.31
CA TRP A 265 -23.17 -8.23 -8.14
C TRP A 265 -23.44 -9.76 -8.16
N ARG A 266 -24.46 -10.20 -7.43
CA ARG A 266 -24.78 -11.61 -7.38
C ARG A 266 -25.12 -12.12 -8.77
N ARG A 267 -25.94 -11.34 -9.51
CA ARG A 267 -26.33 -11.69 -10.87
C ARG A 267 -25.13 -11.79 -11.79
N ILE A 269 -21.95 -12.27 -11.09
CA ILE A 269 -21.04 -13.36 -10.72
C ILE A 269 -21.66 -14.72 -11.06
N ASP A 270 -22.95 -14.89 -10.75
CA ASP A 270 -23.68 -16.14 -11.01
C ASP A 270 -23.70 -16.50 -12.50
N ARG A 272 -21.36 -15.49 -14.58
CA ARG A 272 -19.96 -15.37 -14.99
C ARG A 272 -19.75 -14.40 -16.14
N ALA A 273 -20.25 -13.20 -15.97
CA ALA A 273 -20.22 -12.23 -17.02
C ALA A 273 -18.79 -11.69 -17.22
N VAL A 274 -17.97 -11.69 -16.16
CA VAL A 274 -16.58 -11.24 -16.26
C VAL A 274 -15.66 -12.31 -15.66
N ASP A 275 -14.37 -12.21 -16.01
CA ASP A 275 -13.33 -13.11 -15.51
C ASP A 275 -12.68 -12.60 -14.23
N VAL A 276 -12.67 -11.28 -14.04
CA VAL A 276 -12.10 -10.63 -12.86
C VAL A 276 -13.12 -9.57 -12.41
N VAL A 277 -13.45 -9.53 -11.11
CA VAL A 277 -14.38 -8.51 -10.62
C VAL A 277 -13.64 -7.28 -10.08
N GLN A 278 -14.22 -6.10 -10.27
CA GLN A 278 -13.53 -4.86 -9.97
C GLN A 278 -14.40 -3.87 -9.17
N PRO A 279 -14.80 -4.25 -7.96
CA PRO A 279 -15.51 -3.27 -7.10
C PRO A 279 -14.63 -2.04 -6.78
N ASP A 280 -15.26 -0.89 -6.54
CA ASP A 280 -14.55 0.27 -6.00
C ASP A 280 -15.05 0.28 -4.58
N ILE A 281 -14.15 0.25 -3.62
CA ILE A 281 -14.54 0.12 -2.22
C ILE A 281 -15.46 1.26 -1.78
N LEU A 282 -15.21 2.46 -2.24
CA LEU A 282 -16.04 3.58 -1.82
C LEU A 282 -17.34 3.76 -2.61
N TYR A 283 -17.35 3.44 -3.90
CA TYR A 283 -18.61 3.41 -4.67
C TYR A 283 -19.57 2.35 -4.15
N LEU A 284 -19.02 1.21 -3.74
CA LEU A 284 -19.82 0.09 -3.33
C LEU A 284 -20.44 0.22 -1.94
N GLY A 285 -19.86 1.07 -1.08
CA GLY A 285 -20.39 1.26 0.26
C GLY A 285 -19.50 0.79 1.41
N GLY A 286 -18.23 0.51 1.11
CA GLY A 286 -17.22 0.30 2.14
C GLY A 286 -16.60 -1.10 2.15
N ILE A 287 -15.74 -1.32 3.13
CA ILE A 287 -14.99 -2.57 3.25
C ILE A 287 -15.91 -3.78 3.47
N CYS A 288 -16.88 -3.65 4.38
CA CYS A 288 -17.77 -4.77 4.65
C CYS A 288 -18.45 -5.26 3.39
N ARG A 289 -19.08 -4.35 2.63
CA ARG A 289 -19.79 -4.73 1.41
C ARG A 289 -18.82 -5.20 0.33
N THR A 290 -17.62 -4.63 0.28
CA THR A 290 -16.64 -5.15 -0.70
C THR A 290 -16.23 -6.61 -0.36
N LEU A 291 -16.10 -6.93 0.92
CA LEU A 291 -15.75 -8.27 1.31
C LEU A 291 -16.84 -9.26 0.93
N ARG A 292 -18.09 -8.82 1.03
CA ARG A 292 -19.22 -9.62 0.55
C ARG A 292 -19.09 -9.95 -0.95
N VAL A 293 -18.74 -8.95 -1.75
CA VAL A 293 -18.48 -9.18 -3.16
C VAL A 293 -17.26 -10.10 -3.38
N ALA A 294 -16.18 -9.87 -2.65
CA ALA A 294 -15.00 -10.74 -2.75
C ALA A 294 -15.37 -12.17 -2.42
N ARG A 295 -16.20 -12.36 -1.40
CA ARG A 295 -16.60 -13.74 -1.02
C ARG A 295 -17.48 -14.42 -2.09
N ALA A 297 -17.31 -13.73 -5.27
CA ALA A 297 -16.31 -14.01 -6.32
C ALA A 297 -15.43 -15.22 -5.97
N GLU A 298 -15.05 -15.33 -4.70
CA GLU A 298 -14.23 -16.45 -4.23
C GLU A 298 -14.92 -17.81 -4.47
N ALA A 299 -16.21 -17.86 -4.15
CA ALA A 299 -17.06 -19.06 -4.35
C ALA A 299 -17.18 -19.43 -5.83
N ALA A 300 -17.01 -18.44 -6.69
CA ALA A 300 -17.06 -18.65 -8.14
C ALA A 300 -15.66 -18.77 -8.76
N ALA A 301 -14.64 -18.79 -7.91
CA ALA A 301 -13.21 -18.81 -8.31
C ALA A 301 -12.80 -17.65 -9.23
N LEU A 302 -13.33 -16.45 -8.94
CA LEU A 302 -12.95 -15.26 -9.69
C LEU A 302 -12.07 -14.39 -8.82
N PRO A 303 -10.99 -13.86 -9.40
CA PRO A 303 -10.19 -12.90 -8.63
C PRO A 303 -10.80 -11.51 -8.56
N VAL A 304 -10.27 -10.73 -7.61
CA VAL A 304 -10.79 -9.39 -7.28
C VAL A 304 -9.66 -8.38 -7.48
N THR A 305 -9.85 -7.48 -8.44
CA THR A 305 -8.86 -6.45 -8.75
C THR A 305 -9.60 -5.11 -8.70
N PRO A 306 -9.65 -4.49 -7.51
CA PRO A 306 -10.55 -3.32 -7.35
C PRO A 306 -10.15 -2.11 -8.16
N HIS A 307 -11.13 -1.23 -8.37
CA HIS A 307 -10.91 0.01 -9.05
C HIS A 307 -10.49 1.03 -8.01
N CYS A 308 -9.49 1.81 -8.34
CA CYS A 308 -9.18 2.94 -7.47
C CYS A 308 -8.45 3.89 -8.34
N ALA A 309 -9.12 5.00 -8.63
CA ALA A 309 -8.69 5.86 -9.72
C ALA A 309 -8.12 7.24 -9.35
N ASN A 310 -7.84 7.45 -8.07
CA ASN A 310 -7.06 8.61 -7.68
C ASN A 310 -6.35 8.28 -6.38
N LEU A 311 -5.51 9.22 -5.95
CA LEU A 311 -4.72 9.02 -4.74
C LEU A 311 -5.29 9.74 -3.52
N SER A 312 -6.62 9.82 -3.47
CA SER A 312 -7.29 9.96 -2.18
C SER A 312 -7.06 8.65 -1.42
N LEU A 313 -7.78 8.41 -0.33
CA LEU A 313 -7.55 7.15 0.44
C LEU A 313 -8.06 5.87 -0.24
N VAL A 314 -8.83 6.00 -1.31
CA VAL A 314 -9.35 4.83 -1.99
C VAL A 314 -8.24 3.87 -2.40
N THR A 315 -7.10 4.40 -2.81
CA THR A 315 -5.95 3.54 -3.17
C THR A 315 -5.41 2.77 -1.96
N LEU A 316 -5.21 3.48 -0.86
CA LEU A 316 -4.76 2.84 0.39
C LEU A 316 -5.73 1.78 0.91
N PHE A 317 -7.02 2.09 0.87
CA PHE A 317 -8.02 1.13 1.32
C PHE A 317 -7.94 -0.15 0.50
N THR A 318 -7.72 0.02 -0.80
CA THR A 318 -7.60 -1.14 -1.71
C THR A 318 -6.31 -1.94 -1.42
N HIS A 320 -4.84 -2.27 1.56
CA HIS A 320 -5.19 -3.13 2.71
C HIS A 320 -6.09 -4.31 2.33
N LEU A 321 -7.11 -4.08 1.51
CA LEU A 321 -7.98 -5.19 1.06
C LEU A 321 -7.21 -6.29 0.28
N LEU A 322 -6.36 -5.88 -0.65
CA LEU A 322 -5.55 -6.82 -1.44
C LEU A 322 -4.54 -7.60 -0.59
N ARG A 323 -4.14 -7.03 0.55
CA ARG A 323 -3.26 -7.76 1.49
C ARG A 323 -4.01 -8.82 2.27
N ALA A 324 -5.33 -8.82 2.19
CA ALA A 324 -6.12 -9.71 3.04
C ALA A 324 -6.91 -10.76 2.31
N ILE A 325 -7.53 -10.43 1.18
CA ILE A 325 -8.50 -11.38 0.62
C ILE A 325 -7.79 -12.56 -0.06
N PRO A 326 -8.34 -13.77 0.07
CA PRO A 326 -7.58 -14.91 -0.45
C PRO A 326 -7.59 -14.95 -1.99
N ASN A 327 -8.60 -14.30 -2.59
CA ASN A 327 -8.71 -14.25 -4.04
C ASN A 327 -8.33 -12.87 -4.62
N ALA A 328 -7.32 -12.22 -4.04
CA ALA A 328 -6.78 -10.98 -4.60
C ALA A 328 -6.34 -11.17 -6.03
N GLY A 329 -6.70 -10.21 -6.91
CA GLY A 329 -6.17 -10.18 -8.27
C GLY A 329 -4.68 -9.82 -8.36
N LYS A 330 -4.24 -9.44 -9.55
CA LYS A 330 -2.80 -9.42 -9.82
C LYS A 330 -2.08 -8.19 -9.30
N TYR A 331 -2.83 -7.11 -9.07
CA TYR A 331 -2.23 -5.81 -8.88
C TYR A 331 -3.24 -4.75 -8.45
N LEU A 332 -2.66 -3.72 -7.84
CA LEU A 332 -3.31 -2.49 -7.39
C LEU A 332 -3.36 -1.50 -8.56
N GLU A 333 -4.55 -0.98 -8.88
CA GLU A 333 -4.65 0.16 -9.79
C GLU A 333 -4.02 1.41 -9.17
N PHE A 334 -3.03 1.97 -9.86
CA PHE A 334 -2.28 3.08 -9.31
C PHE A 334 -2.26 4.19 -10.33
N SER A 335 -3.06 5.23 -10.08
CA SER A 335 -3.11 6.36 -11.03
C SER A 335 -1.76 7.09 -11.14
N ILE A 336 -1.28 7.24 -12.37
CA ILE A 336 -0.04 7.93 -12.61
C ILE A 336 -0.22 9.38 -13.12
N GLU A 337 -1.42 9.92 -13.01
CA GLU A 337 -1.65 11.30 -13.48
C GLU A 337 -1.01 12.31 -12.52
N GLY A 338 -0.48 13.41 -13.04
CA GLY A 338 0.12 14.45 -12.17
C GLY A 338 -0.88 15.45 -11.62
N GLU A 339 -0.39 16.61 -11.16
CA GLU A 339 -1.26 17.67 -10.58
C GLU A 339 -2.00 18.49 -11.61
N ASP A 340 -1.54 18.51 -12.85
CA ASP A 340 -2.40 19.04 -13.92
C ASP A 340 -3.81 18.50 -13.65
N TYR A 341 -3.84 17.21 -13.31
CA TYR A 341 -5.01 16.38 -13.44
C TYR A 341 -5.93 16.34 -12.22
N TYR A 342 -5.33 16.23 -11.03
CA TYR A 342 -6.04 16.09 -9.76
C TYR A 342 -5.48 17.17 -8.81
N PRO A 343 -5.82 18.46 -9.02
CA PRO A 343 -5.22 19.51 -8.20
C PRO A 343 -5.61 19.41 -6.71
N TRP A 344 -6.86 18.97 -6.48
CA TRP A 344 -7.39 18.81 -5.14
C TRP A 344 -6.69 17.71 -4.34
N GLN A 345 -5.91 16.85 -4.98
CA GLN A 345 -5.35 15.72 -4.24
C GLN A 345 -4.00 16.06 -3.56
N ASP A 346 -3.45 17.23 -3.90
CA ASP A 346 -2.28 17.82 -3.24
C ASP A 346 -2.58 18.21 -1.79
N GLY A 347 -1.76 17.74 -0.85
CA GLY A 347 -1.85 18.25 0.52
C GLY A 347 -2.99 17.71 1.38
N LEU A 348 -3.47 16.49 1.06
CA LEU A 348 -4.52 15.84 1.85
C LEU A 348 -4.01 15.18 3.13
N PHE A 349 -2.78 14.69 3.10
CA PHE A 349 -2.31 13.80 4.16
C PHE A 349 -0.95 14.23 4.72
N VAL A 350 -0.72 13.92 5.99
CA VAL A 350 0.54 14.20 6.63
C VAL A 350 1.63 13.30 6.02
N GLU A 351 1.37 12.00 6.04
CA GLU A 351 2.26 11.00 5.44
C GLU A 351 2.02 10.84 3.92
N ASP A 352 2.92 10.17 3.24
CA ASP A 352 2.69 9.79 1.87
C ASP A 352 2.72 8.27 1.83
N PRO A 353 1.54 7.65 1.72
CA PRO A 353 1.52 6.18 1.77
C PRO A 353 1.74 5.51 0.41
N TYR A 354 1.97 6.32 -0.61
CA TYR A 354 1.97 5.83 -2.00
C TYR A 354 3.32 5.82 -2.71
N ARG A 355 4.40 5.66 -1.96
CA ARG A 355 5.68 5.57 -2.66
C ARG A 355 5.76 4.19 -3.33
N ILE A 356 6.21 4.16 -4.58
CA ILE A 356 6.29 2.90 -5.33
C ILE A 356 7.76 2.56 -5.49
N GLU A 357 8.09 1.30 -5.24
CA GLU A 357 9.45 0.83 -5.35
C GLU A 357 9.44 -0.55 -5.96
N ASP A 358 10.20 -0.69 -7.03
CA ASP A 358 10.24 -1.93 -7.82
C ASP A 358 8.82 -2.32 -8.20
N GLY A 359 8.02 -1.31 -8.55
CA GLY A 359 6.64 -1.51 -9.04
C GLY A 359 5.66 -2.00 -7.98
N HIS A 360 6.06 -1.97 -6.70
CA HIS A 360 5.17 -2.36 -5.59
C HIS A 360 4.89 -1.21 -4.62
N ALA A 361 3.67 -1.22 -4.05
CA ALA A 361 3.25 -0.29 -3.01
C ALA A 361 3.40 -1.09 -1.71
N ARG A 362 3.31 -0.42 -0.56
CA ARG A 362 3.47 -1.16 0.68
C ARG A 362 2.55 -0.68 1.79
N VAL A 363 1.88 -1.65 2.40
CA VAL A 363 1.11 -1.42 3.61
C VAL A 363 2.03 -1.71 4.81
N THR A 364 2.19 -0.71 5.67
CA THR A 364 2.98 -0.88 6.91
C THR A 364 2.16 -1.43 8.06
N GLU A 365 2.83 -1.70 9.18
CA GLU A 365 2.14 -2.16 10.38
C GLU A 365 1.41 -1.02 11.18
N ALA A 366 1.39 0.20 10.65
CA ALA A 366 0.73 1.31 11.36
C ALA A 366 -0.74 0.96 11.63
N PRO A 367 -1.24 1.28 12.84
CA PRO A 367 -2.61 0.85 13.18
C PRO A 367 -3.72 1.57 12.35
N GLY A 368 -4.80 0.85 12.07
CA GLY A 368 -5.88 1.42 11.24
C GLY A 368 -5.36 1.58 9.83
N TRP A 369 -5.72 2.69 9.18
CA TRP A 369 -5.20 3.02 7.87
C TRP A 369 -3.78 3.59 7.93
N GLY A 370 -3.34 4.01 9.10
CA GLY A 370 -1.97 4.51 9.25
C GLY A 370 -1.73 5.87 8.61
N VAL A 371 -2.78 6.66 8.43
CA VAL A 371 -2.65 8.00 7.82
C VAL A 371 -3.41 9.06 8.64
N GLU A 372 -2.84 10.26 8.71
CA GLU A 372 -3.51 11.38 9.38
C GLU A 372 -3.87 12.41 8.32
N ILE A 373 -5.09 12.94 8.36
CA ILE A 373 -5.46 13.99 7.43
C ILE A 373 -4.68 15.26 7.78
N CYS A 374 -4.20 15.97 6.77
CA CYS A 374 -3.40 17.17 6.97
C CYS A 374 -4.19 18.20 7.80
N PRO A 375 -3.61 18.70 8.93
CA PRO A 375 -4.37 19.67 9.74
C PRO A 375 -4.74 20.92 9.00
N GLU A 376 -3.90 21.37 8.08
CA GLU A 376 -4.22 22.57 7.29
C GLU A 376 -5.43 22.31 6.37
N TRP A 377 -5.47 21.13 5.76
CA TRP A 377 -6.61 20.76 4.91
C TRP A 377 -7.87 20.81 5.76
N LEU A 378 -7.83 20.19 6.93
CA LEU A 378 -9.00 20.12 7.79
C LEU A 378 -9.46 21.52 8.19
N ALA A 379 -8.49 22.40 8.44
CA ALA A 379 -8.85 23.78 8.87
C ALA A 379 -9.67 24.50 7.79
N ARG A 380 -9.34 24.26 6.53
CA ARG A 380 -10.02 24.87 5.39
C ARG A 380 -11.34 24.18 4.97
N SER A 381 -11.61 22.99 5.52
CA SER A 381 -12.78 22.17 5.12
C SER A 381 -14.11 22.64 5.70
N ALA A 382 -15.20 22.19 5.09
CA ALA A 382 -16.53 22.37 5.64
C ALA A 382 -16.84 21.25 6.64
N TYR A 383 -17.20 21.62 7.85
CA TYR A 383 -17.47 20.69 8.91
C TYR A 383 -18.94 20.54 9.18
N LYS A 384 -19.34 19.29 9.44
CA LYS A 384 -20.69 18.98 9.85
C LYS A 384 -20.69 17.84 10.84
N VAL A 385 -21.56 17.92 11.84
CA VAL A 385 -21.64 16.85 12.84
C VAL A 385 -23.06 16.41 13.13
N SER A 386 -23.21 15.10 13.32
CA SER A 386 -24.41 14.49 13.86
C SER A 386 -24.05 13.72 15.11
N ARG A 387 -24.85 13.89 16.16
CA ARG A 387 -24.67 13.16 17.44
C ARG A 387 -25.88 12.32 17.85
N ALA A 388 -25.64 11.24 18.62
CA ALA A 388 -26.70 10.37 19.11
C ALA A 388 -27.58 11.08 20.15
N LEU B 18 -44.80 12.15 -32.51
CA LEU B 18 -44.70 13.30 -31.56
C LEU B 18 -43.38 14.05 -31.72
N TYR B 19 -43.42 15.18 -32.44
CA TYR B 19 -42.22 15.94 -32.76
C TYR B 19 -42.28 17.40 -32.28
N PHE B 20 -41.11 17.94 -31.94
CA PHE B 20 -41.00 19.30 -31.41
C PHE B 20 -39.85 20.06 -32.04
N GLN B 21 -40.14 21.29 -32.45
CA GLN B 21 -39.14 22.26 -32.91
C GLN B 21 -38.00 22.40 -31.90
N SER B 22 -36.79 22.65 -32.42
CA SER B 22 -35.63 22.79 -31.55
C SER B 22 -35.80 23.93 -30.54
N LYS B 24 -33.58 25.63 -27.07
CA LYS B 24 -32.41 25.59 -26.20
C LYS B 24 -32.79 26.24 -24.89
N LEU B 25 -32.44 25.59 -23.79
CA LEU B 25 -32.68 26.15 -22.46
C LEU B 25 -31.57 27.14 -22.15
N THR B 26 -31.95 28.30 -21.61
CA THR B 26 -30.97 29.32 -21.23
C THR B 26 -30.84 29.49 -19.72
N ALA B 27 -31.82 28.98 -18.98
CA ALA B 27 -31.76 29.00 -17.52
C ALA B 27 -32.58 27.89 -16.93
N ILE B 28 -32.09 27.36 -15.81
CA ILE B 28 -32.81 26.39 -15.01
C ILE B 28 -32.77 26.88 -13.56
N GLU B 29 -33.95 27.03 -12.95
CA GLU B 29 -34.06 27.55 -11.57
C GLU B 29 -34.78 26.55 -10.74
N THR B 30 -34.34 26.40 -9.50
CA THR B 30 -35.03 25.57 -8.54
C THR B 30 -35.48 26.37 -7.32
N PHE B 31 -36.63 25.97 -6.77
CA PHE B 31 -37.24 26.62 -5.61
C PHE B 31 -37.64 25.47 -4.72
N THR B 32 -37.03 25.36 -3.54
CA THR B 32 -37.11 24.11 -2.82
C THR B 32 -37.10 24.28 -1.32
N ASN B 33 -37.67 23.29 -0.64
CA ASN B 33 -37.32 23.03 0.72
C ASN B 33 -36.88 21.57 0.83
N GLU B 34 -36.90 21.02 2.04
CA GLU B 34 -36.42 19.66 2.21
C GLU B 34 -37.41 18.59 1.73
N PHE B 35 -38.65 19.00 1.51
CA PHE B 35 -39.71 18.05 1.17
C PHE B 35 -40.05 18.05 -0.31
N VAL B 36 -40.02 19.23 -0.92
CA VAL B 36 -40.44 19.36 -2.32
C VAL B 36 -39.71 20.51 -2.98
N GLY B 37 -39.40 20.37 -4.25
CA GLY B 37 -38.75 21.44 -4.96
C GLY B 37 -39.33 21.59 -6.34
N PHE B 38 -39.50 22.83 -6.79
CA PHE B 38 -40.06 23.05 -8.10
C PHE B 38 -39.00 23.58 -9.05
N VAL B 39 -39.18 23.31 -10.35
CA VAL B 39 -38.19 23.71 -11.33
C VAL B 39 -38.82 24.62 -12.37
N ARG B 40 -38.19 25.75 -12.64
CA ARG B 40 -38.61 26.57 -13.79
C ARG B 40 -37.54 26.59 -14.86
N VAL B 41 -37.92 26.32 -16.11
CA VAL B 41 -36.95 26.38 -17.18
C VAL B 41 -37.32 27.52 -18.09
N THR B 42 -36.31 28.16 -18.68
CA THR B 42 -36.50 29.28 -19.61
C THR B 42 -35.77 28.94 -20.90
N SER B 43 -36.47 29.03 -22.03
CA SER B 43 -35.84 28.81 -23.33
C SER B 43 -35.26 30.12 -23.90
N GLU B 44 -34.52 30.03 -25.00
CA GLU B 44 -33.84 31.21 -25.53
C GLU B 44 -34.78 32.25 -26.11
N ASP B 45 -35.98 31.83 -26.48
CA ASP B 45 -37.01 32.78 -26.93
C ASP B 45 -37.82 33.39 -25.78
N GLY B 46 -37.53 32.95 -24.55
CA GLY B 46 -38.16 33.51 -23.37
C GLY B 46 -39.33 32.73 -22.79
N ALA B 47 -39.76 31.66 -23.44
CA ALA B 47 -40.88 30.84 -22.91
C ALA B 47 -40.44 30.13 -21.64
N ARG B 48 -41.35 29.94 -20.69
CA ARG B 48 -40.99 29.32 -19.40
C ARG B 48 -41.98 28.25 -19.06
N GLY B 49 -41.53 27.28 -18.25
CA GLY B 49 -42.32 26.12 -17.88
C GLY B 49 -41.91 25.69 -16.49
N TRP B 50 -42.87 25.10 -15.78
CA TRP B 50 -42.69 24.70 -14.39
C TRP B 50 -42.80 23.19 -14.24
N GLY B 51 -41.92 22.59 -13.44
CA GLY B 51 -42.08 21.21 -13.10
C GLY B 51 -41.67 20.95 -11.66
N GLN B 52 -41.41 19.68 -11.36
CA GLN B 52 -41.09 19.31 -9.98
C GLN B 52 -40.07 18.19 -9.89
N VAL B 53 -39.05 18.35 -9.04
CA VAL B 53 -38.23 17.18 -8.71
C VAL B 53 -39.02 16.25 -7.78
N SER B 54 -38.59 15.00 -7.67
CA SER B 54 -39.20 14.09 -6.70
C SER B 54 -39.24 14.69 -5.29
N THR B 55 -40.29 14.38 -4.53
CA THR B 55 -40.39 14.79 -3.14
C THR B 55 -39.37 13.98 -2.33
N TYR B 56 -39.07 14.47 -1.13
CA TYR B 56 -38.20 13.83 -0.12
C TYR B 56 -36.72 14.13 -0.35
N HIS B 57 -36.14 14.90 0.57
CA HIS B 57 -34.78 15.42 0.45
C HIS B 57 -34.60 16.16 -0.86
N SER B 58 -35.63 16.92 -1.22
CA SER B 58 -35.66 17.60 -2.49
C SER B 58 -34.56 18.63 -2.58
N ASP B 59 -34.13 19.14 -1.42
CA ASP B 59 -33.00 20.07 -1.40
C ASP B 59 -31.70 19.42 -1.90
N ILE B 60 -31.45 18.18 -1.48
CA ILE B 60 -30.30 17.42 -2.02
C ILE B 60 -30.46 17.20 -3.53
N THR B 61 -31.66 16.78 -3.93
CA THR B 61 -31.97 16.58 -5.34
C THR B 61 -31.73 17.84 -6.15
N CYS B 62 -32.13 19.02 -5.62
CA CYS B 62 -31.89 20.22 -6.39
C CYS B 62 -30.39 20.53 -6.52
N GLU B 63 -29.61 20.22 -5.49
CA GLU B 63 -28.16 20.39 -5.61
C GLU B 63 -27.59 19.48 -6.72
N VAL B 64 -28.05 18.24 -6.75
CA VAL B 64 -27.66 17.29 -7.80
C VAL B 64 -28.08 17.82 -9.17
N LEU B 65 -29.27 18.40 -9.25
CA LEU B 65 -29.74 18.98 -10.51
C LEU B 65 -28.77 20.04 -11.07
N HIS B 66 -28.40 21.03 -10.25
CA HIS B 66 -27.50 22.06 -10.71
C HIS B 66 -26.08 21.53 -10.94
N ARG B 67 -25.67 20.54 -10.14
CA ARG B 67 -24.31 20.01 -10.24
C ARG B 67 -24.12 19.10 -11.45
N GLN B 68 -25.14 18.30 -11.75
CA GLN B 68 -24.97 17.13 -12.63
C GLN B 68 -25.98 16.99 -13.77
N VAL B 69 -27.03 17.82 -13.81
CA VAL B 69 -28.02 17.78 -14.90
C VAL B 69 -27.96 19.05 -15.74
N ALA B 70 -28.10 20.19 -15.08
CA ALA B 70 -28.07 21.49 -15.75
C ALA B 70 -26.84 21.71 -16.66
N PRO B 71 -25.62 21.35 -16.20
CA PRO B 71 -24.48 21.60 -17.08
C PRO B 71 -24.58 20.90 -18.43
N TRP B 72 -25.30 19.78 -18.50
CA TRP B 72 -25.39 19.02 -19.76
C TRP B 72 -26.60 19.44 -20.59
N LEU B 74 -28.12 22.73 -20.42
CA LEU B 74 -28.15 24.16 -20.75
C LEU B 74 -27.49 24.44 -22.09
N GLY B 75 -28.15 25.24 -22.93
CA GLY B 75 -27.63 25.59 -24.26
C GLY B 75 -27.65 24.48 -25.28
N GLN B 76 -28.39 23.40 -25.01
CA GLN B 76 -28.51 22.27 -25.93
C GLN B 76 -29.90 22.21 -26.54
N ASP B 77 -30.01 21.62 -27.72
CA ASP B 77 -31.30 21.35 -28.35
C ASP B 77 -32.07 20.23 -27.61
N CYS B 78 -33.28 20.54 -27.11
CA CYS B 78 -34.17 19.53 -26.50
C CYS B 78 -35.21 18.98 -27.47
N SER B 79 -34.98 19.14 -28.77
CA SER B 79 -35.90 18.62 -29.80
C SER B 79 -35.97 17.08 -29.81
N ASP B 80 -34.88 16.42 -29.39
CA ASP B 80 -34.89 15.01 -29.02
C ASP B 80 -34.56 14.90 -27.54
N LEU B 81 -35.58 15.15 -26.71
CA LEU B 81 -35.36 15.17 -25.29
C LEU B 81 -34.94 13.80 -24.75
N ASP B 82 -35.50 12.72 -25.29
CA ASP B 82 -35.07 11.39 -24.87
C ASP B 82 -33.56 11.21 -25.06
N ASP B 83 -33.01 11.64 -26.19
CA ASP B 83 -31.56 11.48 -26.41
C ASP B 83 -30.75 12.38 -25.46
N LEU B 84 -31.29 13.57 -25.18
CA LEU B 84 -30.61 14.47 -24.27
C LEU B 84 -30.56 13.86 -22.86
N LEU B 85 -31.70 13.37 -22.40
CA LEU B 85 -31.75 12.67 -21.11
C LEU B 85 -30.79 11.48 -21.07
N ASP B 86 -30.75 10.69 -22.14
CA ASP B 86 -29.75 9.61 -22.18
C ASP B 86 -28.35 10.12 -22.05
N LEU B 87 -28.06 11.24 -22.70
CA LEU B 87 -26.73 11.82 -22.61
C LEU B 87 -26.37 12.23 -21.18
N VAL B 88 -27.32 12.83 -20.46
CA VAL B 88 -27.12 13.10 -19.04
C VAL B 88 -26.70 11.82 -18.29
N THR B 89 -27.45 10.74 -18.48
CA THR B 89 -27.16 9.49 -17.74
C THR B 89 -25.79 8.94 -18.10
N GLU B 90 -25.38 9.16 -19.35
CA GLU B 90 -24.10 8.68 -19.87
C GLU B 90 -22.96 9.54 -19.37
N ARG B 91 -23.12 10.86 -19.44
CA ARG B 91 -22.09 11.73 -18.88
C ARG B 91 -21.96 11.57 -17.35
N GLU B 92 -23.05 11.24 -16.69
CA GLU B 92 -23.00 10.98 -15.24
C GLU B 92 -23.05 9.49 -14.89
N HIS B 93 -22.39 8.66 -15.69
CA HIS B 93 -22.50 7.19 -15.55
C HIS B 93 -21.89 6.62 -14.26
N LYS B 94 -21.08 7.42 -13.55
CA LYS B 94 -20.56 7.06 -12.25
C LYS B 94 -21.61 7.24 -11.17
N PHE B 95 -22.77 7.79 -11.52
CA PHE B 95 -23.87 8.02 -10.56
C PHE B 95 -25.14 7.30 -11.00
N PRO B 96 -25.07 5.96 -11.10
CA PRO B 96 -26.30 5.22 -11.31
C PRO B 96 -27.18 5.42 -10.08
N GLY B 97 -28.49 5.45 -10.25
CA GLY B 97 -29.34 5.49 -9.08
C GLY B 97 -30.28 6.66 -9.03
N SER B 98 -30.88 6.82 -7.87
CA SER B 98 -32.08 7.61 -7.69
C SER B 98 -31.87 9.12 -7.83
N TYR B 99 -30.82 9.68 -7.20
CA TYR B 99 -30.78 11.15 -7.10
C TYR B 99 -30.66 11.81 -8.45
N LEU B 100 -29.83 11.25 -9.32
CA LEU B 100 -29.66 11.83 -10.66
C LEU B 100 -31.02 11.85 -11.40
N ARG B 101 -31.78 10.76 -11.24
CA ARG B 101 -33.04 10.60 -11.96
C ARG B 101 -34.14 11.48 -11.36
N ARG B 102 -34.20 11.56 -10.03
CA ARG B 102 -35.11 12.52 -9.34
C ARG B 102 -34.88 13.96 -9.77
N ALA B 103 -33.60 14.31 -10.01
CA ALA B 103 -33.22 15.63 -10.56
C ALA B 103 -33.62 15.83 -12.04
N ALA B 105 -35.94 14.51 -13.49
CA ALA B 105 -37.39 14.53 -13.57
C ALA B 105 -37.93 15.97 -13.50
N GLY B 106 -37.27 16.80 -12.70
CA GLY B 106 -37.66 18.21 -12.56
C GLY B 106 -37.47 18.98 -13.85
N VAL B 107 -36.37 18.73 -14.55
CA VAL B 107 -36.14 19.46 -15.80
C VAL B 107 -37.07 18.94 -16.88
N ASP B 108 -37.20 17.60 -16.96
CA ASP B 108 -38.11 17.00 -17.94
C ASP B 108 -39.55 17.52 -17.77
N THR B 109 -40.06 17.50 -16.54
CA THR B 109 -41.47 17.88 -16.32
C THR B 109 -41.69 19.38 -16.64
N ALA B 110 -40.68 20.20 -16.39
CA ALA B 110 -40.77 21.63 -16.67
C ALA B 110 -40.81 21.88 -18.17
N ILE B 111 -40.03 21.09 -18.91
CA ILE B 111 -40.01 21.20 -20.38
C ILE B 111 -41.40 20.81 -20.94
N TRP B 112 -42.05 19.79 -20.38
CA TRP B 112 -43.40 19.43 -20.82
C TRP B 112 -44.40 20.58 -20.56
N ASP B 113 -44.30 21.19 -19.39
CA ASP B 113 -45.15 22.35 -19.11
C ASP B 113 -44.92 23.43 -20.17
N LEU B 114 -43.66 23.76 -20.43
CA LEU B 114 -43.30 24.76 -21.44
C LEU B 114 -43.91 24.43 -22.82
N ARG B 115 -43.75 23.19 -23.26
CA ARG B 115 -44.30 22.76 -24.54
C ARG B 115 -45.81 22.89 -24.59
N GLY B 116 -46.47 22.51 -23.49
CA GLY B 116 -47.93 22.63 -23.42
C GLY B 116 -48.42 24.07 -23.49
N LYS B 117 -47.72 24.95 -22.79
CA LYS B 117 -48.01 26.38 -22.85
C LYS B 117 -47.72 27.01 -24.22
N GLN B 118 -46.67 26.54 -24.91
CA GLN B 118 -46.37 27.03 -26.25
C GLN B 118 -47.46 26.62 -27.24
N ALA B 119 -47.95 25.39 -27.07
CA ALA B 119 -49.00 24.85 -27.95
C ALA B 119 -50.43 25.26 -27.55
N GLY B 120 -50.61 25.71 -26.31
CA GLY B 120 -51.95 25.96 -25.73
C GLY B 120 -52.71 24.66 -25.51
N LYS B 121 -52.01 23.63 -25.02
CA LYS B 121 -52.62 22.33 -24.84
C LYS B 121 -52.18 21.77 -23.51
N PRO B 122 -53.08 21.11 -22.79
CA PRO B 122 -52.63 20.40 -21.57
C PRO B 122 -51.62 19.33 -21.98
N VAL B 123 -50.71 18.94 -21.09
CA VAL B 123 -49.73 17.90 -21.44
C VAL B 123 -50.44 16.64 -21.96
N ALA B 124 -51.54 16.25 -21.32
CA ALA B 124 -52.31 15.05 -21.74
C ALA B 124 -52.64 15.06 -23.25
N GLU B 125 -52.99 16.24 -23.80
CA GLU B 125 -53.27 16.36 -25.24
C GLU B 125 -52.03 16.26 -26.08
N LEU B 126 -50.96 16.91 -25.63
CA LEU B 126 -49.67 16.79 -26.34
C LEU B 126 -49.24 15.34 -26.48
N LEU B 127 -49.57 14.53 -25.48
CA LEU B 127 -49.18 13.11 -25.50
C LEU B 127 -50.17 12.22 -26.24
N GLY B 128 -51.18 12.85 -26.84
CA GLY B 128 -52.11 12.14 -27.72
C GLY B 128 -53.43 11.82 -27.05
N GLY B 129 -53.62 12.26 -25.81
CA GLY B 129 -54.87 12.02 -25.10
C GLY B 129 -55.74 13.27 -25.08
N SER B 130 -56.56 13.39 -24.04
CA SER B 130 -57.48 14.54 -23.89
C SER B 130 -57.68 14.85 -22.41
N ALA B 131 -58.12 16.07 -22.14
CA ALA B 131 -58.58 16.44 -20.81
C ALA B 131 -59.82 15.61 -20.47
N GLY B 132 -60.08 15.37 -19.20
CA GLY B 132 -61.14 14.45 -18.82
C GLY B 132 -60.88 13.84 -17.46
N THR B 133 -61.71 12.89 -17.07
CA THR B 133 -61.59 12.33 -15.73
C THR B 133 -60.77 11.04 -15.68
N ILE B 134 -60.31 10.71 -14.47
CA ILE B 134 -59.61 9.46 -14.21
C ILE B 134 -60.17 8.91 -12.91
N ARG B 135 -60.52 7.65 -12.94
CA ARG B 135 -60.96 6.94 -11.74
C ARG B 135 -59.78 6.93 -10.73
N ALA B 136 -60.09 7.26 -9.47
CA ALA B 136 -59.08 7.26 -8.41
C ALA B 136 -59.29 6.13 -7.41
N TYR B 137 -58.19 5.61 -6.88
CA TYR B 137 -58.30 4.79 -5.69
C TYR B 137 -57.79 5.51 -4.47
N ALA B 138 -58.53 5.39 -3.36
CA ALA B 138 -58.16 6.00 -2.08
C ALA B 138 -56.99 5.20 -1.46
N SER B 139 -55.80 5.81 -1.38
CA SER B 139 -54.63 5.05 -0.97
C SER B 139 -54.21 5.44 0.44
N SER B 140 -54.26 4.49 1.36
CA SER B 140 -53.76 4.69 2.71
C SER B 140 -52.24 4.39 2.70
N LYS B 142 -50.65 4.25 5.73
CA LYS B 142 -50.40 3.89 7.13
C LYS B 142 -50.46 2.39 7.45
N ARG B 143 -49.55 1.96 8.31
CA ARG B 143 -49.64 0.68 9.00
C ARG B 143 -49.88 0.87 10.50
N ASP B 144 -49.69 2.10 10.99
CA ASP B 144 -50.03 2.45 12.39
C ASP B 144 -51.50 2.92 12.47
N ILE B 145 -52.38 2.07 11.96
CA ILE B 145 -53.82 2.28 11.99
C ILE B 145 -54.41 0.88 12.11
N THR B 146 -55.39 0.70 13.00
CA THR B 146 -56.03 -0.63 13.12
C THR B 146 -56.87 -0.94 11.87
N PRO B 147 -57.08 -2.23 11.58
CA PRO B 147 -57.98 -2.63 10.47
C PRO B 147 -59.38 -2.00 10.62
N HIS B 148 -59.90 -2.00 11.86
CA HIS B 148 -61.17 -1.30 12.14
C HIS B 148 -61.20 0.17 11.71
N ASP B 149 -60.19 0.94 12.12
CA ASP B 149 -60.17 2.37 11.85
C ASP B 149 -59.92 2.67 10.39
N GLU B 150 -59.13 1.82 9.76
CA GLU B 150 -58.86 1.93 8.34
C GLU B 150 -60.16 1.80 7.53
N ALA B 151 -60.94 0.74 7.80
CA ALA B 151 -62.25 0.55 7.13
C ALA B 151 -63.19 1.73 7.42
N GLU B 152 -63.21 2.19 8.67
CA GLU B 152 -64.11 3.31 9.04
C GLU B 152 -63.78 4.57 8.29
N ARG B 153 -62.50 4.93 8.21
CA ARG B 153 -62.19 6.11 7.44
C ARG B 153 -62.43 5.93 5.92
N LYS B 155 -64.77 4.15 4.63
CA LYS B 155 -66.23 4.32 4.51
C LYS B 155 -66.63 5.79 4.44
N ARG B 156 -66.00 6.62 5.30
CA ARG B 156 -66.23 8.06 5.34
C ARG B 156 -65.79 8.74 4.05
N LEU B 157 -64.65 8.30 3.52
CA LEU B 157 -64.13 8.91 2.29
C LEU B 157 -64.98 8.52 1.10
N ARG B 158 -65.44 7.27 1.08
CA ARG B 158 -66.38 6.81 0.06
C ARG B 158 -67.64 7.68 0.04
N ASP B 159 -68.20 7.94 1.22
CA ASP B 159 -69.47 8.69 1.32
C ASP B 159 -69.27 10.15 0.91
N ALA B 160 -68.12 10.70 1.26
CA ALA B 160 -67.87 12.11 1.03
C ALA B 160 -67.44 12.41 -0.41
N HIS B 161 -66.65 11.50 -1.01
CA HIS B 161 -66.03 11.78 -2.32
C HIS B 161 -66.36 10.81 -3.47
N GLY B 162 -66.95 9.66 -3.15
CA GLY B 162 -67.42 8.70 -4.16
C GLY B 162 -66.39 7.68 -4.67
N PHE B 163 -65.24 7.55 -3.99
CA PHE B 163 -64.26 6.49 -4.29
C PHE B 163 -64.92 5.12 -4.30
N ASP B 164 -64.50 4.25 -5.21
CA ASP B 164 -65.00 2.87 -5.25
C ASP B 164 -63.85 1.84 -5.33
N ALA B 165 -62.66 2.29 -4.93
CA ALA B 165 -61.43 1.48 -4.96
C ALA B 165 -60.57 2.00 -3.82
N PHE B 166 -59.92 1.10 -3.10
CA PHE B 166 -59.25 1.42 -1.82
C PHE B 166 -58.03 0.54 -1.63
N LYS B 167 -56.89 1.16 -1.30
CA LYS B 167 -55.68 0.39 -1.06
C LYS B 167 -55.28 0.51 0.42
N VAL B 168 -54.96 -0.63 1.04
CA VAL B 168 -54.44 -0.65 2.40
C VAL B 168 -53.08 -1.31 2.45
N ARG B 169 -52.48 -1.41 3.64
CA ARG B 169 -51.14 -1.96 3.76
C ARG B 169 -51.13 -3.33 4.38
N ALA B 170 -50.21 -4.19 3.91
CA ALA B 170 -49.94 -5.50 4.49
C ALA B 170 -48.51 -5.57 5.00
N GLY B 171 -48.28 -6.45 5.98
CA GLY B 171 -46.95 -6.63 6.55
C GLY B 171 -46.34 -5.38 7.18
N ALA B 172 -45.02 -5.38 7.30
CA ALA B 172 -44.28 -4.25 7.75
C ALA B 172 -43.40 -3.78 6.58
N GLU B 173 -43.18 -2.47 6.48
CA GLU B 173 -42.39 -1.91 5.39
C GLU B 173 -40.98 -2.53 5.35
N VAL B 174 -40.61 -3.15 4.24
CA VAL B 174 -39.32 -3.90 4.13
C VAL B 174 -39.06 -4.69 5.42
N GLY B 175 -40.08 -5.44 5.84
CA GLY B 175 -40.13 -5.99 7.18
C GLY B 175 -39.45 -7.32 7.41
N ARG B 176 -38.75 -7.83 6.40
CA ARG B 176 -38.04 -9.13 6.49
C ARG B 176 -39.00 -10.23 6.95
N GLY B 177 -40.24 -10.16 6.47
CA GLY B 177 -41.22 -11.20 6.75
C GLY B 177 -42.05 -10.95 8.00
N ARG B 178 -41.69 -9.95 8.81
CA ARG B 178 -42.46 -9.62 10.02
C ARG B 178 -43.66 -8.74 9.68
N ASP B 179 -44.80 -8.95 10.36
CA ASP B 179 -45.95 -8.08 10.21
C ASP B 179 -45.73 -6.78 11.05
N GLU B 180 -46.58 -5.76 10.86
CA GLU B 180 -46.51 -4.55 11.66
C GLU B 180 -46.74 -4.92 13.12
N TRP B 181 -47.73 -5.78 13.33
CA TRP B 181 -47.92 -6.47 14.61
C TRP B 181 -48.57 -7.80 14.31
N PRO B 182 -48.41 -8.79 15.22
CA PRO B 182 -48.90 -10.13 14.84
C PRO B 182 -50.39 -10.17 14.61
N GLY B 183 -50.78 -10.70 13.46
CA GLY B 183 -52.18 -10.76 13.09
C GLY B 183 -52.78 -9.62 12.28
N ARG B 184 -52.08 -8.48 12.14
CA ARG B 184 -52.68 -7.30 11.50
C ARG B 184 -53.14 -7.62 10.08
N THR B 185 -52.24 -8.26 9.33
CA THR B 185 -52.53 -8.53 7.92
C THR B 185 -53.69 -9.53 7.77
N GLU B 186 -53.65 -10.61 8.55
CA GLU B 186 -54.75 -11.58 8.58
C GLU B 186 -56.11 -10.97 8.95
N GLU B 187 -56.11 -9.88 9.70
CA GLU B 187 -57.36 -9.22 10.07
C GLU B 187 -57.81 -8.25 9.00
N ILE B 188 -56.87 -7.48 8.43
CA ILE B 188 -57.23 -6.38 7.55
C ILE B 188 -57.88 -6.83 6.25
N VAL B 189 -57.46 -7.99 5.77
CA VAL B 189 -57.96 -8.53 4.50
C VAL B 189 -59.47 -8.84 4.59
N PRO B 190 -59.88 -9.77 5.50
CA PRO B 190 -61.32 -10.00 5.62
C PRO B 190 -62.09 -8.77 6.11
N THR B 191 -61.45 -7.94 6.93
CA THR B 191 -62.12 -6.73 7.42
C THR B 191 -62.53 -5.81 6.28
N ARG B 193 -63.04 -6.41 3.04
CA ARG B 193 -64.11 -6.99 2.22
C ARG B 193 -65.43 -7.01 2.99
N ARG B 194 -65.40 -7.43 4.25
CA ARG B 194 -66.62 -7.38 5.05
C ARG B 194 -67.18 -5.94 5.14
N GLU B 195 -66.34 -4.99 5.54
CA GLU B 195 -66.82 -3.63 5.77
C GLU B 195 -67.16 -2.82 4.53
N GLY B 197 -68.13 -3.99 1.56
CA GLY B 197 -69.14 -4.66 0.76
C GLY B 197 -68.54 -5.38 -0.44
N ASP B 198 -69.40 -5.98 -1.26
CA ASP B 198 -68.94 -6.86 -2.33
C ASP B 198 -68.48 -6.19 -3.62
N SER B 199 -68.88 -4.96 -3.86
CA SER B 199 -68.58 -4.32 -5.14
C SER B 199 -67.29 -3.46 -5.13
N ALA B 200 -66.86 -3.02 -3.93
CA ALA B 200 -65.64 -2.19 -3.80
C ALA B 200 -64.43 -2.90 -4.41
N ALA B 201 -63.61 -2.18 -5.17
CA ALA B 201 -62.32 -2.71 -5.59
C ALA B 201 -61.31 -2.55 -4.44
N LEU B 202 -60.65 -3.64 -4.09
CA LEU B 202 -59.75 -3.67 -2.93
C LEU B 202 -58.35 -4.03 -3.36
N LEU B 203 -57.41 -3.17 -2.95
CA LEU B 203 -56.00 -3.27 -3.30
C LEU B 203 -55.18 -3.38 -2.03
N ILE B 204 -54.03 -4.05 -2.11
CA ILE B 204 -53.14 -4.07 -0.96
C ILE B 204 -51.69 -3.87 -1.42
N ASP B 205 -50.85 -3.36 -0.53
CA ASP B 205 -49.44 -3.16 -0.83
C ASP B 205 -48.62 -3.67 0.36
N ALA B 206 -47.72 -4.62 0.09
CA ALA B 206 -46.86 -5.22 1.12
C ALA B 206 -45.47 -4.57 1.25
N ASN B 207 -45.19 -3.56 0.42
CA ASN B 207 -43.91 -2.81 0.48
C ASN B 207 -42.66 -3.67 0.78
N SER B 208 -42.48 -4.72 -0.02
CA SER B 208 -41.24 -5.53 -0.05
C SER B 208 -41.06 -6.41 1.21
N CYS B 209 -42.15 -6.69 1.89
CA CYS B 209 -42.09 -7.41 3.16
C CYS B 209 -41.73 -8.90 3.08
N TYR B 210 -42.30 -9.61 2.13
CA TYR B 210 -42.35 -11.09 2.24
C TYR B 210 -41.40 -11.89 1.35
N ALA B 211 -41.02 -13.08 1.84
CA ALA B 211 -40.44 -14.13 1.00
C ALA B 211 -41.58 -14.73 0.17
N PRO B 212 -41.25 -15.38 -0.96
CA PRO B 212 -42.31 -15.89 -1.84
C PRO B 212 -43.32 -16.85 -1.17
N ALA B 213 -42.84 -17.73 -0.29
CA ALA B 213 -43.74 -18.68 0.39
C ALA B 213 -44.85 -17.97 1.16
N GLN B 214 -44.49 -17.00 2.00
CA GLN B 214 -45.48 -16.20 2.76
C GLN B 214 -46.35 -15.33 1.85
N ALA B 215 -45.75 -14.79 0.80
CA ALA B 215 -46.44 -13.90 -0.11
C ALA B 215 -47.53 -14.66 -0.85
N ILE B 216 -47.23 -15.92 -1.18
CA ILE B 216 -48.19 -16.75 -1.88
C ILE B 216 -49.37 -17.12 -0.97
N GLU B 217 -49.08 -17.47 0.29
CA GLU B 217 -50.08 -17.67 1.35
C GLU B 217 -51.02 -16.46 1.43
N LEU B 218 -50.42 -15.27 1.58
CA LEU B 218 -51.21 -14.06 1.67
C LEU B 218 -52.00 -13.87 0.37
N GLY B 219 -51.38 -14.14 -0.77
CA GLY B 219 -52.06 -14.12 -2.06
C GLY B 219 -53.35 -14.93 -2.11
N LYS B 220 -53.31 -16.15 -1.58
CA LYS B 220 -54.50 -17.03 -1.56
C LYS B 220 -55.62 -16.41 -0.72
N LEU B 221 -55.26 -15.88 0.45
CA LEU B 221 -56.17 -15.07 1.30
C LEU B 221 -56.78 -13.85 0.60
N LEU B 222 -55.97 -13.09 -0.13
CA LEU B 222 -56.49 -11.94 -0.88
C LEU B 222 -57.50 -12.44 -1.91
N GLN B 223 -57.15 -13.54 -2.58
CA GLN B 223 -58.05 -14.12 -3.59
C GLN B 223 -59.34 -14.56 -2.93
N ASP B 224 -59.23 -15.17 -1.75
CA ASP B 224 -60.39 -15.65 -1.00
C ASP B 224 -61.34 -14.54 -0.64
N HIS B 225 -60.81 -13.32 -0.50
CA HIS B 225 -61.64 -12.18 -0.17
C HIS B 225 -61.82 -11.16 -1.29
N GLY B 226 -61.52 -11.56 -2.52
CA GLY B 226 -61.84 -10.73 -3.69
C GLY B 226 -61.01 -9.46 -3.89
N PHE B 227 -59.82 -9.42 -3.29
CA PHE B 227 -58.85 -8.35 -3.60
C PHE B 227 -58.41 -8.53 -5.04
N SER B 228 -58.11 -7.43 -5.74
CA SER B 228 -57.74 -7.51 -7.15
C SER B 228 -56.34 -6.96 -7.48
N HIS B 229 -55.55 -6.61 -6.47
CA HIS B 229 -54.27 -5.91 -6.72
C HIS B 229 -53.38 -6.20 -5.55
N PHE B 230 -52.28 -6.92 -5.79
CA PHE B 230 -51.33 -7.32 -4.75
C PHE B 230 -49.98 -6.68 -5.04
N GLU B 231 -49.67 -5.59 -4.35
CA GLU B 231 -48.50 -4.79 -4.71
C GLU B 231 -47.24 -5.13 -3.93
N GLU B 232 -46.12 -5.23 -4.65
CA GLU B 232 -44.78 -5.38 -4.07
C GLU B 232 -44.71 -6.42 -2.94
N PRO B 233 -45.10 -7.67 -3.25
CA PRO B 233 -45.12 -8.70 -2.20
C PRO B 233 -43.77 -9.01 -1.61
N CYS B 234 -42.71 -8.96 -2.44
CA CYS B 234 -41.35 -9.34 -2.10
C CYS B 234 -40.42 -8.17 -2.29
N PRO B 235 -39.22 -8.23 -1.67
CA PRO B 235 -38.23 -7.19 -1.88
C PRO B 235 -38.15 -6.82 -3.37
N TYR B 236 -38.41 -5.55 -3.68
CA TYR B 236 -38.55 -5.11 -5.08
C TYR B 236 -37.30 -5.38 -5.92
N TRP B 237 -36.18 -5.48 -5.24
CA TRP B 237 -34.90 -5.73 -5.91
C TRP B 237 -34.66 -7.21 -6.25
N GLU B 238 -35.59 -8.09 -5.89
CA GLU B 238 -35.46 -9.54 -6.16
C GLU B 238 -36.52 -9.95 -7.18
N LEU B 239 -36.25 -9.65 -8.45
CA LEU B 239 -37.25 -9.83 -9.50
C LEU B 239 -37.71 -11.30 -9.63
N GLU B 240 -36.78 -12.23 -9.47
CA GLU B 240 -37.16 -13.66 -9.45
C GLU B 240 -38.17 -14.05 -8.33
N GLN B 241 -38.04 -13.44 -7.14
CA GLN B 241 -38.99 -13.68 -6.04
C GLN B 241 -40.40 -13.20 -6.43
N THR B 242 -40.46 -11.99 -6.98
CA THR B 242 -41.75 -11.41 -7.39
C THR B 242 -42.38 -12.27 -8.51
N LYS B 243 -41.57 -12.73 -9.45
CA LYS B 243 -42.09 -13.56 -10.54
C LYS B 243 -42.65 -14.88 -10.01
N GLU B 244 -41.99 -15.46 -9.01
CA GLU B 244 -42.47 -16.73 -8.44
C GLU B 244 -43.89 -16.53 -7.88
N VAL B 245 -44.10 -15.39 -7.22
CA VAL B 245 -45.42 -15.05 -6.69
C VAL B 245 -46.47 -14.82 -7.78
N SER B 246 -46.16 -13.96 -8.76
CA SER B 246 -47.01 -13.75 -9.93
C SER B 246 -47.45 -15.06 -10.59
N GLU B 247 -46.49 -15.97 -10.78
CA GLU B 247 -46.74 -17.26 -11.43
C GLU B 247 -47.68 -18.19 -10.65
N ALA B 248 -47.64 -18.11 -9.32
CA ALA B 248 -48.47 -18.99 -8.49
C ALA B 248 -49.86 -18.43 -8.21
N LEU B 249 -50.12 -17.18 -8.60
CA LEU B 249 -51.35 -16.49 -8.21
C LEU B 249 -52.17 -15.98 -9.39
N ASP B 250 -53.48 -16.00 -9.24
CA ASP B 250 -54.33 -15.37 -10.25
C ASP B 250 -54.56 -13.87 -9.99
N ILE B 251 -54.52 -13.43 -8.74
CA ILE B 251 -54.67 -11.99 -8.47
C ILE B 251 -53.50 -11.23 -9.12
N ASP B 252 -53.76 -10.04 -9.67
CA ASP B 252 -52.69 -9.23 -10.27
C ASP B 252 -51.60 -8.92 -9.24
N VAL B 253 -50.35 -9.22 -9.59
CA VAL B 253 -49.19 -8.84 -8.77
C VAL B 253 -48.52 -7.67 -9.48
N THR B 254 -48.21 -6.62 -8.72
CA THR B 254 -47.87 -5.33 -9.32
C THR B 254 -46.62 -4.78 -8.66
N GLY B 255 -45.91 -3.94 -9.38
CA GLY B 255 -44.70 -3.37 -8.81
C GLY B 255 -44.00 -2.43 -9.73
N GLY B 256 -42.98 -1.78 -9.20
CA GLY B 256 -42.01 -1.04 -9.97
C GLY B 256 -41.70 0.35 -9.47
N GLU B 257 -42.33 0.75 -8.37
CA GLU B 257 -42.30 2.16 -7.99
C GLU B 257 -40.88 2.63 -7.63
N GLN B 258 -40.04 1.71 -7.14
CA GLN B 258 -38.63 2.08 -6.81
C GLN B 258 -37.65 1.86 -7.96
N ASP B 259 -38.14 1.42 -9.10
CA ASP B 259 -37.24 1.12 -10.23
C ASP B 259 -36.96 2.35 -11.05
N CYS B 260 -35.70 2.81 -11.04
CA CYS B 260 -35.32 3.99 -11.81
C CYS B 260 -34.41 3.67 -12.99
N ASP B 261 -34.05 2.40 -13.13
CA ASP B 261 -33.10 1.93 -14.15
C ASP B 261 -33.88 1.31 -15.32
N LEU B 262 -33.75 1.89 -16.51
CA LEU B 262 -34.45 1.44 -17.72
C LEU B 262 -34.04 0.00 -18.14
N THR B 263 -32.79 -0.37 -17.85
CA THR B 263 -32.38 -1.75 -18.10
C THR B 263 -33.11 -2.73 -17.18
N THR B 264 -33.25 -2.36 -15.90
CA THR B 264 -33.99 -3.18 -14.98
C THR B 264 -35.48 -3.24 -15.41
N TRP B 265 -36.02 -2.13 -15.89
CA TRP B 265 -37.41 -2.15 -16.39
C TRP B 265 -37.56 -3.15 -17.55
N ARG B 266 -36.60 -3.13 -18.47
CA ARG B 266 -36.64 -4.02 -19.61
C ARG B 266 -36.62 -5.49 -19.16
N ARG B 267 -35.75 -5.80 -18.20
CA ARG B 267 -35.62 -7.14 -17.65
C ARG B 267 -36.91 -7.57 -16.95
N ILE B 269 -39.99 -6.47 -17.46
CA ILE B 269 -41.10 -6.61 -18.40
C ILE B 269 -40.86 -7.83 -19.28
N ASP B 270 -39.64 -8.01 -19.75
CA ASP B 270 -39.32 -9.15 -20.62
C ASP B 270 -39.56 -10.48 -19.95
N ARG B 272 -41.77 -10.82 -17.52
CA ARG B 272 -43.12 -10.68 -16.96
C ARG B 272 -43.18 -10.99 -15.49
N ALA B 273 -42.31 -10.33 -14.73
CA ALA B 273 -42.29 -10.49 -13.29
C ALA B 273 -43.60 -10.07 -12.66
N VAL B 274 -44.22 -9.03 -13.22
CA VAL B 274 -45.47 -8.47 -12.68
C VAL B 274 -46.56 -8.45 -13.74
N ASP B 275 -47.82 -8.38 -13.30
CA ASP B 275 -48.98 -8.26 -14.20
C ASP B 275 -49.32 -6.80 -14.50
N VAL B 276 -48.93 -5.89 -13.61
CA VAL B 276 -49.16 -4.45 -13.77
C VAL B 276 -47.89 -3.71 -13.38
N VAL B 277 -47.43 -2.81 -14.25
CA VAL B 277 -46.21 -2.03 -13.93
C VAL B 277 -46.56 -0.69 -13.28
N GLN B 278 -45.75 -0.27 -12.31
CA GLN B 278 -46.05 0.92 -11.50
C GLN B 278 -44.85 1.85 -11.35
N PRO B 279 -44.39 2.45 -12.45
CA PRO B 279 -43.35 3.47 -12.36
C PRO B 279 -43.83 4.69 -11.56
N ASP B 280 -42.91 5.38 -10.92
CA ASP B 280 -43.18 6.71 -10.34
C ASP B 280 -42.53 7.67 -11.31
N ILE B 281 -43.32 8.56 -11.89
CA ILE B 281 -42.82 9.50 -12.88
C ILE B 281 -41.57 10.26 -12.44
N LEU B 282 -41.55 10.67 -11.16
CA LEU B 282 -40.42 11.47 -10.69
C LEU B 282 -39.25 10.65 -10.21
N TYR B 283 -39.49 9.50 -9.56
CA TYR B 283 -38.37 8.59 -9.23
C TYR B 283 -37.67 8.06 -10.49
N LEU B 284 -38.45 7.83 -11.54
CA LEU B 284 -37.93 7.26 -12.77
C LEU B 284 -37.15 8.27 -13.61
N GLY B 285 -37.37 9.57 -13.42
CA GLY B 285 -36.62 10.57 -14.18
C GLY B 285 -37.43 11.35 -15.17
N GLY B 286 -38.75 11.28 -15.05
CA GLY B 286 -39.62 12.20 -15.81
C GLY B 286 -40.58 11.53 -16.79
N ILE B 287 -41.27 12.37 -17.54
CA ILE B 287 -42.32 11.92 -18.48
C ILE B 287 -41.74 11.11 -19.63
N CYS B 288 -40.64 11.59 -20.20
CA CYS B 288 -40.04 10.92 -21.35
C CYS B 288 -39.67 9.50 -20.98
N ARG B 289 -38.98 9.36 -19.86
CA ARG B 289 -38.55 8.06 -19.44
C ARG B 289 -39.70 7.17 -18.99
N THR B 290 -40.72 7.75 -18.38
CA THR B 290 -41.91 6.98 -18.02
C THR B 290 -42.62 6.47 -19.29
N LEU B 291 -42.66 7.28 -20.34
CA LEU B 291 -43.27 6.85 -21.61
C LEU B 291 -42.51 5.71 -22.26
N ARG B 292 -41.19 5.69 -22.10
CA ARG B 292 -40.38 4.53 -22.55
C ARG B 292 -40.81 3.26 -21.85
N VAL B 293 -40.95 3.34 -20.52
CA VAL B 293 -41.45 2.23 -19.75
C VAL B 293 -42.88 1.85 -20.19
N ALA B 294 -43.73 2.83 -20.40
CA ALA B 294 -45.13 2.54 -20.74
C ALA B 294 -45.20 1.86 -22.12
N ARG B 295 -44.33 2.28 -23.04
CA ARG B 295 -44.26 1.64 -24.37
C ARG B 295 -43.68 0.21 -24.29
N ALA B 297 -44.17 -1.70 -21.70
CA ALA B 297 -45.32 -2.43 -21.13
C ALA B 297 -46.40 -2.63 -22.21
N GLU B 298 -46.59 -1.63 -23.05
CA GLU B 298 -47.64 -1.67 -24.09
C GLU B 298 -47.37 -2.83 -25.05
N ALA B 299 -46.10 -2.95 -25.44
CA ALA B 299 -45.64 -4.00 -26.36
C ALA B 299 -45.79 -5.37 -25.71
N ALA B 300 -45.60 -5.43 -24.38
CA ALA B 300 -45.79 -6.63 -23.58
C ALA B 300 -47.24 -6.90 -23.14
N ALA B 301 -48.15 -6.04 -23.58
CA ALA B 301 -49.58 -6.08 -23.18
C ALA B 301 -49.79 -6.05 -21.66
N LEU B 302 -49.01 -5.19 -20.99
CA LEU B 302 -49.18 -4.96 -19.54
C LEU B 302 -49.75 -3.56 -19.31
N PRO B 303 -50.69 -3.42 -18.36
CA PRO B 303 -51.16 -2.10 -18.06
C PRO B 303 -50.20 -1.32 -17.16
N VAL B 304 -50.39 -0.01 -17.12
CA VAL B 304 -49.51 0.88 -16.36
C VAL B 304 -50.36 1.63 -15.33
N THR B 305 -50.06 1.39 -14.06
CA THR B 305 -50.75 2.03 -12.94
C THR B 305 -49.69 2.69 -12.04
N PRO B 306 -49.29 3.93 -12.37
CA PRO B 306 -48.15 4.58 -11.71
C PRO B 306 -48.35 4.80 -10.23
N HIS B 307 -47.22 4.90 -9.52
CA HIS B 307 -47.17 5.17 -8.09
C HIS B 307 -47.25 6.67 -7.88
N CYS B 308 -48.10 7.11 -6.96
CA CYS B 308 -48.01 8.50 -6.48
C CYS B 308 -48.26 8.63 -5.00
N ALA B 309 -47.20 8.92 -4.28
CA ALA B 309 -47.17 8.81 -2.82
C ALA B 309 -47.86 9.99 -2.11
N ASN B 310 -48.01 11.11 -2.80
CA ASN B 310 -48.52 12.33 -2.14
C ASN B 310 -49.14 13.30 -3.12
N LEU B 311 -49.67 14.41 -2.57
CA LEU B 311 -50.33 15.41 -3.40
C LEU B 311 -49.42 16.60 -3.73
N SER B 312 -48.12 16.34 -3.85
CA SER B 312 -47.28 17.23 -4.66
C SER B 312 -47.75 16.97 -6.10
N LEU B 313 -47.02 17.50 -7.08
CA LEU B 313 -47.41 17.40 -8.50
C LEU B 313 -47.30 16.01 -9.08
N VAL B 314 -46.67 15.09 -8.35
CA VAL B 314 -46.55 13.72 -8.88
C VAL B 314 -47.93 13.14 -9.27
N THR B 315 -48.96 13.46 -8.48
CA THR B 315 -50.29 12.95 -8.74
C THR B 315 -50.84 13.54 -10.04
N LEU B 316 -50.67 14.85 -10.22
CA LEU B 316 -51.14 15.53 -11.43
C LEU B 316 -50.41 15.09 -12.69
N PHE B 317 -49.10 14.93 -12.57
CA PHE B 317 -48.33 14.36 -13.68
C PHE B 317 -48.91 13.01 -14.07
N THR B 318 -49.25 12.20 -13.07
CA THR B 318 -49.80 10.87 -13.30
C THR B 318 -51.18 10.96 -13.95
N HIS B 320 -52.26 13.33 -16.04
CA HIS B 320 -52.05 13.60 -17.46
C HIS B 320 -51.60 12.34 -18.21
N LEU B 321 -50.65 11.64 -17.60
CA LEU B 321 -50.15 10.40 -18.25
C LEU B 321 -51.28 9.40 -18.47
N LEU B 322 -52.11 9.20 -17.45
CA LEU B 322 -53.19 8.22 -17.55
C LEU B 322 -54.26 8.62 -18.56
N ARG B 323 -54.40 9.92 -18.80
CA ARG B 323 -55.33 10.37 -19.85
C ARG B 323 -54.76 10.20 -21.26
N ALA B 324 -53.49 9.80 -21.38
CA ALA B 324 -52.89 9.73 -22.71
C ALA B 324 -52.50 8.35 -23.18
N ILE B 325 -51.94 7.54 -22.28
CA ILE B 325 -51.31 6.28 -22.70
C ILE B 325 -52.36 5.22 -23.04
N PRO B 326 -52.11 4.43 -24.11
CA PRO B 326 -53.16 3.50 -24.51
C PRO B 326 -53.37 2.34 -23.52
N ASN B 327 -52.31 2.01 -22.77
CA ASN B 327 -52.35 0.92 -21.84
C ASN B 327 -52.42 1.42 -20.40
N ALA B 328 -53.17 2.50 -20.19
CA ALA B 328 -53.46 2.98 -18.83
C ALA B 328 -54.10 1.87 -17.98
N GLY B 329 -53.65 1.76 -16.74
CA GLY B 329 -54.30 0.84 -15.80
C GLY B 329 -55.63 1.38 -15.30
N LYS B 330 -56.18 0.74 -14.28
CA LYS B 330 -57.58 0.96 -13.86
C LYS B 330 -57.88 2.28 -13.12
N TYR B 331 -56.85 2.87 -12.50
CA TYR B 331 -57.08 4.01 -11.61
C TYR B 331 -55.80 4.75 -11.23
N LEU B 332 -56.00 6.00 -10.81
CA LEU B 332 -54.99 6.87 -10.22
C LEU B 332 -54.80 6.59 -8.72
N GLU B 333 -53.56 6.35 -8.29
CA GLU B 333 -53.26 6.31 -6.84
C GLU B 333 -53.51 7.70 -6.22
N PHE B 334 -54.38 7.77 -5.23
CA PHE B 334 -54.76 9.08 -4.66
C PHE B 334 -54.61 9.03 -3.14
N SER B 335 -53.58 9.67 -2.61
CA SER B 335 -53.36 9.57 -1.17
C SER B 335 -54.48 10.27 -0.41
N ILE B 336 -55.05 9.55 0.55
CA ILE B 336 -56.09 10.13 1.40
C ILE B 336 -55.60 10.58 2.78
N GLU B 337 -54.28 10.57 2.97
CA GLU B 337 -53.75 11.03 4.27
C GLU B 337 -53.96 12.52 4.46
N GLY B 338 -54.13 12.96 5.71
CA GLY B 338 -54.46 14.39 5.96
C GLY B 338 -53.23 15.24 6.21
N GLU B 339 -53.43 16.52 6.55
CA GLU B 339 -52.34 17.31 7.16
C GLU B 339 -52.22 16.73 8.55
N ASP B 340 -51.01 16.41 8.94
CA ASP B 340 -50.70 15.59 10.11
C ASP B 340 -49.76 14.59 9.52
N TYR B 341 -50.12 14.11 8.33
CA TYR B 341 -49.26 13.16 7.65
C TYR B 341 -48.27 13.86 6.73
N TYR B 342 -48.75 14.79 5.92
CA TYR B 342 -47.93 15.53 4.98
C TYR B 342 -48.10 17.04 5.24
N PRO B 343 -47.60 17.57 6.39
CA PRO B 343 -47.88 19.00 6.65
C PRO B 343 -47.24 19.92 5.60
N TRP B 344 -46.16 19.46 4.96
CA TRP B 344 -45.50 20.21 3.90
C TRP B 344 -46.33 20.35 2.60
N GLN B 345 -47.34 19.49 2.39
CA GLN B 345 -48.06 19.49 1.09
C GLN B 345 -49.13 20.57 1.01
N ASP B 346 -49.35 21.25 2.14
CA ASP B 346 -50.30 22.37 2.23
C ASP B 346 -49.82 23.66 1.57
N GLY B 347 -50.70 24.25 0.78
CA GLY B 347 -50.45 25.56 0.21
C GLY B 347 -49.35 25.58 -0.84
N LEU B 348 -49.25 24.50 -1.60
CA LEU B 348 -48.26 24.44 -2.69
C LEU B 348 -48.73 25.18 -3.94
N PHE B 349 -50.04 25.19 -4.16
CA PHE B 349 -50.59 25.63 -5.47
C PHE B 349 -51.62 26.74 -5.31
N VAL B 350 -51.70 27.61 -6.31
CA VAL B 350 -52.68 28.70 -6.33
C VAL B 350 -54.13 28.14 -6.30
N GLU B 351 -54.37 27.11 -7.10
CA GLU B 351 -55.69 26.50 -7.23
C GLU B 351 -55.51 25.00 -7.00
N ASP B 352 -56.41 24.38 -6.27
CA ASP B 352 -56.34 22.94 -5.99
C ASP B 352 -56.64 22.08 -7.24
N PRO B 353 -55.65 21.31 -7.75
CA PRO B 353 -55.97 20.48 -8.93
C PRO B 353 -56.54 19.09 -8.58
N TYR B 354 -56.78 18.84 -7.30
CA TYR B 354 -57.14 17.51 -6.83
C TYR B 354 -58.53 17.36 -6.23
N ARG B 355 -59.50 18.15 -6.68
CA ARG B 355 -60.88 17.89 -6.27
C ARG B 355 -61.32 16.54 -6.83
N ILE B 356 -61.96 15.75 -5.99
CA ILE B 356 -62.50 14.45 -6.38
C ILE B 356 -64.05 14.53 -6.47
N GLU B 357 -64.60 14.07 -7.59
CA GLU B 357 -66.04 14.05 -7.86
C GLU B 357 -66.43 12.63 -8.28
N ASP B 358 -67.30 11.98 -7.49
CA ASP B 358 -67.70 10.59 -7.74
C ASP B 358 -66.52 9.67 -8.03
N GLY B 359 -65.50 9.83 -7.17
CA GLY B 359 -64.38 8.91 -7.16
C GLY B 359 -63.43 9.18 -8.29
N HIS B 360 -63.62 10.29 -8.99
CA HIS B 360 -62.77 10.64 -10.13
C HIS B 360 -62.05 11.94 -9.94
N ALA B 361 -60.79 11.99 -10.40
CA ALA B 361 -60.03 13.24 -10.54
C ALA B 361 -60.22 13.77 -11.96
N ARG B 362 -59.78 15.00 -12.20
CA ARG B 362 -60.03 15.64 -13.52
C ARG B 362 -58.87 16.46 -14.02
N VAL B 363 -58.43 16.17 -15.25
CA VAL B 363 -57.49 17.02 -15.97
C VAL B 363 -58.30 18.02 -16.79
N THR B 364 -57.95 19.31 -16.70
CA THR B 364 -58.70 20.37 -17.37
C THR B 364 -58.02 20.72 -18.67
N GLU B 365 -58.63 21.63 -19.42
CA GLU B 365 -58.05 22.03 -20.70
C GLU B 365 -56.94 23.08 -20.54
N ALA B 366 -56.60 23.44 -19.30
CA ALA B 366 -55.54 24.45 -19.07
C ALA B 366 -54.20 23.99 -19.69
N PRO B 367 -53.47 24.91 -20.38
CA PRO B 367 -52.24 24.53 -21.07
C PRO B 367 -51.15 24.05 -20.12
N GLY B 368 -50.29 23.14 -20.58
CA GLY B 368 -49.28 22.56 -19.70
C GLY B 368 -49.88 21.69 -18.63
N TRP B 369 -49.38 21.78 -17.39
CA TRP B 369 -49.92 20.96 -16.29
C TRP B 369 -51.21 21.54 -15.75
N GLY B 370 -51.40 22.83 -16.01
CA GLY B 370 -52.59 23.55 -15.62
C GLY B 370 -52.57 23.92 -14.14
N VAL B 371 -51.38 24.15 -13.58
CA VAL B 371 -51.20 24.49 -12.14
C VAL B 371 -50.25 25.68 -12.06
N GLU B 372 -50.39 26.50 -11.02
CA GLU B 372 -49.42 27.55 -10.73
C GLU B 372 -48.88 27.29 -9.33
N ILE B 373 -47.56 27.46 -9.14
CA ILE B 373 -47.00 27.30 -7.81
C ILE B 373 -47.42 28.56 -7.02
N CYS B 374 -47.89 28.35 -5.79
CA CYS B 374 -48.30 29.46 -4.90
C CYS B 374 -47.16 30.49 -4.67
N PRO B 375 -47.42 31.79 -4.94
CA PRO B 375 -46.29 32.74 -4.78
C PRO B 375 -45.81 32.82 -3.34
N GLU B 376 -46.69 32.54 -2.39
CA GLU B 376 -46.31 32.58 -0.98
C GLU B 376 -45.29 31.47 -0.65
N TRP B 377 -45.58 30.27 -1.18
CA TRP B 377 -44.65 29.14 -1.02
C TRP B 377 -43.32 29.49 -1.68
N LEU B 378 -43.32 30.02 -2.89
CA LEU B 378 -42.07 30.38 -3.52
C LEU B 378 -41.24 31.41 -2.71
N ALA B 379 -41.94 32.37 -2.11
CA ALA B 379 -41.27 33.42 -1.32
C ALA B 379 -40.39 32.80 -0.23
N ARG B 380 -40.88 31.73 0.36
CA ARG B 380 -40.23 31.09 1.50
C ARG B 380 -39.19 30.05 1.07
N SER B 381 -39.07 29.83 -0.23
CA SER B 381 -38.22 28.75 -0.76
C SER B 381 -36.72 29.11 -0.87
N ALA B 382 -35.88 28.08 -1.00
CA ALA B 382 -34.47 28.27 -1.34
C ALA B 382 -34.33 28.29 -2.85
N TYR B 383 -33.76 29.38 -3.38
CA TYR B 383 -33.62 29.58 -4.83
C TYR B 383 -32.20 29.26 -5.29
N LYS B 384 -32.08 28.62 -6.45
CA LYS B 384 -30.80 28.41 -7.08
C LYS B 384 -30.97 28.46 -8.59
N VAL B 385 -30.04 29.09 -9.29
CA VAL B 385 -30.13 29.19 -10.75
C VAL B 385 -28.81 28.78 -11.45
N SER B 386 -28.97 28.11 -12.58
CA SER B 386 -27.88 27.86 -13.51
C SER B 386 -28.26 28.45 -14.85
N ARG B 387 -27.29 29.14 -15.48
CA ARG B 387 -27.51 29.81 -16.77
C ARG B 387 -26.55 29.29 -17.84
N ALA B 388 -27.02 29.28 -19.09
CA ALA B 388 -26.22 28.78 -20.23
C ALA B 388 -24.96 29.62 -20.47
N PHE C 20 21.95 15.49 -14.68
CA PHE C 20 23.44 15.42 -14.85
C PHE C 20 23.88 14.70 -16.12
N GLN C 21 24.68 15.41 -16.93
CA GLN C 21 25.32 14.86 -18.13
C GLN C 21 26.21 13.64 -17.84
N SER C 22 26.47 12.83 -18.86
CA SER C 22 27.30 11.64 -18.72
C SER C 22 28.73 12.02 -18.35
N LYS C 24 32.46 10.02 -16.94
CA LYS C 24 33.17 8.78 -16.66
C LYS C 24 34.39 9.13 -15.85
N LEU C 25 34.62 8.42 -14.74
CA LEU C 25 35.84 8.65 -13.95
C LEU C 25 37.03 7.89 -14.55
N THR C 26 38.16 8.57 -14.68
CA THR C 26 39.37 7.93 -15.20
C THR C 26 40.39 7.68 -14.11
N ALA C 27 40.20 8.30 -12.95
CA ALA C 27 41.10 8.08 -11.83
C ALA C 27 40.45 8.32 -10.48
N ILE C 28 40.88 7.55 -9.49
CA ILE C 28 40.44 7.74 -8.11
C ILE C 28 41.67 7.62 -7.24
N GLU C 29 41.92 8.66 -6.44
CA GLU C 29 43.10 8.73 -5.62
C GLU C 29 42.70 8.88 -4.19
N THR C 30 43.44 8.24 -3.28
CA THR C 30 43.26 8.44 -1.84
C THR C 30 44.53 8.95 -1.17
N PHE C 31 44.32 9.77 -0.14
CA PHE C 31 45.38 10.34 0.67
C PHE C 31 44.92 10.19 2.10
N THR C 32 45.58 9.31 2.84
CA THR C 32 45.03 8.88 4.12
C THR C 32 46.06 8.76 5.23
N ASN C 33 45.56 8.85 6.45
CA ASN C 33 46.21 8.21 7.57
C ASN C 33 45.21 7.28 8.27
N GLU C 34 45.48 6.88 9.51
CA GLU C 34 44.55 5.96 10.19
C GLU C 34 43.28 6.64 10.65
N PHE C 35 43.26 7.96 10.72
CA PHE C 35 42.12 8.67 11.28
C PHE C 35 41.17 9.22 10.23
N VAL C 36 41.74 9.68 9.11
CA VAL C 36 40.92 10.33 8.08
C VAL C 36 41.60 10.18 6.73
N GLY C 37 40.79 10.04 5.68
CA GLY C 37 41.31 9.87 4.31
C GLY C 37 40.46 10.65 3.34
N PHE C 38 41.11 11.38 2.44
CA PHE C 38 40.44 12.18 1.40
C PHE C 38 40.54 11.50 0.07
N VAL C 39 39.57 11.77 -0.78
CA VAL C 39 39.47 11.13 -2.07
C VAL C 39 39.49 12.22 -3.14
N ARG C 40 40.35 12.07 -4.14
CA ARG C 40 40.28 12.91 -5.32
C ARG C 40 39.86 12.09 -6.53
N VAL C 41 38.78 12.52 -7.20
CA VAL C 41 38.36 11.85 -8.43
C VAL C 41 38.63 12.74 -9.63
N THR C 42 38.93 12.10 -10.77
CA THR C 42 39.22 12.80 -12.04
C THR C 42 38.32 12.24 -13.14
N SER C 43 37.63 13.11 -13.89
CA SER C 43 36.75 12.66 -14.97
C SER C 43 37.54 12.64 -16.29
N GLU C 44 36.92 12.18 -17.37
CA GLU C 44 37.67 12.05 -18.63
C GLU C 44 38.14 13.40 -19.24
N ASP C 45 37.40 14.48 -18.99
CA ASP C 45 37.84 15.82 -19.41
C ASP C 45 38.89 16.47 -18.48
N GLY C 46 39.34 15.74 -17.47
CA GLY C 46 40.35 16.27 -16.55
C GLY C 46 39.87 17.06 -15.33
N ALA C 47 38.57 17.28 -15.21
CA ALA C 47 38.00 17.97 -14.03
C ALA C 47 38.18 17.10 -12.78
N ARG C 48 38.35 17.72 -11.61
CA ARG C 48 38.58 16.95 -10.37
C ARG C 48 37.69 17.43 -9.22
N GLY C 49 37.38 16.50 -8.31
CA GLY C 49 36.62 16.83 -7.09
C GLY C 49 37.24 16.11 -5.91
N TRP C 50 37.00 16.66 -4.73
CA TRP C 50 37.52 16.10 -3.49
C TRP C 50 36.40 15.66 -2.57
N GLY C 51 36.57 14.52 -1.94
CA GLY C 51 35.63 14.06 -0.92
C GLY C 51 36.42 13.44 0.22
N GLN C 52 35.73 12.69 1.07
CA GLN C 52 36.37 12.10 2.23
C GLN C 52 35.67 10.78 2.54
N VAL C 53 36.44 9.75 2.88
CA VAL C 53 35.82 8.54 3.43
C VAL C 53 35.50 8.80 4.89
N SER C 54 34.69 7.94 5.49
CA SER C 54 34.51 8.03 6.93
C SER C 54 35.83 8.02 7.72
N THR C 55 35.87 8.86 8.76
CA THR C 55 36.94 8.84 9.76
C THR C 55 36.94 7.49 10.49
N TYR C 56 38.10 7.16 11.06
CA TYR C 56 38.36 6.03 11.97
C TYR C 56 38.75 4.78 11.15
N HIS C 57 40.00 4.34 11.30
CA HIS C 57 40.56 3.26 10.46
C HIS C 57 40.37 3.59 8.98
N SER C 58 40.57 4.86 8.63
CA SER C 58 40.38 5.33 7.25
C SER C 58 41.35 4.68 6.27
N ASP C 59 42.50 4.28 6.78
CA ASP C 59 43.47 3.56 5.95
C ASP C 59 42.93 2.19 5.49
N ILE C 60 42.22 1.49 6.37
CA ILE C 60 41.56 0.23 5.97
C ILE C 60 40.45 0.53 4.97
N THR C 61 39.68 1.57 5.28
CA THR C 61 38.65 2.01 4.36
C THR C 61 39.20 2.33 2.96
N CYS C 62 40.37 2.98 2.89
CA CYS C 62 40.91 3.34 1.59
C CYS C 62 41.36 2.10 0.82
N GLU C 63 41.80 1.07 1.53
CA GLU C 63 42.16 -0.17 0.87
C GLU C 63 40.93 -0.85 0.25
N VAL C 64 39.83 -0.86 1.02
CA VAL C 64 38.55 -1.35 0.56
C VAL C 64 38.08 -0.55 -0.65
N LEU C 65 38.26 0.77 -0.62
CA LEU C 65 37.84 1.61 -1.73
C LEU C 65 38.53 1.14 -3.01
N HIS C 66 39.85 1.03 -2.95
CA HIS C 66 40.59 0.59 -4.17
C HIS C 66 40.31 -0.85 -4.57
N ARG C 67 40.15 -1.72 -3.58
CA ARG C 67 39.93 -3.15 -3.87
C ARG C 67 38.51 -3.42 -4.38
N GLN C 68 37.52 -2.72 -3.82
CA GLN C 68 36.10 -3.14 -4.00
C GLN C 68 35.12 -2.07 -4.49
N VAL C 69 35.57 -0.81 -4.55
CA VAL C 69 34.69 0.26 -5.07
C VAL C 69 35.21 0.78 -6.43
N ALA C 70 36.47 1.17 -6.46
CA ALA C 70 37.04 1.69 -7.71
C ALA C 70 36.87 0.79 -8.96
N PRO C 71 37.08 -0.57 -8.86
CA PRO C 71 36.98 -1.37 -10.09
C PRO C 71 35.63 -1.32 -10.72
N TRP C 72 34.59 -1.02 -9.93
CA TRP C 72 33.22 -0.96 -10.46
C TRP C 72 32.81 0.42 -10.91
N LEU C 74 35.28 3.14 -11.98
CA LEU C 74 36.15 3.66 -13.06
C LEU C 74 35.69 3.26 -14.44
N GLY C 75 35.69 4.21 -15.37
CA GLY C 75 35.32 3.95 -16.75
C GLY C 75 33.84 3.79 -16.99
N GLN C 76 33.01 4.11 -15.99
CA GLN C 76 31.57 3.84 -16.08
C GLN C 76 30.82 5.14 -15.99
N ASP C 77 29.70 5.26 -16.71
CA ASP C 77 28.93 6.49 -16.68
C ASP C 77 28.39 6.76 -15.27
N CYS C 78 28.67 7.97 -14.78
CA CYS C 78 28.34 8.45 -13.43
C CYS C 78 27.00 9.14 -13.27
N SER C 79 26.39 9.53 -14.39
CA SER C 79 25.20 10.36 -14.35
C SER C 79 24.05 9.80 -13.50
N ASP C 80 23.74 8.50 -13.63
CA ASP C 80 22.82 7.84 -12.68
C ASP C 80 23.67 7.26 -11.53
N LEU C 81 24.14 8.16 -10.66
CA LEU C 81 25.01 7.80 -9.56
C LEU C 81 24.35 6.87 -8.57
N ASP C 82 23.05 7.05 -8.32
CA ASP C 82 22.34 6.11 -7.44
C ASP C 82 22.41 4.68 -7.96
N ASP C 83 22.19 4.50 -9.25
CA ASP C 83 22.21 3.15 -9.81
C ASP C 83 23.64 2.56 -9.76
N LEU C 84 24.65 3.39 -10.05
CA LEU C 84 26.03 2.91 -9.98
C LEU C 84 26.42 2.47 -8.56
N LEU C 85 26.02 3.26 -7.56
CA LEU C 85 26.27 2.89 -6.17
C LEU C 85 25.58 1.58 -5.80
N ASP C 86 24.36 1.40 -6.29
CA ASP C 86 23.65 0.13 -6.09
C ASP C 86 24.42 -1.03 -6.75
N LEU C 87 24.96 -0.78 -7.93
CA LEU C 87 25.74 -1.81 -8.62
C LEU C 87 26.97 -2.23 -7.82
N VAL C 88 27.67 -1.26 -7.24
CA VAL C 88 28.77 -1.57 -6.33
C VAL C 88 28.31 -2.53 -5.19
N THR C 89 27.20 -2.19 -4.52
CA THR C 89 26.76 -3.03 -3.37
C THR C 89 26.32 -4.42 -3.86
N GLU C 90 25.89 -4.50 -5.12
CA GLU C 90 25.44 -5.77 -5.70
C GLU C 90 26.64 -6.60 -6.15
N ARG C 91 27.59 -5.97 -6.83
CA ARG C 91 28.83 -6.69 -7.20
C ARG C 91 29.63 -7.13 -5.97
N GLU C 92 29.53 -6.36 -4.89
CA GLU C 92 30.17 -6.73 -3.65
C GLU C 92 29.15 -7.20 -2.58
N HIS C 93 28.18 -8.03 -3.00
CA HIS C 93 27.12 -8.46 -2.10
C HIS C 93 27.58 -9.39 -0.98
N LYS C 94 28.80 -9.93 -1.11
CA LYS C 94 29.39 -10.75 -0.07
C LYS C 94 29.95 -9.91 1.07
N PHE C 95 29.89 -8.60 0.91
CA PHE C 95 30.45 -7.68 1.89
C PHE C 95 29.41 -6.70 2.39
N PRO C 96 28.30 -7.21 2.96
CA PRO C 96 27.39 -6.28 3.57
C PRO C 96 28.08 -5.51 4.72
N GLY C 97 27.61 -4.31 5.00
CA GLY C 97 28.06 -3.64 6.19
C GLY C 97 28.95 -2.45 5.93
N SER C 98 29.68 -2.08 6.98
CA SER C 98 30.20 -0.71 7.13
C SER C 98 31.35 -0.34 6.17
N TYR C 99 32.37 -1.20 6.07
CA TYR C 99 33.58 -0.75 5.34
C TYR C 99 33.31 -0.39 3.90
N LEU C 100 32.55 -1.23 3.20
CA LEU C 100 32.25 -0.94 1.79
C LEU C 100 31.54 0.42 1.67
N ARG C 101 30.62 0.68 2.61
CA ARG C 101 29.84 1.93 2.55
C ARG C 101 30.65 3.17 2.95
N ARG C 102 31.51 3.05 3.96
CA ARG C 102 32.49 4.09 4.31
C ARG C 102 33.36 4.49 3.11
N ALA C 103 33.69 3.51 2.28
CA ALA C 103 34.56 3.71 1.12
C ALA C 103 33.82 4.36 -0.05
N ALA C 105 31.33 6.18 0.20
CA ALA C 105 31.04 7.55 0.61
C ALA C 105 32.13 8.52 0.16
N GLY C 106 33.38 8.06 0.15
CA GLY C 106 34.47 8.91 -0.35
C GLY C 106 34.36 9.24 -1.83
N VAL C 107 33.94 8.27 -2.64
CA VAL C 107 33.80 8.49 -4.10
C VAL C 107 32.55 9.36 -4.38
N ASP C 108 31.45 9.06 -3.70
CA ASP C 108 30.23 9.84 -3.83
C ASP C 108 30.51 11.32 -3.46
N THR C 109 31.13 11.57 -2.32
CA THR C 109 31.31 12.97 -1.93
C THR C 109 32.28 13.72 -2.87
N ALA C 110 33.28 13.02 -3.39
CA ALA C 110 34.18 13.60 -4.38
C ALA C 110 33.48 13.94 -5.69
N ILE C 111 32.56 13.08 -6.14
CA ILE C 111 31.76 13.37 -7.34
C ILE C 111 30.89 14.60 -7.15
N TRP C 112 30.31 14.76 -5.96
CA TRP C 112 29.49 15.95 -5.72
C TRP C 112 30.33 17.23 -5.75
N ASP C 113 31.52 17.20 -5.17
CA ASP C 113 32.43 18.34 -5.26
C ASP C 113 32.76 18.66 -6.73
N LEU C 114 33.05 17.63 -7.52
CA LEU C 114 33.38 17.84 -8.94
C LEU C 114 32.19 18.47 -9.66
N ARG C 115 31.00 17.93 -9.43
CA ARG C 115 29.78 18.47 -10.00
C ARG C 115 29.56 19.96 -9.65
N GLY C 116 29.78 20.30 -8.39
CA GLY C 116 29.63 21.68 -7.90
C GLY C 116 30.61 22.61 -8.61
N LYS C 117 31.86 22.15 -8.75
CA LYS C 117 32.92 22.92 -9.40
C LYS C 117 32.68 23.11 -10.89
N GLN C 118 32.21 22.06 -11.55
CA GLN C 118 31.75 22.16 -12.94
C GLN C 118 30.61 23.17 -13.17
N ALA C 119 29.68 23.24 -12.22
CA ALA C 119 28.53 24.12 -12.35
C ALA C 119 28.76 25.50 -11.74
N GLY C 120 29.89 25.67 -11.05
CA GLY C 120 30.16 26.88 -10.26
C GLY C 120 29.13 27.09 -9.15
N LYS C 121 28.70 26.00 -8.52
CA LYS C 121 27.65 26.08 -7.48
C LYS C 121 28.05 25.26 -6.25
N PRO C 122 27.75 25.75 -5.02
CA PRO C 122 27.94 24.89 -3.84
C PRO C 122 27.06 23.65 -3.95
N VAL C 123 27.50 22.55 -3.38
CA VAL C 123 26.68 21.31 -3.42
C VAL C 123 25.25 21.55 -2.92
N ALA C 124 25.08 22.31 -1.82
CA ALA C 124 23.72 22.62 -1.32
C ALA C 124 22.80 23.17 -2.41
N GLU C 125 23.36 23.95 -3.33
CA GLU C 125 22.57 24.52 -4.40
C GLU C 125 22.20 23.48 -5.43
N LEU C 126 23.16 22.63 -5.79
CA LEU C 126 22.88 21.51 -6.69
C LEU C 126 21.78 20.64 -6.11
N LEU C 127 21.74 20.51 -4.78
CA LEU C 127 20.74 19.62 -4.16
C LEU C 127 19.36 20.25 -4.03
N GLY C 128 19.23 21.48 -4.52
CA GLY C 128 17.95 22.20 -4.48
C GLY C 128 17.83 23.27 -3.41
N GLY C 129 18.89 23.50 -2.65
CA GLY C 129 18.89 24.48 -1.58
C GLY C 129 19.68 25.71 -1.98
N SER C 130 20.34 26.33 -1.00
CA SER C 130 21.19 27.48 -1.27
C SER C 130 22.16 27.65 -0.12
N ALA C 131 23.22 28.42 -0.38
CA ALA C 131 24.14 28.90 0.63
C ALA C 131 23.34 29.61 1.73
N GLY C 132 23.83 29.53 2.96
CA GLY C 132 23.17 30.15 4.09
C GLY C 132 23.59 29.52 5.39
N THR C 133 22.87 29.86 6.44
CA THR C 133 23.30 29.51 7.78
C THR C 133 22.52 28.29 8.26
N ILE C 134 23.10 27.60 9.25
CA ILE C 134 22.47 26.43 9.87
C ILE C 134 22.68 26.57 11.36
N ARG C 135 21.60 26.51 12.13
CA ARG C 135 21.71 26.50 13.58
C ARG C 135 22.53 25.26 14.00
N ALA C 136 23.46 25.42 14.92
CA ALA C 136 24.29 24.30 15.39
C ALA C 136 23.96 23.97 16.82
N TYR C 137 24.06 22.69 17.19
CA TYR C 137 24.09 22.36 18.61
C TYR C 137 25.45 21.94 19.08
N ALA C 138 25.80 22.40 20.28
CA ALA C 138 27.09 22.08 20.87
C ALA C 138 27.06 20.65 21.41
N SER C 139 27.84 19.79 20.78
CA SER C 139 27.77 18.36 21.08
C SER C 139 29.01 17.91 21.85
N SER C 140 28.78 17.48 23.09
CA SER C 140 29.78 16.82 23.87
C SER C 140 29.83 15.33 23.54
N LYS C 142 31.84 13.28 25.60
CA LYS C 142 32.39 12.67 26.81
C LYS C 142 31.39 12.14 27.81
N ARG C 143 31.72 11.00 28.40
CA ARG C 143 31.04 10.52 29.60
C ARG C 143 31.92 10.62 30.84
N ASP C 144 33.22 10.82 30.64
CA ASP C 144 34.14 10.87 31.78
C ASP C 144 34.12 12.25 32.49
N ILE C 145 33.44 13.22 31.88
CA ILE C 145 33.28 14.57 32.42
C ILE C 145 32.16 14.64 33.49
N THR C 146 32.41 15.34 34.60
CA THR C 146 31.35 15.47 35.64
C THR C 146 30.24 16.39 35.12
N PRO C 147 28.99 16.19 35.58
CA PRO C 147 27.92 17.11 35.20
C PRO C 147 28.29 18.56 35.44
N HIS C 148 28.87 18.86 36.62
CA HIS C 148 29.36 20.19 36.92
C HIS C 148 30.25 20.77 35.81
N ASP C 149 31.30 20.04 35.44
CA ASP C 149 32.27 20.53 34.45
C ASP C 149 31.67 20.64 33.05
N GLU C 150 30.71 19.76 32.75
CA GLU C 150 30.02 19.75 31.46
C GLU C 150 29.21 21.06 31.34
N ALA C 151 28.39 21.33 32.34
CA ALA C 151 27.67 22.59 32.44
C ALA C 151 28.59 23.80 32.32
N GLU C 152 29.71 23.78 33.04
CA GLU C 152 30.65 24.90 33.00
C GLU C 152 31.18 25.16 31.60
N ARG C 153 31.59 24.11 30.90
CA ARG C 153 32.16 24.34 29.58
C ARG C 153 31.10 24.74 28.57
N LYS C 155 28.51 26.62 29.25
CA LYS C 155 28.30 28.05 29.47
C LYS C 155 29.37 28.90 28.77
N ARG C 156 30.64 28.46 28.82
CA ARG C 156 31.73 29.20 28.14
C ARG C 156 31.50 29.23 26.65
N LEU C 157 31.02 28.11 26.11
CA LEU C 157 30.86 27.96 24.66
C LEU C 157 29.74 28.83 24.13
N ARG C 158 28.65 28.87 24.90
CA ARG C 158 27.52 29.73 24.60
C ARG C 158 27.96 31.20 24.61
N ASP C 159 28.74 31.59 25.61
CA ASP C 159 29.27 32.96 25.68
C ASP C 159 30.18 33.30 24.52
N ALA C 160 31.09 32.37 24.19
CA ALA C 160 32.05 32.59 23.13
C ALA C 160 31.44 32.56 21.73
N HIS C 161 30.45 31.70 21.50
CA HIS C 161 29.99 31.41 20.14
C HIS C 161 28.50 31.61 19.85
N GLY C 162 27.69 31.72 20.89
CA GLY C 162 26.25 31.95 20.72
C GLY C 162 25.40 30.69 20.53
N PHE C 163 25.95 29.51 20.82
CA PHE C 163 25.15 28.26 20.86
C PHE C 163 23.90 28.40 21.73
N ASP C 164 22.76 27.86 21.28
CA ASP C 164 21.54 27.84 22.09
C ASP C 164 20.94 26.42 22.22
N ALA C 165 21.76 25.43 21.89
CA ALA C 165 21.36 24.03 21.94
C ALA C 165 22.61 23.22 22.28
N PHE C 166 22.46 22.21 23.14
CA PHE C 166 23.58 21.52 23.78
C PHE C 166 23.24 20.05 24.00
N LYS C 167 24.16 19.16 23.61
CA LYS C 167 23.96 17.73 23.79
C LYS C 167 24.96 17.14 24.74
N VAL C 168 24.45 16.39 25.71
CA VAL C 168 25.28 15.66 26.67
C VAL C 168 25.03 14.16 26.58
N ARG C 169 25.74 13.38 27.39
CA ARG C 169 25.64 11.94 27.32
C ARG C 169 24.99 11.35 28.55
N ALA C 170 24.20 10.31 28.34
CA ALA C 170 23.60 9.52 29.42
C ALA C 170 24.14 8.08 29.44
N GLY C 171 24.00 7.41 30.58
CA GLY C 171 24.39 6.01 30.71
C GLY C 171 25.85 5.77 30.37
N ALA C 172 26.19 4.51 30.08
CA ALA C 172 27.52 4.16 29.55
C ALA C 172 27.33 3.67 28.11
N GLU C 173 28.30 3.95 27.24
CA GLU C 173 28.26 3.52 25.84
C GLU C 173 28.06 2.01 25.70
N VAL C 174 27.00 1.59 25.00
CA VAL C 174 26.61 0.18 24.90
C VAL C 174 26.77 -0.47 26.32
N GLY C 175 26.22 0.23 27.32
CA GLY C 175 26.51 -0.07 28.71
C GLY C 175 25.66 -1.14 29.36
N ARG C 176 24.81 -1.82 28.59
CA ARG C 176 23.95 -2.89 29.11
C ARG C 176 23.21 -2.44 30.37
N GLY C 177 22.70 -1.20 30.33
CA GLY C 177 21.85 -0.65 31.38
C GLY C 177 22.61 -0.07 32.55
N ARG C 178 23.94 -0.17 32.53
CA ARG C 178 24.79 0.45 33.55
C ARG C 178 25.13 1.89 33.21
N ASP C 179 25.23 2.74 34.22
CA ASP C 179 25.63 4.13 34.03
C ASP C 179 27.15 4.20 34.04
N GLU C 180 27.70 5.33 33.64
CA GLU C 180 29.15 5.54 33.59
C GLU C 180 29.78 5.44 34.98
N TRP C 181 29.12 6.07 35.95
CA TRP C 181 29.32 5.81 37.38
C TRP C 181 27.92 5.94 38.03
N PRO C 182 27.66 5.26 39.17
CA PRO C 182 26.31 5.33 39.76
C PRO C 182 25.84 6.76 40.01
N GLY C 183 24.68 7.12 39.45
CA GLY C 183 24.07 8.44 39.67
C GLY C 183 24.49 9.57 38.73
N ARG C 184 25.37 9.29 37.76
CA ARG C 184 25.83 10.34 36.86
C ARG C 184 24.68 10.93 36.02
N THR C 185 23.81 10.05 35.53
CA THR C 185 22.74 10.44 34.59
C THR C 185 21.61 11.15 35.34
N GLU C 186 21.22 10.60 36.50
CA GLU C 186 20.26 11.25 37.40
C GLU C 186 20.72 12.66 37.77
N GLU C 187 22.03 12.85 37.83
CA GLU C 187 22.57 14.18 38.11
C GLU C 187 22.66 15.13 36.90
N ILE C 188 23.12 14.61 35.76
CA ILE C 188 23.41 15.53 34.65
C ILE C 188 22.13 16.16 34.11
N VAL C 189 21.02 15.43 34.18
CA VAL C 189 19.74 15.92 33.64
C VAL C 189 19.29 17.21 34.37
N PRO C 190 19.04 17.13 35.70
CA PRO C 190 18.60 18.39 36.33
C PRO C 190 19.67 19.47 36.30
N THR C 191 20.95 19.07 36.34
CA THR C 191 22.09 20.01 36.31
C THR C 191 22.11 20.87 35.04
N ARG C 193 19.59 21.54 33.05
CA ARG C 193 18.44 22.46 32.98
C ARG C 193 18.62 23.64 33.98
N ARG C 194 19.07 23.33 35.19
CA ARG C 194 19.35 24.36 36.19
C ARG C 194 20.42 25.33 35.70
N GLU C 195 21.56 24.79 35.26
CA GLU C 195 22.70 25.65 34.93
C GLU C 195 22.54 26.45 33.64
N GLY C 197 19.66 27.30 32.15
CA GLY C 197 18.48 28.17 32.15
C GLY C 197 17.35 27.57 31.35
N ASP C 198 16.22 28.25 31.33
CA ASP C 198 15.00 27.65 30.80
C ASP C 198 14.74 27.74 29.30
N SER C 199 15.53 28.53 28.58
CA SER C 199 15.33 28.69 27.14
C SER C 199 16.24 27.78 26.30
N ALA C 200 17.35 27.33 26.88
CA ALA C 200 18.30 26.51 26.12
C ALA C 200 17.66 25.20 25.65
N ALA C 201 17.92 24.79 24.40
CA ALA C 201 17.48 23.49 23.94
C ALA C 201 18.47 22.43 24.43
N LEU C 202 17.94 21.39 25.06
CA LEU C 202 18.78 20.38 25.73
C LEU C 202 18.48 19.02 25.14
N LEU C 203 19.57 18.38 24.71
CA LEU C 203 19.58 17.10 24.00
C LEU C 203 20.40 16.13 24.83
N ILE C 204 20.07 14.84 24.74
CA ILE C 204 20.88 13.81 25.38
C ILE C 204 21.04 12.58 24.46
N ASP C 205 22.17 11.90 24.57
CA ASP C 205 22.44 10.71 23.78
C ASP C 205 22.86 9.58 24.74
N ALA C 206 22.14 8.47 24.68
CA ALA C 206 22.39 7.31 25.54
C ALA C 206 23.29 6.25 24.88
N ASN C 207 23.67 6.47 23.62
CA ASN C 207 24.50 5.48 22.87
C ASN C 207 24.21 3.98 23.17
N SER C 208 22.97 3.55 23.01
CA SER C 208 22.59 2.12 23.01
C SER C 208 22.63 1.46 24.41
N CYS C 209 22.56 2.28 25.45
CA CYS C 209 22.76 1.78 26.82
C CYS C 209 21.60 0.96 27.37
N TYR C 210 20.37 1.40 27.17
CA TYR C 210 19.26 0.94 28.03
C TYR C 210 18.31 -0.12 27.47
N ALA C 211 17.75 -0.94 28.36
CA ALA C 211 16.53 -1.69 28.03
C ALA C 211 15.36 -0.69 27.96
N PRO C 212 14.29 -1.01 27.20
CA PRO C 212 13.19 -0.03 27.06
C PRO C 212 12.58 0.54 28.35
N ALA C 213 12.28 -0.31 29.34
CA ALA C 213 11.72 0.21 30.59
C ALA C 213 12.68 1.17 31.29
N GLN C 214 13.98 0.90 31.25
CA GLN C 214 15.00 1.82 31.83
C GLN C 214 15.00 3.14 31.05
N ALA C 215 15.00 3.03 29.73
CA ALA C 215 14.92 4.23 28.87
C ALA C 215 13.65 5.03 29.10
N ILE C 216 12.51 4.37 29.29
CA ILE C 216 11.24 5.08 29.53
C ILE C 216 11.30 5.84 30.86
N GLU C 217 11.87 5.20 31.87
CA GLU C 217 12.16 5.85 33.17
C GLU C 217 12.99 7.12 32.98
N LEU C 218 14.09 7.01 32.26
CA LEU C 218 14.92 8.18 31.96
C LEU C 218 14.13 9.20 31.13
N GLY C 219 13.33 8.74 30.17
CA GLY C 219 12.56 9.66 29.33
C GLY C 219 11.63 10.56 30.17
N LYS C 220 11.01 9.97 31.20
CA LYS C 220 10.12 10.76 32.06
C LYS C 220 10.92 11.83 32.81
N LEU C 221 12.13 11.51 33.24
CA LEU C 221 13.02 12.52 33.85
C LEU C 221 13.44 13.63 32.87
N LEU C 222 13.80 13.23 31.65
CA LEU C 222 14.10 14.19 30.60
C LEU C 222 12.93 15.15 30.34
N GLN C 223 11.72 14.61 30.28
CA GLN C 223 10.51 15.40 30.07
C GLN C 223 10.26 16.41 31.22
N ASP C 224 10.41 15.93 32.46
CA ASP C 224 10.31 16.80 33.65
C ASP C 224 11.29 17.96 33.63
N HIS C 225 12.46 17.77 32.99
CA HIS C 225 13.43 18.85 32.90
C HIS C 225 13.52 19.52 31.53
N GLY C 226 12.54 19.32 30.67
CA GLY C 226 12.43 20.13 29.47
C GLY C 226 13.43 19.77 28.38
N PHE C 227 14.06 18.59 28.46
CA PHE C 227 14.90 18.11 27.35
C PHE C 227 14.01 17.81 26.16
N SER C 228 14.55 17.99 24.95
CA SER C 228 13.72 17.83 23.76
C SER C 228 14.23 16.82 22.72
N HIS C 229 15.28 16.06 23.05
CA HIS C 229 15.84 15.15 22.06
C HIS C 229 16.51 14.04 22.88
N PHE C 230 16.02 12.81 22.69
CA PHE C 230 16.48 11.62 23.43
C PHE C 230 17.04 10.61 22.43
N GLU C 231 18.36 10.56 22.34
CA GLU C 231 19.01 9.83 21.23
C GLU C 231 19.48 8.41 21.61
N GLU C 232 19.20 7.44 20.74
CA GLU C 232 19.67 6.05 20.85
C GLU C 232 19.49 5.47 22.27
N PRO C 233 18.26 5.50 22.79
CA PRO C 233 18.01 5.04 24.16
C PRO C 233 18.39 3.56 24.36
N CYS C 234 18.16 2.73 23.34
CA CYS C 234 18.36 1.27 23.39
C CYS C 234 19.38 0.83 22.33
N PRO C 235 19.92 -0.42 22.47
CA PRO C 235 20.79 -0.95 21.42
C PRO C 235 20.25 -0.65 20.03
N TYR C 236 21.06 0.02 19.19
CA TYR C 236 20.54 0.53 17.92
C TYR C 236 20.00 -0.58 17.05
N TRP C 237 20.49 -1.80 17.26
CA TRP C 237 20.12 -2.94 16.41
C TRP C 237 18.81 -3.59 16.85
N GLU C 238 18.24 -3.15 17.98
CA GLU C 238 16.97 -3.65 18.50
C GLU C 238 15.89 -2.62 18.19
N LEU C 239 15.40 -2.65 16.94
CA LEU C 239 14.43 -1.62 16.50
C LEU C 239 13.16 -1.63 17.32
N GLU C 240 12.67 -2.81 17.69
CA GLU C 240 11.42 -2.86 18.48
C GLU C 240 11.57 -2.29 19.90
N GLN C 241 12.76 -2.39 20.47
CA GLN C 241 12.99 -1.74 21.77
C GLN C 241 12.86 -0.21 21.63
N THR C 242 13.56 0.34 20.65
CA THR C 242 13.54 1.79 20.42
C THR C 242 12.09 2.27 20.13
N LYS C 243 11.35 1.51 19.34
CA LYS C 243 9.93 1.81 19.07
C LYS C 243 9.07 1.87 20.35
N GLU C 244 9.29 0.91 21.23
CA GLU C 244 8.55 0.85 22.50
C GLU C 244 8.80 2.12 23.29
N VAL C 245 10.04 2.61 23.27
CA VAL C 245 10.42 3.82 23.98
C VAL C 245 9.74 5.07 23.35
N SER C 246 9.86 5.20 22.02
CA SER C 246 9.19 6.27 21.26
C SER C 246 7.69 6.28 21.57
N GLU C 247 7.10 5.09 21.53
CA GLU C 247 5.65 4.96 21.81
C GLU C 247 5.19 5.41 23.21
N ALA C 248 6.04 5.23 24.22
CA ALA C 248 5.69 5.61 25.60
C ALA C 248 6.01 7.05 25.92
N LEU C 249 6.82 7.68 25.07
CA LEU C 249 7.34 9.00 25.39
C LEU C 249 6.86 10.10 24.45
N ASP C 250 6.66 11.28 25.03
CA ASP C 250 6.34 12.45 24.28
C ASP C 250 7.60 13.15 23.76
N ILE C 251 8.70 13.15 24.53
CA ILE C 251 10.01 13.68 24.03
C ILE C 251 10.43 12.94 22.72
N ASP C 252 10.92 13.66 21.71
CA ASP C 252 11.41 13.02 20.48
C ASP C 252 12.54 12.03 20.81
N VAL C 253 12.39 10.83 20.29
CA VAL C 253 13.39 9.80 20.38
C VAL C 253 14.02 9.71 18.99
N THR C 254 15.35 9.65 18.93
CA THR C 254 16.07 9.83 17.67
C THR C 254 17.12 8.73 17.51
N GLY C 255 17.52 8.42 16.28
CA GLY C 255 18.52 7.37 16.09
C GLY C 255 18.84 7.13 14.64
N GLY C 256 19.84 6.27 14.40
CA GLY C 256 20.16 5.85 13.05
C GLY C 256 21.60 6.01 12.63
N GLU C 257 22.45 6.53 13.49
CA GLU C 257 23.77 6.92 13.04
C GLU C 257 24.63 5.72 12.62
N GLN C 258 24.38 4.55 13.22
CA GLN C 258 25.15 3.36 12.82
C GLN C 258 24.48 2.57 11.71
N ASP C 259 23.33 3.03 11.22
CA ASP C 259 22.64 2.25 10.22
C ASP C 259 23.13 2.57 8.83
N CYS C 260 23.72 1.56 8.16
CA CYS C 260 24.25 1.77 6.83
C CYS C 260 23.50 0.93 5.79
N ASP C 261 22.48 0.18 6.24
CA ASP C 261 21.73 -0.74 5.38
C ASP C 261 20.40 -0.05 4.98
N LEU C 262 20.20 0.21 3.70
CA LEU C 262 18.96 0.89 3.25
C LEU C 262 17.68 0.11 3.54
N THR C 263 17.79 -1.21 3.57
CA THR C 263 16.61 -2.03 3.92
C THR C 263 16.23 -1.83 5.39
N THR C 264 17.22 -1.81 6.26
CA THR C 264 16.97 -1.54 7.67
C THR C 264 16.40 -0.15 7.87
N TRP C 265 16.89 0.81 7.09
CA TRP C 265 16.34 2.17 7.16
C TRP C 265 14.84 2.16 6.83
N ARG C 266 14.48 1.44 5.76
CA ARG C 266 13.08 1.34 5.37
C ARG C 266 12.24 0.75 6.51
N ARG C 267 12.74 -0.36 7.11
CA ARG C 267 12.04 -1.04 8.19
C ARG C 267 11.83 -0.13 9.40
N ILE C 269 11.87 3.20 9.59
CA ILE C 269 10.95 4.30 9.24
C ILE C 269 9.51 3.81 9.13
N ASP C 270 9.32 2.70 8.45
CA ASP C 270 7.97 2.10 8.28
C ASP C 270 7.31 1.78 9.62
N ARG C 272 8.02 3.28 12.42
CA ARG C 272 7.96 4.53 13.20
C ARG C 272 8.73 4.40 14.51
N ALA C 273 9.89 3.74 14.41
CA ALA C 273 10.68 3.45 15.60
C ALA C 273 11.26 4.72 16.23
N VAL C 274 11.53 5.75 15.42
CA VAL C 274 12.09 6.99 15.96
C VAL C 274 11.28 8.16 15.44
N ASP C 275 11.36 9.29 16.12
CA ASP C 275 10.69 10.50 15.69
C ASP C 275 11.54 11.34 14.76
N VAL C 276 12.87 11.23 14.92
CA VAL C 276 13.83 11.98 14.12
C VAL C 276 14.90 10.98 13.62
N VAL C 277 15.22 10.99 12.33
CA VAL C 277 16.25 10.06 11.81
C VAL C 277 17.60 10.77 11.70
N GLN C 278 18.68 10.02 11.90
CA GLN C 278 19.99 10.59 12.10
C GLN C 278 21.07 9.80 11.35
N PRO C 279 20.96 9.68 10.02
CA PRO C 279 22.00 9.02 9.21
C PRO C 279 23.31 9.77 9.38
N ASP C 280 24.43 9.05 9.21
CA ASP C 280 25.74 9.69 9.12
C ASP C 280 26.08 9.59 7.65
N ILE C 281 26.29 10.73 7.03
CA ILE C 281 26.47 10.75 5.59
C ILE C 281 27.62 9.81 5.16
N LEU C 282 28.69 9.74 5.94
CA LEU C 282 29.83 8.91 5.52
C LEU C 282 29.69 7.44 5.93
N TYR C 283 29.11 7.16 7.10
CA TYR C 283 28.77 5.76 7.44
C TYR C 283 27.78 5.12 6.47
N LEU C 284 26.82 5.90 5.98
CA LEU C 284 25.76 5.36 5.14
C LEU C 284 26.19 5.12 3.70
N GLY C 285 27.24 5.81 3.23
CA GLY C 285 27.70 5.57 1.87
C GLY C 285 27.56 6.77 0.95
N GLY C 286 27.29 7.94 1.53
CA GLY C 286 27.42 9.20 0.80
C GLY C 286 26.15 9.98 0.67
N ILE C 287 26.24 11.06 -0.11
CA ILE C 287 25.13 11.98 -0.29
C ILE C 287 23.93 11.34 -0.97
N CYS C 288 24.15 10.62 -2.06
CA CYS C 288 23.05 9.99 -2.78
C CYS C 288 22.25 9.08 -1.87
N ARG C 289 22.96 8.23 -1.14
CA ARG C 289 22.25 7.28 -0.26
C ARG C 289 21.59 7.97 0.94
N THR C 290 22.22 9.00 1.49
CA THR C 290 21.56 9.81 2.51
C THR C 290 20.26 10.47 2.00
N LEU C 291 20.27 10.98 0.77
CA LEU C 291 19.05 11.59 0.20
C LEU C 291 17.95 10.54 0.09
N ARG C 292 18.31 9.30 -0.24
CA ARG C 292 17.30 8.21 -0.28
C ARG C 292 16.64 8.03 1.10
N VAL C 293 17.47 8.03 2.15
CA VAL C 293 16.94 7.95 3.53
C VAL C 293 16.09 9.18 3.84
N ALA C 294 16.57 10.36 3.45
CA ALA C 294 15.81 11.57 3.74
C ALA C 294 14.43 11.52 3.03
N ARG C 295 14.37 10.97 1.82
CA ARG C 295 13.08 10.83 1.11
C ARG C 295 12.13 9.85 1.76
N ALA C 297 12.12 9.25 4.93
CA ALA C 297 11.71 10.01 6.10
C ALA C 297 10.67 11.07 5.74
N GLU C 298 10.83 11.71 4.58
CA GLU C 298 9.90 12.75 4.15
C GLU C 298 8.51 12.14 3.99
N ALA C 299 8.46 10.95 3.41
CA ALA C 299 7.19 10.24 3.21
C ALA C 299 6.52 9.89 4.53
N ALA C 300 7.33 9.70 5.58
CA ALA C 300 6.81 9.35 6.90
C ALA C 300 6.61 10.58 7.77
N ALA C 301 6.89 11.75 7.20
CA ALA C 301 6.82 13.06 7.88
C ALA C 301 7.78 13.13 9.09
N LEU C 302 8.97 12.56 8.91
CA LEU C 302 10.03 12.60 9.94
C LEU C 302 11.14 13.56 9.52
N PRO C 303 11.61 14.41 10.45
CA PRO C 303 12.77 15.27 10.12
C PRO C 303 14.07 14.48 10.11
N VAL C 304 15.08 15.03 9.45
CA VAL C 304 16.40 14.41 9.36
C VAL C 304 17.41 15.30 10.05
N THR C 305 18.02 14.77 11.12
CA THR C 305 19.05 15.50 11.89
C THR C 305 20.32 14.65 11.92
N PRO C 306 21.18 14.82 10.90
CA PRO C 306 22.26 13.85 10.77
C PRO C 306 23.30 13.87 11.88
N HIS C 307 24.02 12.74 11.98
CA HIS C 307 25.10 12.56 12.92
C HIS C 307 26.41 13.07 12.33
N CYS C 308 27.14 13.84 13.13
CA CYS C 308 28.47 14.23 12.72
C CYS C 308 29.24 14.53 13.95
N ALA C 309 30.12 13.58 14.21
CA ALA C 309 30.81 13.41 15.47
C ALA C 309 32.21 13.99 15.51
N ASN C 310 32.67 14.62 14.43
CA ASN C 310 33.93 15.35 14.52
C ASN C 310 33.99 16.42 13.44
N LEU C 311 35.08 17.20 13.44
CA LEU C 311 35.24 18.26 12.45
C LEU C 311 36.16 17.87 11.31
N SER C 312 36.07 16.61 10.90
CA SER C 312 36.49 16.25 9.54
C SER C 312 35.40 16.83 8.64
N LEU C 313 35.41 16.47 7.35
CA LEU C 313 34.42 17.03 6.40
C LEU C 313 32.99 16.51 6.57
N VAL C 314 32.80 15.50 7.42
CA VAL C 314 31.45 15.03 7.71
C VAL C 314 30.52 16.18 8.14
N THR C 315 31.04 17.13 8.91
CA THR C 315 30.21 18.24 9.39
C THR C 315 29.82 19.15 8.22
N LEU C 316 30.79 19.48 7.37
CA LEU C 316 30.53 20.32 6.21
C LEU C 316 29.54 19.69 5.26
N PHE C 317 29.71 18.38 5.01
CA PHE C 317 28.79 17.68 4.13
C PHE C 317 27.37 17.78 4.68
N THR C 318 27.24 17.67 6.00
CA THR C 318 25.95 17.72 6.69
C THR C 318 25.35 19.13 6.61
N HIS C 320 25.75 21.25 4.11
CA HIS C 320 25.20 21.34 2.76
C HIS C 320 23.89 20.59 2.62
N LEU C 321 23.82 19.40 3.23
CA LEU C 321 22.60 18.62 3.11
C LEU C 321 21.44 19.33 3.82
N LEU C 322 21.73 19.87 4.99
CA LEU C 322 20.71 20.57 5.79
C LEU C 322 20.24 21.87 5.15
N ARG C 323 21.09 22.49 4.33
CA ARG C 323 20.66 23.65 3.52
C ARG C 323 19.79 23.29 2.35
N ALA C 324 19.59 22.00 2.07
CA ALA C 324 18.85 21.59 0.86
C ALA C 324 17.60 20.73 1.06
N ILE C 325 17.62 19.80 2.02
CA ILE C 325 16.49 18.89 2.13
C ILE C 325 15.27 19.58 2.77
N PRO C 326 14.06 19.25 2.27
CA PRO C 326 12.80 19.90 2.73
C PRO C 326 12.45 19.53 4.16
N ASN C 327 12.86 18.33 4.57
CA ASN C 327 12.65 17.87 5.92
C ASN C 327 13.86 17.95 6.85
N ALA C 328 14.65 19.01 6.76
CA ALA C 328 15.78 19.18 7.64
C ALA C 328 15.32 19.31 9.09
N GLY C 329 16.02 18.66 10.01
CA GLY C 329 15.76 18.81 11.44
C GLY C 329 16.24 20.16 11.98
N LYS C 330 16.26 20.29 13.30
CA LYS C 330 16.41 21.61 13.93
C LYS C 330 17.81 22.21 13.85
N TYR C 331 18.84 21.38 13.71
CA TYR C 331 20.20 21.86 13.92
C TYR C 331 21.29 20.87 13.45
N LEU C 332 22.47 21.43 13.22
CA LEU C 332 23.68 20.67 12.89
C LEU C 332 24.40 20.22 14.16
N GLU C 333 24.79 18.93 14.22
CA GLU C 333 25.57 18.43 15.34
C GLU C 333 26.99 19.00 15.20
N PHE C 334 27.43 19.75 16.21
CA PHE C 334 28.73 20.41 16.13
C PHE C 334 29.60 20.01 17.32
N SER C 335 30.59 19.14 17.07
CA SER C 335 31.47 18.68 18.15
C SER C 335 32.26 19.84 18.76
N ILE C 336 32.13 20.00 20.07
CA ILE C 336 32.84 21.05 20.77
C ILE C 336 34.11 20.52 21.46
N GLU C 337 34.47 19.25 21.21
CA GLU C 337 35.68 18.68 21.85
C GLU C 337 36.91 19.38 21.29
N GLY C 338 37.95 19.53 22.10
CA GLY C 338 39.11 20.32 21.64
C GLY C 338 40.23 19.45 21.08
N GLU C 339 41.41 20.08 20.87
CA GLU C 339 42.63 19.32 20.66
C GLU C 339 42.98 18.79 22.04
N ASP C 340 43.16 17.49 22.13
CA ASP C 340 43.23 16.66 23.34
C ASP C 340 42.45 15.47 22.88
N TYR C 341 41.21 15.75 22.44
CA TYR C 341 40.27 14.71 22.09
C TYR C 341 40.52 14.15 20.70
N TYR C 342 40.69 15.06 19.73
CA TYR C 342 40.90 14.72 18.32
C TYR C 342 42.19 15.41 17.80
N PRO C 343 43.39 14.92 18.21
CA PRO C 343 44.60 15.64 17.77
C PRO C 343 44.78 15.59 16.25
N TRP C 344 44.23 14.57 15.61
CA TRP C 344 44.33 14.39 14.16
C TRP C 344 43.52 15.40 13.33
N GLN C 345 42.61 16.13 13.98
CA GLN C 345 41.62 16.99 13.34
C GLN C 345 42.16 18.40 13.04
N ASP C 346 43.26 18.74 13.70
CA ASP C 346 44.00 20.00 13.47
C ASP C 346 44.70 19.97 12.11
N GLY C 347 44.64 21.08 11.37
CA GLY C 347 45.47 21.25 10.18
C GLY C 347 45.07 20.42 8.98
N LEU C 348 43.78 20.13 8.86
CA LEU C 348 43.29 19.39 7.71
C LEU C 348 43.02 20.25 6.49
N PHE C 349 42.61 21.49 6.70
CA PHE C 349 42.11 22.32 5.61
C PHE C 349 42.85 23.65 5.47
N VAL C 350 42.84 24.23 4.28
CA VAL C 350 43.54 25.50 4.02
C VAL C 350 42.86 26.60 4.81
N GLU C 351 41.53 26.64 4.76
CA GLU C 351 40.71 27.66 5.40
C GLU C 351 39.72 26.94 6.32
N ASP C 352 39.37 27.54 7.46
CA ASP C 352 38.45 26.90 8.40
C ASP C 352 36.98 27.05 7.93
N PRO C 353 36.31 25.92 7.59
CA PRO C 353 34.91 26.07 7.17
C PRO C 353 33.92 26.11 8.35
N TYR C 354 34.44 26.07 9.58
CA TYR C 354 33.61 25.82 10.75
C TYR C 354 33.49 26.95 11.76
N ARG C 355 33.66 28.19 11.30
CA ARG C 355 33.43 29.33 12.18
C ARG C 355 31.94 29.35 12.57
N ILE C 356 31.68 29.52 13.87
CA ILE C 356 30.32 29.67 14.40
C ILE C 356 30.09 31.15 14.72
N GLU C 357 28.97 31.72 14.26
CA GLU C 357 28.57 33.06 14.71
C GLU C 357 27.13 32.99 15.15
N ASP C 358 26.85 33.50 16.34
CA ASP C 358 25.51 33.46 16.95
C ASP C 358 24.93 32.05 16.92
N GLY C 359 25.77 31.05 17.22
CA GLY C 359 25.35 29.65 17.22
C GLY C 359 25.05 29.02 15.86
N HIS C 360 25.37 29.72 14.77
CA HIS C 360 25.13 29.22 13.42
C HIS C 360 26.43 28.94 12.65
N ALA C 361 26.42 27.86 11.87
CA ALA C 361 27.47 27.60 10.89
C ALA C 361 26.95 28.13 9.56
N ARG C 362 27.83 28.21 8.56
CA ARG C 362 27.48 28.85 7.30
C ARG C 362 28.11 28.16 6.10
N VAL C 363 27.26 27.82 5.12
CA VAL C 363 27.69 27.31 3.82
C VAL C 363 27.80 28.53 2.90
N THR C 364 28.95 28.71 2.26
CA THR C 364 29.19 29.87 1.39
C THR C 364 28.81 29.56 -0.02
N GLU C 365 28.98 30.55 -0.90
CA GLU C 365 28.64 30.37 -2.30
C GLU C 365 29.77 29.64 -3.07
N ALA C 366 30.85 29.28 -2.38
CA ALA C 366 31.99 28.61 -3.04
C ALA C 366 31.52 27.34 -3.77
N PRO C 367 32.00 27.11 -5.00
CA PRO C 367 31.57 25.93 -5.78
C PRO C 367 31.99 24.59 -5.12
N GLY C 368 31.19 23.54 -5.32
CA GLY C 368 31.45 22.26 -4.65
C GLY C 368 31.30 22.37 -3.14
N TRP C 369 32.21 21.76 -2.38
CA TRP C 369 32.15 21.81 -0.91
C TRP C 369 32.62 23.14 -0.31
N GLY C 370 33.47 23.84 -1.05
CA GLY C 370 34.05 25.11 -0.57
C GLY C 370 35.16 24.93 0.47
N VAL C 371 36.01 23.92 0.26
CA VAL C 371 37.10 23.64 1.17
C VAL C 371 38.24 23.07 0.30
N GLU C 372 39.48 23.22 0.76
CA GLU C 372 40.65 22.68 0.07
C GLU C 372 41.43 21.93 1.15
N ILE C 373 41.92 20.73 0.83
CA ILE C 373 42.74 19.99 1.77
C ILE C 373 44.12 20.64 1.91
N CYS C 374 44.59 20.79 3.12
CA CYS C 374 45.88 21.43 3.35
C CYS C 374 47.05 20.66 2.68
N PRO C 375 47.86 21.36 1.86
CA PRO C 375 49.00 20.71 1.15
C PRO C 375 49.97 20.06 2.12
N GLU C 376 50.17 20.65 3.29
CA GLU C 376 51.09 20.08 4.27
C GLU C 376 50.56 18.72 4.80
N TRP C 377 49.25 18.66 5.05
CA TRP C 377 48.64 17.40 5.46
C TRP C 377 48.80 16.34 4.36
N LEU C 378 48.52 16.73 3.11
CA LEU C 378 48.65 15.78 2.01
C LEU C 378 50.10 15.29 1.87
N ALA C 379 51.08 16.16 2.15
CA ALA C 379 52.52 15.76 2.04
C ALA C 379 52.84 14.57 2.90
N ARG C 380 52.25 14.54 4.09
CA ARG C 380 52.49 13.49 5.06
C ARG C 380 51.60 12.24 4.90
N SER C 381 50.67 12.27 3.96
CA SER C 381 49.67 11.20 3.85
C SER C 381 50.19 9.98 3.08
N ALA C 382 49.46 8.87 3.18
CA ALA C 382 49.70 7.69 2.35
C ALA C 382 48.85 7.79 1.10
N TYR C 383 49.48 7.68 -0.06
CA TYR C 383 48.83 7.89 -1.34
C TYR C 383 48.59 6.57 -2.05
N LYS C 384 47.43 6.44 -2.68
CA LYS C 384 47.11 5.29 -3.52
C LYS C 384 46.24 5.74 -4.69
N VAL C 385 46.47 5.15 -5.86
CA VAL C 385 45.70 5.52 -7.03
C VAL C 385 45.22 4.31 -7.81
N SER C 386 44.00 4.41 -8.34
CA SER C 386 43.48 3.42 -9.28
C SER C 386 43.07 4.18 -10.53
N ARG C 387 43.43 3.63 -11.69
CA ARG C 387 43.06 4.23 -12.98
C ARG C 387 42.21 3.35 -13.88
N ALA C 388 41.37 3.99 -14.69
CA ALA C 388 40.56 3.28 -15.68
C ALA C 388 41.45 2.56 -16.72
N LEU D 18 28.80 -28.38 27.85
CA LEU D 18 30.19 -28.18 27.39
C LEU D 18 30.79 -26.91 28.00
N TYR D 19 31.78 -27.11 28.87
CA TYR D 19 32.51 -26.01 29.51
C TYR D 19 34.03 -26.22 29.41
N PHE D 20 34.77 -25.12 29.39
CA PHE D 20 36.22 -25.13 29.21
C PHE D 20 36.91 -24.29 30.27
N GLN D 21 38.07 -24.76 30.74
CA GLN D 21 38.89 -24.03 31.71
C GLN D 21 39.23 -22.63 31.20
N SER D 22 39.49 -21.72 32.14
CA SER D 22 39.81 -20.34 31.78
C SER D 22 41.15 -20.30 31.05
N LYS D 24 43.87 -17.47 28.77
CA LYS D 24 44.20 -16.13 28.35
C LYS D 24 45.04 -16.23 27.10
N LEU D 25 44.70 -15.47 26.07
CA LEU D 25 45.49 -15.44 24.86
C LEU D 25 46.59 -14.43 25.08
N THR D 26 47.83 -14.85 24.78
CA THR D 26 48.96 -13.93 24.85
C THR D 26 49.48 -13.52 23.49
N ALA D 27 49.07 -14.24 22.45
CA ALA D 27 49.46 -13.86 21.10
C ALA D 27 48.44 -14.29 20.05
N ILE D 28 48.29 -13.47 19.03
CA ILE D 28 47.48 -13.77 17.85
C ILE D 28 48.35 -13.42 16.63
N GLU D 29 48.57 -14.41 15.77
CA GLU D 29 49.38 -14.26 14.60
C GLU D 29 48.55 -14.51 13.36
N THR D 30 48.77 -13.73 12.30
CA THR D 30 48.12 -14.05 11.04
C THR D 30 49.20 -14.31 9.96
N PHE D 31 48.86 -15.19 9.01
CA PHE D 31 49.73 -15.54 7.89
C PHE D 31 48.82 -15.52 6.68
N THR D 32 49.01 -14.54 5.80
CA THR D 32 47.97 -14.30 4.81
C THR D 32 48.53 -13.98 3.44
N ASN D 33 47.72 -14.21 2.43
CA ASN D 33 47.82 -13.48 1.19
C ASN D 33 46.47 -12.80 0.87
N GLU D 34 46.26 -12.39 -0.38
CA GLU D 34 44.99 -11.68 -0.66
C GLU D 34 43.78 -12.63 -0.72
N PHE D 35 44.04 -13.93 -0.78
CA PHE D 35 42.97 -14.91 -1.01
C PHE D 35 42.55 -15.64 0.26
N VAL D 36 43.51 -15.92 1.13
CA VAL D 36 43.19 -16.75 2.31
C VAL D 36 44.19 -16.41 3.37
N GLY D 37 43.77 -16.44 4.62
CA GLY D 37 44.73 -16.20 5.69
C GLY D 37 44.45 -17.10 6.86
N PHE D 38 45.51 -17.54 7.53
CA PHE D 38 45.40 -18.43 8.68
C PHE D 38 45.76 -17.69 9.93
N VAL D 39 45.19 -18.14 11.05
CA VAL D 39 45.42 -17.49 12.32
C VAL D 39 46.00 -18.48 13.30
N ARG D 40 47.07 -18.10 14.01
CA ARG D 40 47.55 -18.96 15.12
C ARG D 40 47.39 -18.25 16.45
N VAL D 41 46.74 -18.89 17.42
CA VAL D 41 46.62 -18.28 18.74
C VAL D 41 47.53 -19.01 19.72
N THR D 42 48.02 -18.28 20.72
CA THR D 42 48.91 -18.83 21.75
C THR D 42 48.34 -18.44 23.09
N SER D 43 48.16 -19.41 23.97
CA SER D 43 47.65 -19.09 25.31
C SER D 43 48.83 -18.87 26.28
N GLU D 44 48.55 -18.37 27.48
CA GLU D 44 49.64 -18.07 28.44
C GLU D 44 50.41 -19.32 28.85
N ASP D 45 49.74 -20.47 28.84
CA ASP D 45 50.39 -21.75 29.18
C ASP D 45 51.20 -22.31 27.99
N GLY D 46 51.12 -21.64 26.84
CA GLY D 46 51.93 -22.01 25.69
C GLY D 46 51.25 -22.90 24.63
N ALA D 47 50.02 -23.34 24.89
CA ALA D 47 49.24 -24.11 23.93
C ALA D 47 48.96 -23.23 22.71
N ARG D 48 48.86 -23.84 21.54
CA ARG D 48 48.59 -23.12 20.28
C ARG D 48 47.58 -23.83 19.41
N GLY D 49 46.86 -23.06 18.59
CA GLY D 49 45.84 -23.62 17.71
C GLY D 49 45.76 -22.77 16.46
N TRP D 50 45.31 -23.38 15.37
CA TRP D 50 45.27 -22.75 14.06
C TRP D 50 43.82 -22.64 13.61
N GLY D 51 43.49 -21.51 13.01
CA GLY D 51 42.18 -21.30 12.40
C GLY D 51 42.38 -20.54 11.08
N GLN D 52 41.29 -20.02 10.53
CA GLN D 52 41.34 -19.35 9.22
C GLN D 52 40.35 -18.20 9.26
N VAL D 53 40.73 -17.02 8.75
CA VAL D 53 39.70 -16.01 8.45
C VAL D 53 38.98 -16.37 7.16
N SER D 54 37.84 -15.74 6.90
CA SER D 54 37.19 -16.03 5.65
C SER D 54 38.13 -15.71 4.47
N THR D 55 38.03 -16.54 3.43
CA THR D 55 38.67 -16.27 2.14
C THR D 55 38.14 -14.95 1.50
N TYR D 56 38.96 -14.39 0.61
CA TYR D 56 38.63 -13.25 -0.27
C TYR D 56 38.92 -11.95 0.44
N HIS D 57 39.94 -11.28 -0.06
CA HIS D 57 40.48 -10.07 0.55
C HIS D 57 40.91 -10.33 2.00
N SER D 58 41.47 -11.53 2.23
CA SER D 58 41.90 -11.95 3.56
C SER D 58 42.97 -11.06 4.16
N ASP D 59 43.74 -10.37 3.33
CA ASP D 59 44.76 -9.43 3.84
C ASP D 59 44.10 -8.21 4.50
N ILE D 60 42.99 -7.75 3.94
CA ILE D 60 42.23 -6.68 4.60
C ILE D 60 41.64 -7.23 5.89
N THR D 61 41.08 -8.43 5.79
CA THR D 61 40.48 -9.05 7.00
C THR D 61 41.51 -9.19 8.12
N CYS D 62 42.73 -9.63 7.79
CA CYS D 62 43.73 -9.73 8.86
C CYS D 62 44.10 -8.38 9.45
N GLU D 63 44.11 -7.33 8.64
CA GLU D 63 44.34 -5.99 9.22
C GLU D 63 43.23 -5.62 10.20
N VAL D 64 41.99 -5.92 9.83
CA VAL D 64 40.86 -5.67 10.75
C VAL D 64 41.02 -6.50 12.02
N LEU D 65 41.50 -7.73 11.85
CA LEU D 65 41.69 -8.59 13.00
C LEU D 65 42.62 -7.92 14.03
N HIS D 66 43.78 -7.46 13.56
CA HIS D 66 44.75 -6.88 14.49
C HIS D 66 44.31 -5.51 15.02
N ARG D 67 43.59 -4.75 14.19
CA ARG D 67 43.15 -3.41 14.57
C ARG D 67 41.96 -3.44 15.53
N GLN D 68 41.05 -4.38 15.33
CA GLN D 68 39.73 -4.29 15.95
C GLN D 68 39.24 -5.53 16.68
N VAL D 69 39.96 -6.66 16.57
CA VAL D 69 39.58 -7.87 17.32
C VAL D 69 40.62 -8.22 18.41
N ALA D 70 41.86 -8.40 17.97
CA ALA D 70 42.99 -8.70 18.88
C ALA D 70 43.03 -7.83 20.17
N PRO D 71 42.91 -6.49 20.04
CA PRO D 71 43.04 -5.69 21.27
C PRO D 71 42.01 -5.99 22.36
N TRP D 72 40.85 -6.52 21.97
CA TRP D 72 39.81 -6.83 22.94
C TRP D 72 39.92 -8.24 23.48
N LEU D 74 43.04 -10.18 23.49
CA LEU D 74 44.35 -10.45 24.09
C LEU D 74 44.34 -10.12 25.58
N GLY D 75 44.81 -11.06 26.40
CA GLY D 75 44.97 -10.83 27.83
C GLY D 75 43.68 -10.99 28.61
N GLN D 76 42.68 -11.63 27.99
CA GLN D 76 41.34 -11.80 28.58
C GLN D 76 41.02 -13.24 28.84
N ASP D 77 40.08 -13.49 29.75
CA ASP D 77 39.61 -14.84 30.00
C ASP D 77 38.65 -15.36 28.90
N CYS D 78 39.14 -16.32 28.12
CA CYS D 78 38.35 -17.02 27.11
C CYS D 78 37.44 -18.07 27.71
N SER D 79 37.24 -18.07 29.03
CA SER D 79 36.31 -19.04 29.65
C SER D 79 34.98 -19.04 28.87
N ASP D 80 34.29 -17.89 28.87
CA ASP D 80 33.05 -17.73 28.10
C ASP D 80 33.34 -17.08 26.73
N LEU D 81 33.73 -17.90 25.76
CA LEU D 81 34.08 -17.39 24.44
C LEU D 81 32.93 -16.61 23.79
N ASP D 82 31.69 -17.10 23.95
CA ASP D 82 30.53 -16.38 23.41
C ASP D 82 30.42 -14.96 23.95
N ASP D 83 30.63 -14.77 25.24
CA ASP D 83 30.54 -13.41 25.81
C ASP D 83 31.66 -12.49 25.34
N LEU D 84 32.87 -13.03 25.25
CA LEU D 84 34.01 -12.29 24.74
C LEU D 84 33.77 -11.83 23.29
N LEU D 85 33.28 -12.72 22.43
CA LEU D 85 32.91 -12.32 21.06
C LEU D 85 31.81 -11.25 21.04
N ASP D 86 30.82 -11.37 21.91
CA ASP D 86 29.83 -10.29 22.05
C ASP D 86 30.47 -8.94 22.39
N LEU D 87 31.43 -8.96 23.30
CA LEU D 87 32.11 -7.74 23.71
C LEU D 87 32.89 -7.11 22.56
N VAL D 88 33.53 -7.93 21.73
CA VAL D 88 34.16 -7.41 20.53
C VAL D 88 33.11 -6.64 19.67
N THR D 89 31.96 -7.27 19.42
CA THR D 89 30.93 -6.62 18.56
C THR D 89 30.39 -5.33 19.20
N GLU D 90 30.31 -5.31 20.52
CA GLU D 90 29.90 -4.11 21.24
C GLU D 90 30.95 -3.02 21.24
N ARG D 91 32.21 -3.40 21.49
CA ARG D 91 33.29 -2.42 21.46
C ARG D 91 33.47 -1.82 20.07
N GLU D 92 33.18 -2.62 19.05
CA GLU D 92 33.32 -2.18 17.67
C GLU D 92 31.93 -1.95 17.05
N HIS D 93 31.02 -1.37 17.84
CA HIS D 93 29.62 -1.29 17.40
C HIS D 93 29.42 -0.31 16.26
N LYS D 94 30.42 0.53 16.01
CA LYS D 94 30.44 1.42 14.85
C LYS D 94 30.79 0.68 13.58
N PHE D 95 31.10 -0.63 13.70
CA PHE D 95 31.49 -1.42 12.52
C PHE D 95 30.63 -2.66 12.36
N PRO D 96 29.29 -2.47 12.19
CA PRO D 96 28.47 -3.64 11.95
C PRO D 96 28.91 -4.19 10.61
N GLY D 97 28.68 -5.46 10.36
CA GLY D 97 28.94 -5.97 9.03
C GLY D 97 30.05 -6.98 8.90
N SER D 98 30.43 -7.23 7.65
CA SER D 98 31.17 -8.44 7.31
C SER D 98 32.60 -8.49 7.83
N TYR D 99 33.38 -7.42 7.62
CA TYR D 99 34.84 -7.59 7.88
C TYR D 99 35.15 -7.90 9.33
N LEU D 100 34.49 -7.22 10.27
CA LEU D 100 34.80 -7.54 11.67
C LEU D 100 34.50 -9.03 11.94
N ARG D 101 33.38 -9.53 11.40
CA ARG D 101 33.00 -10.92 11.66
C ARG D 101 33.92 -11.95 10.97
N ARG D 102 34.37 -11.65 9.74
CA ARG D 102 35.37 -12.50 9.04
C ARG D 102 36.64 -12.60 9.86
N ALA D 103 36.99 -11.51 10.54
CA ALA D 103 38.21 -11.47 11.37
C ALA D 103 38.04 -12.26 12.65
N ALA D 105 36.13 -14.70 13.12
CA ALA D 105 36.06 -16.13 12.75
C ALA D 105 37.42 -16.80 12.83
N GLY D 106 38.48 -16.07 12.45
CA GLY D 106 39.83 -16.63 12.51
C GLY D 106 40.31 -16.91 13.91
N VAL D 107 40.01 -16.00 14.83
CA VAL D 107 40.41 -16.19 16.20
C VAL D 107 39.58 -17.29 16.85
N ASP D 108 38.26 -17.25 16.66
CA ASP D 108 37.40 -18.31 17.16
C ASP D 108 37.83 -19.70 16.69
N THR D 109 38.05 -19.87 15.37
CA THR D 109 38.38 -21.20 14.86
C THR D 109 39.76 -21.67 15.36
N ALA D 110 40.69 -20.74 15.57
CA ALA D 110 42.00 -21.09 16.14
C ALA D 110 41.86 -21.57 17.60
N ILE D 111 40.99 -20.91 18.36
CA ILE D 111 40.72 -21.32 19.76
C ILE D 111 40.13 -22.74 19.83
N TRP D 112 39.23 -23.06 18.92
CA TRP D 112 38.64 -24.42 18.86
C TRP D 112 39.66 -25.51 18.52
N ASP D 113 40.55 -25.21 17.61
CA ASP D 113 41.69 -26.08 17.33
C ASP D 113 42.55 -26.25 18.58
N LEU D 114 42.88 -25.14 19.24
CA LEU D 114 43.68 -25.18 20.48
C LEU D 114 43.03 -26.11 21.51
N ARG D 115 41.72 -25.93 21.70
CA ARG D 115 40.95 -26.74 22.64
C ARG D 115 40.96 -28.21 22.30
N GLY D 116 40.87 -28.51 21.01
CA GLY D 116 40.84 -29.87 20.54
C GLY D 116 42.22 -30.51 20.78
N LYS D 117 43.25 -29.77 20.50
CA LYS D 117 44.61 -30.26 20.70
C LYS D 117 44.93 -30.45 22.19
N GLN D 118 44.43 -29.57 23.05
CA GLN D 118 44.61 -29.79 24.48
C GLN D 118 43.97 -31.11 24.95
N ALA D 119 42.79 -31.43 24.42
CA ALA D 119 42.00 -32.56 24.87
C ALA D 119 42.32 -33.86 24.13
N GLY D 120 43.04 -33.73 23.02
CA GLY D 120 43.25 -34.87 22.11
C GLY D 120 42.04 -35.27 21.27
N LYS D 121 41.14 -34.31 21.02
CA LYS D 121 39.83 -34.61 20.44
C LYS D 121 39.61 -33.75 19.18
N PRO D 122 39.02 -34.32 18.12
CA PRO D 122 38.62 -33.48 17.02
C PRO D 122 37.53 -32.49 17.51
N VAL D 123 37.45 -31.36 16.84
CA VAL D 123 36.43 -30.36 17.21
C VAL D 123 35.03 -31.00 17.27
N ALA D 124 34.73 -31.83 16.28
CA ALA D 124 33.46 -32.56 16.20
C ALA D 124 33.13 -33.27 17.52
N GLU D 125 34.12 -33.92 18.15
CA GLU D 125 33.92 -34.54 19.49
C GLU D 125 33.70 -33.54 20.60
N LEU D 126 34.47 -32.45 20.59
CA LEU D 126 34.27 -31.39 21.58
C LEU D 126 32.83 -30.83 21.52
N LEU D 127 32.24 -30.83 20.33
CA LEU D 127 30.93 -30.24 20.15
C LEU D 127 29.82 -31.27 20.44
N GLY D 128 30.24 -32.44 20.91
CA GLY D 128 29.31 -33.51 21.31
C GLY D 128 29.01 -34.52 20.24
N GLY D 129 29.76 -34.46 19.13
CA GLY D 129 29.56 -35.38 18.01
C GLY D 129 30.71 -36.38 18.00
N SER D 130 30.99 -36.92 16.82
CA SER D 130 32.06 -37.93 16.69
C SER D 130 32.72 -37.82 15.33
N ALA D 131 33.91 -38.40 15.18
CA ALA D 131 34.54 -38.57 13.87
C ALA D 131 33.66 -39.47 13.02
N GLY D 132 33.73 -39.34 11.70
CA GLY D 132 32.92 -40.14 10.82
C GLY D 132 32.63 -39.40 9.53
N THR D 133 31.65 -39.90 8.78
CA THR D 133 31.45 -39.40 7.43
C THR D 133 30.32 -38.42 7.34
N ILE D 134 30.36 -37.64 6.26
CA ILE D 134 29.30 -36.70 5.92
C ILE D 134 29.00 -36.83 4.44
N ARG D 135 27.75 -37.07 4.10
CA ARG D 135 27.30 -36.99 2.72
C ARG D 135 27.65 -35.63 2.11
N ALA D 136 28.26 -35.65 0.91
CA ALA D 136 28.60 -34.40 0.21
C ALA D 136 27.70 -34.20 -0.99
N TYR D 137 27.45 -32.94 -1.35
CA TYR D 137 26.92 -32.66 -2.65
C TYR D 137 27.92 -31.90 -3.52
N ALA D 138 27.98 -32.29 -4.78
CA ALA D 138 28.90 -31.72 -5.76
C ALA D 138 28.37 -30.34 -6.15
N SER D 139 29.08 -29.28 -5.74
CA SER D 139 28.54 -27.92 -5.93
C SER D 139 29.26 -27.19 -7.07
N SER D 140 28.51 -26.87 -8.12
CA SER D 140 29.04 -26.06 -9.21
C SER D 140 28.94 -24.59 -8.85
N LYS D 142 29.62 -22.34 -11.34
CA LYS D 142 29.54 -21.65 -12.63
C LYS D 142 28.16 -21.37 -13.20
N ARG D 143 28.00 -20.18 -13.78
CA ARG D 143 26.94 -19.96 -14.75
C ARG D 143 27.51 -19.84 -16.17
N ASP D 144 28.84 -19.78 -16.31
CA ASP D 144 29.43 -19.71 -17.66
C ASP D 144 29.72 -21.12 -18.18
N ILE D 145 28.74 -22.00 -18.02
CA ILE D 145 28.83 -23.37 -18.46
C ILE D 145 27.45 -23.72 -19.00
N THR D 146 27.41 -24.41 -20.14
CA THR D 146 26.13 -24.77 -20.74
C THR D 146 25.49 -25.83 -19.87
N PRO D 147 24.15 -25.92 -19.89
CA PRO D 147 23.49 -27.03 -19.23
C PRO D 147 24.02 -28.40 -19.67
N HIS D 148 24.27 -28.56 -20.96
CA HIS D 148 24.84 -29.81 -21.48
C HIS D 148 26.17 -30.18 -20.80
N ASP D 149 27.11 -29.25 -20.73
CA ASP D 149 28.45 -29.46 -20.18
C ASP D 149 28.42 -29.64 -18.66
N GLU D 150 27.47 -28.97 -18.01
CA GLU D 150 27.26 -29.14 -16.56
C GLU D 150 26.86 -30.60 -16.28
N ALA D 151 25.85 -31.10 -16.99
CA ALA D 151 25.41 -32.48 -16.81
C ALA D 151 26.58 -33.43 -17.07
N GLU D 152 27.36 -33.17 -18.13
CA GLU D 152 28.45 -34.08 -18.50
C GLU D 152 29.50 -34.18 -17.40
N ARG D 153 29.86 -33.04 -16.82
CA ARG D 153 30.89 -33.08 -15.81
C ARG D 153 30.39 -33.68 -14.49
N LYS D 155 28.13 -36.09 -14.31
CA LYS D 155 28.19 -37.55 -14.60
C LYS D 155 29.58 -38.09 -14.33
N ARG D 156 30.60 -37.44 -14.88
CA ARG D 156 31.98 -37.83 -14.66
C ARG D 156 32.37 -37.80 -13.19
N LEU D 157 31.93 -36.75 -12.47
CA LEU D 157 32.21 -36.63 -11.05
C LEU D 157 31.50 -37.70 -10.26
N ARG D 158 30.26 -37.99 -10.64
CA ARG D 158 29.52 -39.10 -10.00
C ARG D 158 30.26 -40.45 -10.17
N ASP D 159 30.71 -40.72 -11.38
CA ASP D 159 31.44 -41.97 -11.70
C ASP D 159 32.76 -42.08 -10.94
N ALA D 160 33.49 -40.97 -10.87
CA ALA D 160 34.80 -40.94 -10.21
C ALA D 160 34.73 -40.98 -8.69
N HIS D 161 33.78 -40.25 -8.10
CA HIS D 161 33.77 -40.05 -6.64
C HIS D 161 32.53 -40.54 -5.90
N GLY D 162 31.47 -40.88 -6.64
CA GLY D 162 30.26 -41.44 -6.01
C GLY D 162 29.23 -40.44 -5.45
N PHE D 163 29.38 -39.15 -5.77
CA PHE D 163 28.35 -38.13 -5.42
C PHE D 163 26.96 -38.59 -5.86
N ASP D 164 25.96 -38.31 -5.03
CA ASP D 164 24.57 -38.60 -5.42
C ASP D 164 23.68 -37.36 -5.23
N ALA D 165 24.31 -36.20 -5.16
CA ALA D 165 23.59 -34.94 -4.98
C ALA D 165 24.45 -33.89 -5.67
N PHE D 166 23.81 -32.95 -6.37
CA PHE D 166 24.49 -32.05 -7.32
C PHE D 166 23.76 -30.72 -7.26
N LYS D 167 24.51 -29.63 -7.09
CA LYS D 167 23.93 -28.28 -7.10
C LYS D 167 24.42 -27.50 -8.30
N VAL D 168 23.48 -26.90 -9.03
CA VAL D 168 23.82 -26.05 -10.18
C VAL D 168 23.27 -24.65 -9.98
N ARG D 169 23.45 -23.76 -10.96
CA ARG D 169 23.09 -22.36 -10.79
C ARG D 169 21.93 -21.97 -11.67
N ALA D 170 21.08 -21.09 -11.13
CA ALA D 170 19.97 -20.48 -11.88
C ALA D 170 20.19 -18.97 -11.99
N GLY D 171 19.55 -18.35 -12.97
CA GLY D 171 19.60 -16.89 -13.12
C GLY D 171 20.99 -16.34 -13.39
N ALA D 172 21.16 -15.05 -13.13
CA ALA D 172 22.49 -14.43 -13.06
C ALA D 172 22.68 -13.98 -11.61
N GLU D 173 23.91 -14.07 -11.11
CA GLU D 173 24.24 -13.67 -9.74
C GLU D 173 23.80 -12.22 -9.50
N VAL D 174 22.95 -12.01 -8.50
CA VAL D 174 22.34 -10.70 -8.21
C VAL D 174 21.87 -10.02 -9.51
N GLY D 175 21.16 -10.77 -10.35
CA GLY D 175 20.99 -10.41 -11.75
C GLY D 175 19.83 -9.47 -12.04
N ARG D 176 19.18 -8.97 -10.99
CA ARG D 176 17.98 -8.12 -11.15
C ARG D 176 16.92 -8.78 -12.05
N GLY D 177 16.74 -10.09 -11.89
CA GLY D 177 15.76 -10.82 -12.67
C GLY D 177 16.23 -11.32 -14.03
N ARG D 178 17.44 -10.93 -14.46
CA ARG D 178 17.97 -11.33 -15.77
C ARG D 178 18.65 -12.68 -15.65
N ASP D 179 18.43 -13.58 -16.61
CA ASP D 179 19.10 -14.88 -16.64
C ASP D 179 20.54 -14.68 -17.11
N GLU D 180 21.39 -15.67 -16.90
CA GLU D 180 22.78 -15.57 -17.38
C GLU D 180 22.77 -15.34 -18.90
N TRP D 181 21.94 -16.10 -19.60
CA TRP D 181 21.61 -15.81 -21.00
C TRP D 181 20.19 -16.29 -21.26
N PRO D 182 19.55 -15.83 -22.34
CA PRO D 182 18.15 -16.21 -22.52
C PRO D 182 17.89 -17.71 -22.60
N GLY D 183 17.02 -18.21 -21.73
CA GLY D 183 16.67 -19.62 -21.73
C GLY D 183 17.58 -20.54 -20.94
N ARG D 184 18.65 -20.02 -20.33
CA ARG D 184 19.58 -20.93 -19.65
C ARG D 184 18.91 -21.69 -18.52
N THR D 185 18.18 -20.97 -17.67
CA THR D 185 17.56 -21.61 -16.49
C THR D 185 16.45 -22.59 -16.90
N GLU D 186 15.65 -22.18 -17.88
CA GLU D 186 14.60 -23.04 -18.43
C GLU D 186 15.15 -24.36 -18.93
N GLU D 187 16.39 -24.33 -19.42
CA GLU D 187 17.01 -25.52 -20.00
C GLU D 187 17.68 -26.37 -18.94
N ILE D 188 18.39 -25.72 -18.01
CA ILE D 188 19.20 -26.47 -17.06
C ILE D 188 18.36 -27.35 -16.12
N VAL D 189 17.15 -26.93 -15.78
CA VAL D 189 16.32 -27.68 -14.82
C VAL D 189 15.94 -29.09 -15.37
N PRO D 190 15.18 -29.14 -16.49
CA PRO D 190 14.92 -30.43 -17.16
C PRO D 190 16.19 -31.19 -17.56
N THR D 191 17.22 -30.49 -18.02
CA THR D 191 18.46 -31.18 -18.44
C THR D 191 19.07 -31.99 -17.30
N ARG D 193 17.67 -33.19 -14.57
CA ARG D 193 16.88 -34.37 -14.21
C ARG D 193 16.97 -35.45 -15.29
N ARG D 194 16.81 -35.04 -16.55
CA ARG D 194 16.91 -35.98 -17.68
C ARG D 194 18.23 -36.72 -17.62
N GLU D 195 19.31 -35.97 -17.49
CA GLU D 195 20.66 -36.54 -17.61
C GLU D 195 21.18 -37.28 -16.42
N GLY D 197 19.26 -38.78 -14.17
CA GLY D 197 18.33 -39.86 -13.86
C GLY D 197 17.48 -39.53 -12.65
N ASP D 198 16.62 -40.47 -12.27
CA ASP D 198 15.57 -40.16 -11.31
C ASP D 198 15.90 -40.25 -9.83
N SER D 199 17.07 -40.79 -9.51
CA SER D 199 17.42 -40.96 -8.09
C SER D 199 18.36 -39.90 -7.52
N ALA D 200 19.03 -39.15 -8.38
CA ALA D 200 19.99 -38.14 -7.90
C ALA D 200 19.24 -37.05 -7.17
N ALA D 201 19.78 -36.60 -6.02
CA ALA D 201 19.29 -35.36 -5.39
C ALA D 201 19.77 -34.14 -6.19
N LEU D 202 18.86 -33.26 -6.59
CA LEU D 202 19.23 -32.07 -7.40
C LEU D 202 18.89 -30.78 -6.67
N LEU D 203 19.89 -29.91 -6.59
CA LEU D 203 19.79 -28.66 -5.87
C LEU D 203 20.05 -27.53 -6.86
N ILE D 204 19.51 -26.35 -6.58
CA ILE D 204 19.84 -25.19 -7.45
C ILE D 204 19.98 -23.95 -6.56
N ASP D 205 20.83 -23.01 -7.00
CA ASP D 205 21.07 -21.75 -6.29
C ASP D 205 20.92 -20.61 -7.30
N ALA D 206 20.04 -19.65 -6.98
CA ALA D 206 19.77 -18.49 -7.84
C ALA D 206 20.53 -17.25 -7.40
N ASN D 207 21.34 -17.34 -6.33
CA ASN D 207 22.15 -16.21 -5.84
C ASN D 207 21.47 -14.84 -5.98
N SER D 208 20.30 -14.72 -5.36
CA SER D 208 19.62 -13.43 -5.18
C SER D 208 19.12 -12.79 -6.47
N CYS D 209 18.91 -13.60 -7.51
CA CYS D 209 18.52 -13.05 -8.82
C CYS D 209 17.07 -12.50 -8.91
N TYR D 210 16.12 -13.26 -8.39
CA TYR D 210 14.73 -13.08 -8.80
C TYR D 210 13.84 -12.28 -7.86
N ALA D 211 12.84 -11.60 -8.41
CA ALA D 211 11.71 -11.14 -7.59
C ALA D 211 10.80 -12.33 -7.28
N PRO D 212 9.97 -12.25 -6.22
CA PRO D 212 9.21 -13.48 -5.88
C PRO D 212 8.34 -14.08 -6.99
N ALA D 213 7.66 -13.25 -7.78
CA ALA D 213 6.75 -13.83 -8.80
C ALA D 213 7.53 -14.73 -9.79
N GLN D 214 8.68 -14.28 -10.27
CA GLN D 214 9.55 -15.10 -11.11
C GLN D 214 10.12 -16.31 -10.36
N ALA D 215 10.57 -16.11 -9.11
CA ALA D 215 11.13 -17.21 -8.35
C ALA D 215 10.09 -18.30 -8.11
N ILE D 216 8.82 -17.88 -7.94
CA ILE D 216 7.74 -18.84 -7.74
C ILE D 216 7.52 -19.64 -9.04
N GLU D 217 7.49 -18.96 -10.19
CA GLU D 217 7.45 -19.65 -11.51
C GLU D 217 8.58 -20.70 -11.64
N LEU D 218 9.81 -20.30 -11.32
CA LEU D 218 10.95 -21.22 -11.31
C LEU D 218 10.75 -22.40 -10.32
N GLY D 219 10.29 -22.09 -9.11
CA GLY D 219 9.97 -23.13 -8.12
C GLY D 219 9.05 -24.23 -8.65
N LYS D 220 8.04 -23.83 -9.43
CA LYS D 220 7.05 -24.80 -9.95
C LYS D 220 7.75 -25.72 -10.95
N LEU D 221 8.62 -25.13 -11.77
CA LEU D 221 9.46 -25.92 -12.70
C LEU D 221 10.38 -26.87 -11.96
N LEU D 222 10.99 -26.38 -10.87
CA LEU D 222 11.88 -27.22 -10.06
C LEU D 222 11.11 -28.39 -9.47
N GLN D 223 9.91 -28.11 -8.97
CA GLN D 223 9.05 -29.15 -8.41
C GLN D 223 8.70 -30.18 -9.50
N ASP D 224 8.35 -29.72 -10.69
CA ASP D 224 7.99 -30.62 -11.80
C ASP D 224 9.13 -31.57 -12.16
N HIS D 225 10.39 -31.15 -11.93
CA HIS D 225 11.56 -31.98 -12.23
C HIS D 225 12.26 -32.56 -11.01
N GLY D 226 11.56 -32.53 -9.89
CA GLY D 226 12.02 -33.27 -8.71
C GLY D 226 13.28 -32.71 -8.03
N PHE D 227 13.56 -31.43 -8.23
CA PHE D 227 14.61 -30.76 -7.45
C PHE D 227 14.13 -30.66 -6.01
N SER D 228 15.05 -30.61 -5.03
CA SER D 228 14.64 -30.66 -3.64
C SER D 228 15.26 -29.56 -2.77
N HIS D 229 15.90 -28.58 -3.40
CA HIS D 229 16.58 -27.49 -2.70
C HIS D 229 16.65 -26.29 -3.65
N PHE D 230 16.04 -25.17 -3.24
CA PHE D 230 15.97 -23.94 -4.04
C PHE D 230 16.60 -22.86 -3.20
N GLU D 231 17.84 -22.54 -3.50
CA GLU D 231 18.62 -21.66 -2.63
C GLU D 231 18.58 -20.20 -3.09
N GLU D 232 18.43 -19.28 -2.14
CA GLU D 232 18.55 -17.81 -2.39
C GLU D 232 17.78 -17.36 -3.63
N PRO D 233 16.49 -17.64 -3.64
CA PRO D 233 15.69 -17.27 -4.82
C PRO D 233 15.70 -15.75 -5.08
N CYS D 234 15.77 -14.98 -4.00
CA CYS D 234 15.56 -13.52 -4.04
C CYS D 234 16.70 -12.80 -3.33
N PRO D 235 16.85 -11.48 -3.57
CA PRO D 235 17.84 -10.70 -2.86
C PRO D 235 17.86 -11.05 -1.39
N TYR D 236 19.00 -11.53 -0.89
CA TYR D 236 19.05 -12.11 0.45
C TYR D 236 18.69 -11.12 1.55
N TRP D 237 18.82 -9.82 1.26
CA TRP D 237 18.64 -8.75 2.24
C TRP D 237 17.16 -8.31 2.30
N GLU D 238 16.31 -8.96 1.49
CA GLU D 238 14.88 -8.67 1.48
C GLU D 238 14.14 -9.90 1.98
N LEU D 239 14.17 -10.09 3.30
CA LEU D 239 13.61 -11.32 3.91
C LEU D 239 12.15 -11.60 3.55
N GLU D 240 11.33 -10.56 3.40
CA GLU D 240 9.92 -10.81 3.06
C GLU D 240 9.75 -11.42 1.69
N GLN D 241 10.69 -11.13 0.79
CA GLN D 241 10.60 -11.70 -0.58
C GLN D 241 10.83 -13.19 -0.48
N THR D 242 11.92 -13.57 0.20
CA THR D 242 12.23 -14.98 0.38
C THR D 242 11.10 -15.75 1.08
N LYS D 243 10.55 -15.18 2.16
CA LYS D 243 9.39 -15.78 2.82
C LYS D 243 8.19 -15.97 1.86
N GLU D 244 7.90 -14.98 1.01
CA GLU D 244 6.81 -15.14 0.06
C GLU D 244 7.04 -16.39 -0.83
N VAL D 245 8.29 -16.60 -1.25
CA VAL D 245 8.62 -17.74 -2.09
C VAL D 245 8.47 -19.07 -1.33
N SER D 246 9.00 -19.12 -0.11
CA SER D 246 8.85 -20.28 0.79
C SER D 246 7.37 -20.65 0.99
N GLU D 247 6.54 -19.64 1.29
CA GLU D 247 5.12 -19.84 1.54
C GLU D 247 4.41 -20.45 0.35
N ALA D 248 4.80 -20.06 -0.87
CA ALA D 248 4.11 -20.49 -2.08
C ALA D 248 4.60 -21.84 -2.61
N LEU D 249 5.76 -22.30 -2.14
CA LEU D 249 6.36 -23.50 -2.71
C LEU D 249 6.43 -24.63 -1.69
N ASP D 250 6.29 -25.85 -2.18
CA ASP D 250 6.58 -27.08 -1.41
C ASP D 250 8.06 -27.47 -1.40
N ILE D 251 8.78 -27.17 -2.48
CA ILE D 251 10.25 -27.37 -2.45
C ILE D 251 10.93 -26.52 -1.34
N ASP D 252 11.93 -27.08 -0.65
CA ASP D 252 12.68 -26.36 0.36
C ASP D 252 13.34 -25.17 -0.27
N VAL D 253 13.11 -24.02 0.36
CA VAL D 253 13.76 -22.76 -0.02
C VAL D 253 14.79 -22.50 1.06
N THR D 254 16.01 -22.20 0.63
CA THR D 254 17.11 -22.17 1.57
C THR D 254 17.88 -20.82 1.47
N GLY D 255 18.59 -20.44 2.53
CA GLY D 255 19.39 -19.22 2.47
C GLY D 255 20.15 -18.91 3.76
N GLY D 256 20.94 -17.85 3.70
CA GLY D 256 21.56 -17.29 4.87
C GLY D 256 23.06 -17.12 4.75
N GLU D 257 23.66 -17.53 3.63
CA GLU D 257 25.12 -17.54 3.58
C GLU D 257 25.83 -16.18 3.77
N GLN D 258 25.21 -15.09 3.31
CA GLN D 258 25.78 -13.75 3.51
C GLN D 258 25.32 -13.10 4.81
N ASP D 259 24.51 -13.80 5.59
CA ASP D 259 24.02 -13.19 6.85
C ASP D 259 25.02 -13.31 7.98
N CYS D 260 25.52 -12.16 8.44
CA CYS D 260 26.53 -12.18 9.49
C CYS D 260 26.06 -11.57 10.79
N ASP D 261 24.83 -11.07 10.81
CA ASP D 261 24.27 -10.30 11.94
C ASP D 261 23.31 -11.22 12.71
N LEU D 262 23.58 -11.44 13.99
CA LEU D 262 22.76 -12.35 14.81
C LEU D 262 21.31 -11.87 14.99
N THR D 263 21.13 -10.55 14.98
CA THR D 263 19.78 -9.97 15.04
C THR D 263 18.95 -10.31 13.76
N THR D 264 19.60 -10.22 12.60
CA THR D 264 18.99 -10.65 11.33
C THR D 264 18.64 -12.13 11.33
N TRP D 265 19.57 -12.94 11.80
CA TRP D 265 19.32 -14.37 11.96
C TRP D 265 18.06 -14.62 12.83
N ARG D 266 17.97 -13.93 13.96
CA ARG D 266 16.82 -14.10 14.84
C ARG D 266 15.52 -13.75 14.09
N ARG D 267 15.52 -12.65 13.35
CA ARG D 267 14.37 -12.26 12.53
C ARG D 267 14.02 -13.27 11.44
N ILE D 269 14.65 -16.45 11.31
CA ILE D 269 14.25 -17.72 11.89
C ILE D 269 12.89 -17.59 12.55
N ASP D 270 12.71 -16.53 13.34
CA ASP D 270 11.37 -16.28 13.93
C ASP D 270 10.25 -16.16 12.91
N ARG D 272 10.38 -17.59 10.01
CA ARG D 272 10.50 -18.80 9.19
C ARG D 272 10.59 -18.43 7.69
N ALA D 273 11.50 -17.51 7.35
CA ALA D 273 11.63 -17.08 5.96
C ALA D 273 12.09 -18.20 5.03
N VAL D 274 12.89 -19.12 5.58
CA VAL D 274 13.46 -20.24 4.82
C VAL D 274 13.15 -21.57 5.52
N ASP D 275 13.25 -22.65 4.76
CA ASP D 275 13.03 -24.00 5.28
C ASP D 275 14.32 -24.63 5.77
N VAL D 276 15.46 -24.16 5.25
CA VAL D 276 16.78 -24.70 5.61
C VAL D 276 17.69 -23.49 5.77
N VAL D 277 18.39 -23.42 6.88
CA VAL D 277 19.32 -22.29 7.12
C VAL D 277 20.76 -22.62 6.68
N GLN D 278 21.45 -21.63 6.13
CA GLN D 278 22.76 -21.89 5.52
C GLN D 278 23.81 -20.87 5.90
N PRO D 279 24.14 -20.80 7.19
CA PRO D 279 25.23 -19.91 7.62
C PRO D 279 26.55 -20.33 6.99
N ASP D 280 27.45 -19.36 6.81
CA ASP D 280 28.82 -19.65 6.45
C ASP D 280 29.61 -19.43 7.73
N ILE D 281 30.26 -20.47 8.23
CA ILE D 281 31.00 -20.38 9.49
C ILE D 281 31.94 -19.17 9.58
N LEU D 282 32.68 -18.91 8.49
CA LEU D 282 33.61 -17.80 8.53
C LEU D 282 32.96 -16.43 8.25
N TYR D 283 31.98 -16.34 7.36
CA TYR D 283 31.29 -15.03 7.20
C TYR D 283 30.57 -14.60 8.48
N LEU D 284 30.02 -15.59 9.20
CA LEU D 284 29.21 -15.34 10.40
C LEU D 284 30.04 -15.01 11.62
N GLY D 285 31.32 -15.34 11.61
CA GLY D 285 32.16 -14.96 12.73
C GLY D 285 32.62 -16.13 13.61
N GLY D 286 32.48 -17.35 13.10
CA GLY D 286 33.15 -18.51 13.71
C GLY D 286 32.20 -19.59 14.23
N ILE D 287 32.79 -20.60 14.87
CA ILE D 287 32.04 -21.72 15.43
C ILE D 287 31.01 -21.34 16.51
N CYS D 288 31.44 -20.57 17.50
CA CYS D 288 30.56 -20.21 18.60
C CYS D 288 29.30 -19.54 18.06
N ARG D 289 29.47 -18.59 17.14
CA ARG D 289 28.34 -17.80 16.61
C ARG D 289 27.51 -18.67 15.68
N THR D 290 28.16 -19.56 14.93
CA THR D 290 27.42 -20.50 14.09
C THR D 290 26.55 -21.45 14.93
N LEU D 291 27.09 -21.87 16.08
CA LEU D 291 26.35 -22.71 17.01
C LEU D 291 25.14 -21.97 17.56
N ARG D 292 25.29 -20.67 17.78
CA ARG D 292 24.15 -19.85 18.21
C ARG D 292 23.02 -19.87 17.18
N VAL D 293 23.38 -19.72 15.91
CA VAL D 293 22.40 -19.79 14.81
C VAL D 293 21.81 -21.20 14.71
N ALA D 294 22.65 -22.23 14.82
CA ALA D 294 22.16 -23.61 14.76
C ALA D 294 21.17 -23.90 15.87
N ARG D 295 21.40 -23.33 17.05
CA ARG D 295 20.50 -23.59 18.19
C ARG D 295 19.18 -22.84 18.01
N ALA D 297 17.91 -22.29 15.09
CA ALA D 297 17.28 -23.13 14.09
C ALA D 297 16.70 -24.39 14.71
N GLU D 298 17.44 -24.99 15.62
CA GLU D 298 17.02 -26.21 16.29
C GLU D 298 15.66 -26.01 16.99
N ALA D 299 15.57 -24.94 17.76
CA ALA D 299 14.32 -24.59 18.47
C ALA D 299 13.18 -24.27 17.51
N ALA D 300 13.53 -23.79 16.32
CA ALA D 300 12.55 -23.50 15.29
C ALA D 300 12.25 -24.69 14.39
N ALA D 301 12.84 -25.85 14.70
CA ALA D 301 12.69 -27.08 13.90
C ALA D 301 13.21 -26.95 12.47
N LEU D 302 14.29 -26.21 12.28
CA LEU D 302 14.92 -26.02 10.99
C LEU D 302 16.30 -26.69 10.95
N PRO D 303 16.59 -27.46 9.89
CA PRO D 303 17.93 -28.01 9.72
C PRO D 303 18.91 -26.95 9.22
N VAL D 304 20.19 -27.26 9.38
CA VAL D 304 21.29 -26.36 9.11
C VAL D 304 22.17 -27.02 8.07
N THR D 305 22.27 -26.37 6.90
CA THR D 305 23.10 -26.91 5.81
C THR D 305 24.06 -25.77 5.41
N PRO D 306 25.23 -25.70 6.06
CA PRO D 306 26.06 -24.51 5.88
C PRO D 306 26.63 -24.33 4.47
N HIS D 307 27.02 -23.10 4.18
CA HIS D 307 27.66 -22.75 2.93
C HIS D 307 29.17 -22.94 3.07
N CYS D 308 29.75 -23.61 2.08
CA CYS D 308 31.20 -23.61 1.96
C CYS D 308 31.53 -23.56 0.51
N ALA D 309 32.11 -22.45 0.11
CA ALA D 309 32.24 -22.12 -1.30
C ALA D 309 33.55 -22.56 -1.95
N ASN D 310 34.51 -23.04 -1.15
CA ASN D 310 35.80 -23.46 -1.68
C ASN D 310 36.46 -24.44 -0.71
N LEU D 311 37.61 -24.97 -1.13
CA LEU D 311 38.30 -25.94 -0.29
C LEU D 311 39.44 -25.32 0.49
N SER D 312 39.24 -24.07 0.95
CA SER D 312 40.03 -23.58 2.05
C SER D 312 39.48 -24.38 3.25
N LEU D 313 39.82 -23.99 4.48
CA LEU D 313 39.33 -24.73 5.65
C LEU D 313 37.83 -24.57 5.98
N VAL D 314 37.15 -23.63 5.30
CA VAL D 314 35.69 -23.47 5.58
C VAL D 314 34.95 -24.81 5.40
N THR D 315 35.34 -25.61 4.40
CA THR D 315 34.73 -26.91 4.15
C THR D 315 34.97 -27.88 5.29
N LEU D 316 36.22 -27.99 5.75
CA LEU D 316 36.53 -28.81 6.95
C LEU D 316 35.85 -28.36 8.21
N PHE D 317 35.80 -27.05 8.46
CA PHE D 317 35.09 -26.55 9.64
C PHE D 317 33.65 -27.00 9.60
N THR D 318 33.04 -26.94 8.41
CA THR D 318 31.63 -27.33 8.21
C THR D 318 31.44 -28.86 8.42
N HIS D 320 33.08 -30.78 10.51
CA HIS D 320 33.10 -30.97 11.98
C HIS D 320 31.73 -30.56 12.60
N LEU D 321 31.25 -29.37 12.25
CA LEU D 321 29.93 -28.93 12.67
C LEU D 321 28.83 -29.93 12.32
N LEU D 322 28.78 -30.36 11.07
CA LEU D 322 27.79 -31.33 10.60
C LEU D 322 27.84 -32.70 11.31
N ARG D 323 29.02 -33.07 11.82
CA ARG D 323 29.15 -34.30 12.63
C ARG D 323 28.67 -34.10 14.08
N ALA D 324 28.30 -32.88 14.46
CA ALA D 324 28.00 -32.61 15.87
C ALA D 324 26.60 -32.06 16.16
N ILE D 325 26.05 -31.21 15.28
CA ILE D 325 24.77 -30.56 15.63
C ILE D 325 23.60 -31.52 15.42
N PRO D 326 22.60 -31.49 16.34
CA PRO D 326 21.49 -32.46 16.23
C PRO D 326 20.60 -32.18 15.02
N ASN D 327 20.55 -30.92 14.56
CA ASN D 327 19.72 -30.54 13.40
C ASN D 327 20.55 -30.30 12.11
N ALA D 328 21.55 -31.14 11.88
CA ALA D 328 22.31 -31.06 10.65
C ALA D 328 21.40 -31.36 9.47
N GLY D 329 21.60 -30.63 8.38
CA GLY D 329 20.88 -30.93 7.16
C GLY D 329 21.48 -32.11 6.40
N LYS D 330 21.11 -32.22 5.14
CA LYS D 330 21.30 -33.47 4.40
C LYS D 330 22.73 -33.72 3.93
N TYR D 331 23.53 -32.67 3.81
CA TYR D 331 24.82 -32.84 3.12
C TYR D 331 25.73 -31.61 3.21
N LEU D 332 27.02 -31.88 2.96
CA LEU D 332 28.10 -30.90 2.95
C LEU D 332 28.22 -30.32 1.55
N GLU D 333 28.24 -28.97 1.44
CA GLU D 333 28.55 -28.32 0.16
C GLU D 333 30.01 -28.59 -0.21
N PHE D 334 30.23 -29.21 -1.36
CA PHE D 334 31.59 -29.57 -1.75
C PHE D 334 31.91 -29.04 -3.16
N SER D 335 32.69 -27.98 -3.25
CA SER D 335 33.03 -27.38 -4.55
C SER D 335 33.78 -28.35 -5.46
N ILE D 336 33.24 -28.56 -6.66
CA ILE D 336 33.87 -29.45 -7.64
C ILE D 336 34.62 -28.69 -8.74
N GLU D 337 34.81 -27.38 -8.56
CA GLU D 337 35.53 -26.59 -9.55
C GLU D 337 37.02 -26.95 -9.47
N GLY D 338 37.69 -26.95 -10.60
CA GLY D 338 39.09 -27.38 -10.66
C GLY D 338 40.08 -26.37 -10.09
N GLU D 339 41.35 -26.76 -10.03
CA GLU D 339 42.43 -25.78 -9.93
C GLU D 339 42.39 -25.14 -11.29
N ASP D 340 42.56 -23.84 -11.31
CA ASP D 340 42.34 -23.00 -12.48
C ASP D 340 41.24 -22.07 -12.00
N TYR D 341 40.23 -22.63 -11.36
CA TYR D 341 39.12 -21.82 -10.84
C TYR D 341 39.57 -21.10 -9.58
N TYR D 342 40.20 -21.86 -8.67
CA TYR D 342 40.70 -21.42 -7.39
C TYR D 342 42.21 -21.70 -7.35
N PRO D 343 43.02 -21.02 -8.20
CA PRO D 343 44.46 -21.38 -8.20
C PRO D 343 45.12 -21.28 -6.81
N TRP D 344 44.66 -20.34 -5.99
CA TRP D 344 45.22 -20.10 -4.66
C TRP D 344 44.98 -21.24 -3.64
N GLN D 345 44.05 -22.15 -3.95
CA GLN D 345 43.66 -23.16 -2.94
C GLN D 345 44.50 -24.41 -2.98
N ASP D 346 45.41 -24.46 -3.95
CA ASP D 346 46.30 -25.60 -4.16
C ASP D 346 47.57 -25.50 -3.29
N GLY D 347 47.89 -26.54 -2.54
CA GLY D 347 49.08 -26.52 -1.68
C GLY D 347 48.93 -25.78 -0.36
N LEU D 348 47.71 -25.65 0.12
CA LEU D 348 47.47 -25.00 1.41
C LEU D 348 47.85 -25.90 2.58
N PHE D 349 47.68 -27.21 2.43
CA PHE D 349 47.74 -28.11 3.56
C PHE D 349 48.76 -29.22 3.36
N VAL D 350 49.30 -29.71 4.47
CA VAL D 350 50.28 -30.80 4.44
C VAL D 350 49.64 -32.07 3.87
N GLU D 351 48.45 -32.39 4.39
CA GLU D 351 47.70 -33.58 4.01
C GLU D 351 46.35 -33.11 3.45
N ASP D 352 45.84 -33.77 2.42
CA ASP D 352 44.51 -33.43 1.88
C ASP D 352 43.37 -33.92 2.80
N PRO D 353 42.58 -33.01 3.42
CA PRO D 353 41.48 -33.48 4.29
C PRO D 353 40.18 -33.73 3.54
N TYR D 354 40.21 -33.57 2.21
CA TYR D 354 39.00 -33.55 1.40
C TYR D 354 38.83 -34.72 0.42
N ARG D 355 39.36 -35.89 0.77
CA ARG D 355 39.18 -37.06 -0.10
C ARG D 355 37.73 -37.50 0.03
N ILE D 356 37.08 -37.71 -1.11
CA ILE D 356 35.68 -38.18 -1.18
C ILE D 356 35.69 -39.68 -1.50
N GLU D 357 34.98 -40.47 -0.70
CA GLU D 357 34.75 -41.89 -1.00
C GLU D 357 33.24 -42.17 -0.99
N ASP D 358 32.72 -42.70 -2.10
CA ASP D 358 31.30 -43.04 -2.22
C ASP D 358 30.41 -41.80 -1.88
N GLY D 359 30.83 -40.62 -2.36
CA GLY D 359 30.03 -39.40 -2.17
C GLY D 359 30.11 -38.79 -0.77
N HIS D 360 31.01 -39.31 0.07
CA HIS D 360 31.15 -38.86 1.45
C HIS D 360 32.54 -38.31 1.77
N ALA D 361 32.56 -37.24 2.56
CA ALA D 361 33.81 -36.74 3.16
C ALA D 361 33.99 -37.37 4.54
N ARG D 362 35.13 -37.14 5.18
CA ARG D 362 35.36 -37.83 6.45
C ARG D 362 36.11 -36.97 7.43
N VAL D 363 35.56 -36.85 8.63
CA VAL D 363 36.28 -36.29 9.74
C VAL D 363 36.98 -37.43 10.47
N THR D 364 38.28 -37.24 10.73
CA THR D 364 39.09 -38.25 11.41
C THR D 364 39.17 -37.98 12.90
N GLU D 365 39.81 -38.89 13.64
CA GLU D 365 39.97 -38.72 15.08
C GLU D 365 41.16 -37.83 15.46
N ALA D 366 41.84 -37.22 14.46
CA ALA D 366 42.94 -36.28 14.76
C ALA D 366 42.46 -35.11 15.61
N PRO D 367 43.27 -34.70 16.60
CA PRO D 367 42.90 -33.60 17.50
C PRO D 367 42.72 -32.26 16.77
N GLY D 368 41.78 -31.47 17.29
CA GLY D 368 41.41 -30.16 16.71
C GLY D 368 40.82 -30.32 15.32
N TRP D 369 41.20 -29.44 14.40
CA TRP D 369 40.76 -29.59 13.01
C TRP D 369 41.39 -30.79 12.31
N GLY D 370 42.52 -31.25 12.82
CA GLY D 370 43.23 -32.39 12.23
C GLY D 370 43.85 -32.05 10.88
N VAL D 371 44.36 -30.82 10.72
CA VAL D 371 45.03 -30.41 9.46
C VAL D 371 46.24 -29.55 9.85
N GLU D 372 47.25 -29.53 8.97
CA GLU D 372 48.43 -28.71 9.19
C GLU D 372 48.61 -27.77 8.01
N ILE D 373 48.87 -26.50 8.27
CA ILE D 373 49.11 -25.59 7.12
C ILE D 373 50.47 -25.92 6.49
N CYS D 374 50.54 -25.99 5.17
CA CYS D 374 51.79 -26.33 4.48
C CYS D 374 52.90 -25.33 4.84
N PRO D 375 54.09 -25.84 5.25
CA PRO D 375 55.13 -24.92 5.74
C PRO D 375 55.67 -24.01 4.65
N GLU D 376 55.63 -24.49 3.41
CA GLU D 376 56.06 -23.72 2.24
C GLU D 376 55.10 -22.56 2.03
N TRP D 377 53.81 -22.81 2.26
CA TRP D 377 52.81 -21.74 2.09
C TRP D 377 53.05 -20.68 3.13
N LEU D 378 53.20 -21.10 4.37
CA LEU D 378 53.45 -20.15 5.45
C LEU D 378 54.71 -19.34 5.20
N ALA D 379 55.75 -20.00 4.68
CA ALA D 379 57.00 -19.31 4.35
C ALA D 379 56.79 -18.11 3.44
N ARG D 380 55.90 -18.26 2.46
CA ARG D 380 55.63 -17.23 1.45
C ARG D 380 54.63 -16.17 1.88
N SER D 381 53.99 -16.40 3.02
CA SER D 381 52.87 -15.57 3.48
C SER D 381 53.31 -14.27 4.16
N ALA D 382 52.36 -13.36 4.29
CA ALA D 382 52.58 -12.10 5.00
C ALA D 382 52.24 -12.33 6.44
N TYR D 383 53.19 -12.02 7.33
CA TYR D 383 53.01 -12.30 8.76
C TYR D 383 52.71 -11.04 9.57
N LYS D 384 51.81 -11.15 10.53
CA LYS D 384 51.57 -10.06 11.48
C LYS D 384 51.26 -10.61 12.85
N VAL D 385 51.71 -9.93 13.90
CA VAL D 385 51.48 -10.44 15.23
C VAL D 385 51.03 -9.36 16.20
N SER D 386 50.09 -9.74 17.07
CA SER D 386 49.67 -8.92 18.19
C SER D 386 49.90 -9.70 19.47
N ARG D 387 50.48 -9.07 20.49
CA ARG D 387 50.72 -9.74 21.77
C ARG D 387 50.06 -8.97 22.90
N ALA D 388 49.75 -9.68 23.98
CA ALA D 388 49.15 -9.08 25.18
C ALA D 388 50.14 -8.19 25.92
#